data_3R2K
# 
_entry.id   3R2K 
# 
_audit_conform.dict_name       mmcif_pdbx.dic 
_audit_conform.dict_version    5.379 
_audit_conform.dict_location   http://mmcif.pdb.org/dictionaries/ascii/mmcif_pdbx.dic 
# 
loop_
_database_2.database_id 
_database_2.database_code 
_database_2.pdbx_database_accession 
_database_2.pdbx_DOI 
PDB   3R2K         pdb_00003r2k 10.2210/pdb3r2k/pdb 
RCSB  RCSB064408   ?            ?                   
WWPDB D_1000064408 ?            ?                   
# 
loop_
_pdbx_database_related.db_name 
_pdbx_database_related.db_id 
_pdbx_database_related.details 
_pdbx_database_related.content_type 
PDB 3R2H . unspecified 
PDB 3R2L . unspecified 
PDB 3R2M . unspecified 
PDB 3R2O . unspecified 
PDB 3R2R . unspecified 
PDB 3R2S . unspecified 
# 
_pdbx_database_status.entry_id                        3R2K 
_pdbx_database_status.status_code                     REL 
_pdbx_database_status.deposit_site                    RCSB 
_pdbx_database_status.process_site                    RCSB 
_pdbx_database_status.recvd_initial_deposition_date   2011-03-14 
_pdbx_database_status.status_code_sf                  REL 
_pdbx_database_status.status_code_mr                  ? 
_pdbx_database_status.SG_entry                        ? 
_pdbx_database_status.status_code_cs                  ? 
_pdbx_database_status.pdb_format_compatible           Y 
_pdbx_database_status.status_code_nmr_data            ? 
_pdbx_database_status.methods_development_category    ? 
# 
loop_
_audit_author.name 
_audit_author.pdbx_ordinal 
'Lovell, S.W.'   1 
'Battaile, K.P.' 2 
'Yao, H.'        3 
'Jepkorir, G.'   4 
'Nama, P.V.'     5 
'Weeratunga, S.' 6 
'Rivera, M.'     7 
# 
_citation.id                        primary 
_citation.title                     
;Two distinct ferritin-like molecules in Pseudomonas aeruginosa: the product of the bfrA gene is a bacterial ferritin (FtnA) and not a bacterioferritin (Bfr).
;
_citation.journal_abbrev            Biochemistry 
_citation.journal_volume            50 
_citation.page_first                5236 
_citation.page_last                 5248 
_citation.year                      2011 
_citation.journal_id_ASTM           BICHAW 
_citation.country                   US 
_citation.journal_id_ISSN           0006-2960 
_citation.journal_id_CSD            0033 
_citation.book_publisher            ? 
_citation.pdbx_database_id_PubMed   21574546 
_citation.pdbx_database_id_DOI      10.1021/bi2004119 
# 
loop_
_citation_author.citation_id 
_citation_author.name 
_citation_author.ordinal 
_citation_author.identifier_ORCID 
primary 'Yao, H.'        1 ? 
primary 'Jepkorir, G.'   2 ? 
primary 'Lovell, S.'     3 ? 
primary 'Nama, P.V.'     4 ? 
primary 'Weeratunga, S.' 5 ? 
primary 'Battaile, K.P.' 6 ? 
primary 'Rivera, M.'     7 ? 
# 
_cell.length_a           172.590 
_cell.length_b           172.590 
_cell.length_c           172.590 
_cell.angle_alpha        90.000 
_cell.angle_beta         90.000 
_cell.angle_gamma        90.000 
_cell.length_a_esd       0.001 
_cell.length_b_esd       0.001 
_cell.length_c_esd       0.001 
_cell.angle_alpha_esd    0.0 
_cell.angle_beta_esd     0.0 
_cell.angle_gamma_esd    0.0 
_cell.entry_id           3R2K 
_cell.pdbx_unique_axis   ? 
_cell.Z_PDB              96 
# 
_symmetry.space_group_name_H-M             'F 4 3 2' 
_symmetry.entry_id                         3R2K 
_symmetry.pdbx_full_space_group_name_H-M   ? 
_symmetry.Int_Tables_number                209 
_symmetry.cell_setting                     ? 
_symmetry.space_group_name_Hall            ? 
# 
loop_
_entity.id 
_entity.type 
_entity.src_method 
_entity.pdbx_description 
_entity.formula_weight 
_entity.pdbx_number_of_molecules 
_entity.pdbx_ec 
_entity.pdbx_mutation 
_entity.pdbx_fragment 
_entity.details 
1 polymer     man Bacterioferritin 17964.350 1   ? ? ? ? 
2 non-polymer syn 'SODIUM ION'     22.990    3   ? ? ? ? 
3 water       nat water            18.015    164 ? ? ? ? 
# 
_entity_name_com.entity_id   1 
_entity_name_com.name        BFR 
# 
_entity_poly.entity_id                      1 
_entity_poly.type                           'polypeptide(L)' 
_entity_poly.nstd_linkage                   no 
_entity_poly.nstd_monomer                   no 
_entity_poly.pdbx_seq_one_letter_code       
;MQGHPEVIDYLNTLLTGELAARDQYFIHSRMYEDWGFSKLYERLNHEMEEETQHADALLRRILLLEGTPRMRPDDIHPGT
TVPEMLEADLKLERHVRAALAKGIALCEQHKDFVSRDILKAQLADTEEDHAYWLEQQLGLIARMGLENYLQSQI
;
_entity_poly.pdbx_seq_one_letter_code_can   
;MQGHPEVIDYLNTLLTGELAARDQYFIHSRMYEDWGFSKLYERLNHEMEEETQHADALLRRILLLEGTPRMRPDDIHPGT
TVPEMLEADLKLERHVRAALAKGIALCEQHKDFVSRDILKAQLADTEEDHAYWLEQQLGLIARMGLENYLQSQI
;
_entity_poly.pdbx_strand_id                 A 
_entity_poly.pdbx_target_identifier         ? 
# 
loop_
_entity_poly_seq.entity_id 
_entity_poly_seq.num 
_entity_poly_seq.mon_id 
_entity_poly_seq.hetero 
1 1   MET n 
1 2   GLN n 
1 3   GLY n 
1 4   HIS n 
1 5   PRO n 
1 6   GLU n 
1 7   VAL n 
1 8   ILE n 
1 9   ASP n 
1 10  TYR n 
1 11  LEU n 
1 12  ASN n 
1 13  THR n 
1 14  LEU n 
1 15  LEU n 
1 16  THR n 
1 17  GLY n 
1 18  GLU n 
1 19  LEU n 
1 20  ALA n 
1 21  ALA n 
1 22  ARG n 
1 23  ASP n 
1 24  GLN n 
1 25  TYR n 
1 26  PHE n 
1 27  ILE n 
1 28  HIS n 
1 29  SER n 
1 30  ARG n 
1 31  MET n 
1 32  TYR n 
1 33  GLU n 
1 34  ASP n 
1 35  TRP n 
1 36  GLY n 
1 37  PHE n 
1 38  SER n 
1 39  LYS n 
1 40  LEU n 
1 41  TYR n 
1 42  GLU n 
1 43  ARG n 
1 44  LEU n 
1 45  ASN n 
1 46  HIS n 
1 47  GLU n 
1 48  MET n 
1 49  GLU n 
1 50  GLU n 
1 51  GLU n 
1 52  THR n 
1 53  GLN n 
1 54  HIS n 
1 55  ALA n 
1 56  ASP n 
1 57  ALA n 
1 58  LEU n 
1 59  LEU n 
1 60  ARG n 
1 61  ARG n 
1 62  ILE n 
1 63  LEU n 
1 64  LEU n 
1 65  LEU n 
1 66  GLU n 
1 67  GLY n 
1 68  THR n 
1 69  PRO n 
1 70  ARG n 
1 71  MET n 
1 72  ARG n 
1 73  PRO n 
1 74  ASP n 
1 75  ASP n 
1 76  ILE n 
1 77  HIS n 
1 78  PRO n 
1 79  GLY n 
1 80  THR n 
1 81  THR n 
1 82  VAL n 
1 83  PRO n 
1 84  GLU n 
1 85  MET n 
1 86  LEU n 
1 87  GLU n 
1 88  ALA n 
1 89  ASP n 
1 90  LEU n 
1 91  LYS n 
1 92  LEU n 
1 93  GLU n 
1 94  ARG n 
1 95  HIS n 
1 96  VAL n 
1 97  ARG n 
1 98  ALA n 
1 99  ALA n 
1 100 LEU n 
1 101 ALA n 
1 102 LYS n 
1 103 GLY n 
1 104 ILE n 
1 105 ALA n 
1 106 LEU n 
1 107 CYS n 
1 108 GLU n 
1 109 GLN n 
1 110 HIS n 
1 111 LYS n 
1 112 ASP n 
1 113 PHE n 
1 114 VAL n 
1 115 SER n 
1 116 ARG n 
1 117 ASP n 
1 118 ILE n 
1 119 LEU n 
1 120 LYS n 
1 121 ALA n 
1 122 GLN n 
1 123 LEU n 
1 124 ALA n 
1 125 ASP n 
1 126 THR n 
1 127 GLU n 
1 128 GLU n 
1 129 ASP n 
1 130 HIS n 
1 131 ALA n 
1 132 TYR n 
1 133 TRP n 
1 134 LEU n 
1 135 GLU n 
1 136 GLN n 
1 137 GLN n 
1 138 LEU n 
1 139 GLY n 
1 140 LEU n 
1 141 ILE n 
1 142 ALA n 
1 143 ARG n 
1 144 MET n 
1 145 GLY n 
1 146 LEU n 
1 147 GLU n 
1 148 ASN n 
1 149 TYR n 
1 150 LEU n 
1 151 GLN n 
1 152 SER n 
1 153 GLN n 
1 154 ILE n 
# 
_entity_src_gen.entity_id                          1 
_entity_src_gen.pdbx_src_id                        1 
_entity_src_gen.pdbx_alt_source_flag               sample 
_entity_src_gen.pdbx_seq_type                      ? 
_entity_src_gen.pdbx_beg_seq_num                   ? 
_entity_src_gen.pdbx_end_seq_num                   ? 
_entity_src_gen.gene_src_common_name               ? 
_entity_src_gen.gene_src_genus                     ? 
_entity_src_gen.pdbx_gene_src_gene                 'bfr, bfrA, PA4235' 
_entity_src_gen.gene_src_species                   ? 
_entity_src_gen.gene_src_strain                    PAO1 
_entity_src_gen.gene_src_tissue                    ? 
_entity_src_gen.gene_src_tissue_fraction           ? 
_entity_src_gen.gene_src_details                   ? 
_entity_src_gen.pdbx_gene_src_fragment             ? 
_entity_src_gen.pdbx_gene_src_scientific_name      'Pseudomonas aeruginosa' 
_entity_src_gen.pdbx_gene_src_ncbi_taxonomy_id     287 
_entity_src_gen.pdbx_gene_src_variant              ? 
_entity_src_gen.pdbx_gene_src_cell_line            ? 
_entity_src_gen.pdbx_gene_src_atcc                 ? 
_entity_src_gen.pdbx_gene_src_organ                ? 
_entity_src_gen.pdbx_gene_src_organelle            ? 
_entity_src_gen.pdbx_gene_src_cell                 ? 
_entity_src_gen.pdbx_gene_src_cellular_location    ? 
_entity_src_gen.host_org_common_name               ? 
_entity_src_gen.pdbx_host_org_scientific_name      'Escherichia coli' 
_entity_src_gen.pdbx_host_org_ncbi_taxonomy_id     562 
_entity_src_gen.host_org_genus                     ? 
_entity_src_gen.pdbx_host_org_gene                 ? 
_entity_src_gen.pdbx_host_org_organ                ? 
_entity_src_gen.host_org_species                   ? 
_entity_src_gen.pdbx_host_org_tissue               ? 
_entity_src_gen.pdbx_host_org_tissue_fraction      ? 
_entity_src_gen.pdbx_host_org_strain               'BL21(DE3) Gold' 
_entity_src_gen.pdbx_host_org_variant              ? 
_entity_src_gen.pdbx_host_org_cell_line            ? 
_entity_src_gen.pdbx_host_org_atcc                 ? 
_entity_src_gen.pdbx_host_org_culture_collection   ? 
_entity_src_gen.pdbx_host_org_cell                 ? 
_entity_src_gen.pdbx_host_org_organelle            ? 
_entity_src_gen.pdbx_host_org_cellular_location    ? 
_entity_src_gen.pdbx_host_org_vector_type          plasmid 
_entity_src_gen.pdbx_host_org_vector               ? 
_entity_src_gen.host_org_details                   ? 
_entity_src_gen.expression_system_id               ? 
_entity_src_gen.plasmid_name                       pET11a 
_entity_src_gen.plasmid_details                    ? 
_entity_src_gen.pdbx_description                   ? 
# 
_struct_ref.id                         1 
_struct_ref.db_name                    UNP 
_struct_ref.db_code                    BFR_PSEAE 
_struct_ref.pdbx_db_accession          Q9HWF9 
_struct_ref.entity_id                  1 
_struct_ref.pdbx_seq_one_letter_code   
;MQGHPEVIDYLNTLLTGELAARDQYFIHSRMYEDWGFSKLYERLNHEMEEETQHADALLRRILLLEGTPRMRPDDIHPGT
TVPEMLEADLKLERHVRAALAKGIALCEQHKDFVSRDILKAQLADTEEDHAYWLEQQLGLIARMGLENYLQSQI
;
_struct_ref.pdbx_align_begin           1 
_struct_ref.pdbx_db_isoform            ? 
# 
_struct_ref_seq.align_id                      1 
_struct_ref_seq.ref_id                        1 
_struct_ref_seq.pdbx_PDB_id_code              3R2K 
_struct_ref_seq.pdbx_strand_id                A 
_struct_ref_seq.seq_align_beg                 1 
_struct_ref_seq.pdbx_seq_align_beg_ins_code   ? 
_struct_ref_seq.seq_align_end                 154 
_struct_ref_seq.pdbx_seq_align_end_ins_code   ? 
_struct_ref_seq.pdbx_db_accession             Q9HWF9 
_struct_ref_seq.db_align_beg                  1 
_struct_ref_seq.pdbx_db_align_beg_ins_code    ? 
_struct_ref_seq.db_align_end                  154 
_struct_ref_seq.pdbx_db_align_end_ins_code    ? 
_struct_ref_seq.pdbx_auth_seq_align_beg       1 
_struct_ref_seq.pdbx_auth_seq_align_end       154 
# 
loop_
_chem_comp.id 
_chem_comp.type 
_chem_comp.mon_nstd_flag 
_chem_comp.name 
_chem_comp.pdbx_synonyms 
_chem_comp.formula 
_chem_comp.formula_weight 
ALA 'L-peptide linking' y ALANINE         ? 'C3 H7 N O2'     89.093  
ARG 'L-peptide linking' y ARGININE        ? 'C6 H15 N4 O2 1' 175.209 
ASN 'L-peptide linking' y ASPARAGINE      ? 'C4 H8 N2 O3'    132.118 
ASP 'L-peptide linking' y 'ASPARTIC ACID' ? 'C4 H7 N O4'     133.103 
CYS 'L-peptide linking' y CYSTEINE        ? 'C3 H7 N O2 S'   121.158 
GLN 'L-peptide linking' y GLUTAMINE       ? 'C5 H10 N2 O3'   146.144 
GLU 'L-peptide linking' y 'GLUTAMIC ACID' ? 'C5 H9 N O4'     147.129 
GLY 'peptide linking'   y GLYCINE         ? 'C2 H5 N O2'     75.067  
HIS 'L-peptide linking' y HISTIDINE       ? 'C6 H10 N3 O2 1' 156.162 
HOH non-polymer         . WATER           ? 'H2 O'           18.015  
ILE 'L-peptide linking' y ISOLEUCINE      ? 'C6 H13 N O2'    131.173 
LEU 'L-peptide linking' y LEUCINE         ? 'C6 H13 N O2'    131.173 
LYS 'L-peptide linking' y LYSINE          ? 'C6 H15 N2 O2 1' 147.195 
MET 'L-peptide linking' y METHIONINE      ? 'C5 H11 N O2 S'  149.211 
NA  non-polymer         . 'SODIUM ION'    ? 'Na 1'           22.990  
PHE 'L-peptide linking' y PHENYLALANINE   ? 'C9 H11 N O2'    165.189 
PRO 'L-peptide linking' y PROLINE         ? 'C5 H9 N O2'     115.130 
SER 'L-peptide linking' y SERINE          ? 'C3 H7 N O3'     105.093 
THR 'L-peptide linking' y THREONINE       ? 'C4 H9 N O3'     119.119 
TRP 'L-peptide linking' y TRYPTOPHAN      ? 'C11 H12 N2 O2'  204.225 
TYR 'L-peptide linking' y TYROSINE        ? 'C9 H11 N O3'    181.189 
VAL 'L-peptide linking' y VALINE          ? 'C5 H11 N O2'    117.146 
# 
_exptl.crystals_number   1 
_exptl.entry_id          3R2K 
_exptl.method            'X-RAY DIFFRACTION' 
# 
_exptl_crystal.id                    1 
_exptl_crystal.density_Matthews      2.98 
_exptl_crystal.density_meas          ? 
_exptl_crystal.density_percent_sol   58.74 
_exptl_crystal.description           ? 
_exptl_crystal.F_000                 ? 
_exptl_crystal.preparation           ? 
# 
_exptl_crystal_grow.crystal_id      1 
_exptl_crystal_grow.method          'VAPOR DIFFUSION' 
_exptl_crystal_grow.pH              7.5 
_exptl_crystal_grow.temp            293 
_exptl_crystal_grow.pdbx_details    
'20% (v/v) 1,4-butanediol, 100 mM HEPES, 200 mM NaCl, pH 7.5, vapor diffusion, temperature 293K' 
_exptl_crystal_grow.temp_details    ? 
_exptl_crystal_grow.pdbx_pH_range   ? 
# 
_diffrn.id                     1 
_diffrn.ambient_temp           100 
_diffrn.ambient_temp_details   ? 
_diffrn.crystal_id             1 
# 
_diffrn_detector.diffrn_id              1 
_diffrn_detector.detector               CCD 
_diffrn_detector.type                   'MAR CCD 165 mm' 
_diffrn_detector.pdbx_collection_date   2009-10-28 
_diffrn_detector.details                ? 
# 
_diffrn_radiation.diffrn_id                        1 
_diffrn_radiation.pdbx_diffrn_protocol             'SINGLE WAVELENGTH' 
_diffrn_radiation.monochromator                    ? 
_diffrn_radiation.wavelength_id                    1 
_diffrn_radiation.pdbx_monochromatic_or_laue_m_l   ? 
_diffrn_radiation.pdbx_scattering_type             x-ray 
# 
_diffrn_radiation_wavelength.id           1 
_diffrn_radiation_wavelength.wavelength   1.0000 
_diffrn_radiation_wavelength.wt           1.0 
# 
_diffrn_source.diffrn_id                   1 
_diffrn_source.source                      SYNCHROTRON 
_diffrn_source.type                        'APS BEAMLINE 17-BM' 
_diffrn_source.pdbx_wavelength_list        1.0000 
_diffrn_source.pdbx_wavelength             ? 
_diffrn_source.pdbx_synchrotron_site       APS 
_diffrn_source.pdbx_synchrotron_beamline   17-BM 
# 
_reflns.observed_criterion_sigma_I   -3 
_reflns.observed_criterion_sigma_F   0 
_reflns.d_resolution_low             30.00 
_reflns.d_resolution_high            1.55 
_reflns.number_obs                   31980 
_reflns.number_all                   ? 
_reflns.percent_possible_obs         99.4 
_reflns.pdbx_Rmerge_I_obs            0.058 
_reflns.pdbx_Rsym_value              0.058 
_reflns.pdbx_netI_over_sigmaI        42.885 
_reflns.pdbx_redundancy              14.6 
_reflns.entry_id                     3R2K 
_reflns.B_iso_Wilson_estimate        ? 
_reflns.R_free_details               ? 
_reflns.limit_h_max                  ? 
_reflns.limit_h_min                  ? 
_reflns.limit_k_max                  ? 
_reflns.limit_k_min                  ? 
_reflns.limit_l_max                  ? 
_reflns.limit_l_min                  ? 
_reflns.observed_criterion_F_max     ? 
_reflns.observed_criterion_F_min     ? 
_reflns.pdbx_chi_squared             ? 
_reflns.pdbx_scaling_rejects         ? 
_reflns.pdbx_ordinal                 1 
_reflns.pdbx_diffrn_id               1 
# 
_reflns_shell.d_res_high             1.55 
_reflns_shell.d_res_low              1.61 
_reflns_shell.percent_possible_all   99.8 
_reflns_shell.Rmerge_I_obs           0.724 
_reflns_shell.pdbx_Rsym_value        0.724 
_reflns_shell.meanI_over_sigI_obs    2.717 
_reflns_shell.pdbx_redundancy        14.7 
_reflns_shell.percent_possible_obs   ? 
_reflns_shell.number_unique_all      ? 
_reflns_shell.number_measured_all    ? 
_reflns_shell.number_measured_obs    ? 
_reflns_shell.number_unique_obs      ? 
_reflns_shell.pdbx_chi_squared       ? 
_reflns_shell.pdbx_ordinal           1 
_reflns_shell.pdbx_diffrn_id         1 
# 
_refine.entry_id                                 3R2K 
_refine.ls_d_res_high                            1.5500 
_refine.ls_d_res_low                             24.1670 
_refine.pdbx_ls_sigma_F                          1.330 
_refine.pdbx_data_cutoff_high_absF               ? 
_refine.pdbx_data_cutoff_low_absF                ? 
_refine.ls_percent_reflns_obs                    98.3300 
_refine.ls_number_reflns_obs                     31971 
_refine.ls_number_reflns_all                     31971 
_refine.pdbx_ls_cross_valid_method               THROUGHOUT 
_refine.pdbx_R_Free_selection_details            RANDOM 
_refine.details                                  ? 
_refine.ls_R_factor_all                          ? 
_refine.ls_R_factor_obs                          0.1817 
_refine.ls_R_factor_R_work                       0.1803 
_refine.ls_wR_factor_R_work                      ? 
_refine.ls_R_factor_R_free                       0.2060 
_refine.ls_wR_factor_R_free                      ? 
_refine.ls_percent_reflns_R_free                 5.0500 
_refine.ls_number_reflns_R_free                  1615 
_refine.ls_R_factor_R_free_error                 ? 
_refine.B_iso_mean                               17.5798 
_refine.solvent_model_param_bsol                 40.0000 
_refine.solvent_model_param_ksol                 0.4300 
_refine.pdbx_isotropic_thermal_model             ? 
_refine.aniso_B[1][1]                            4.1371 
_refine.aniso_B[2][2]                            4.1371 
_refine.aniso_B[3][3]                            4.1371 
_refine.aniso_B[1][2]                            0.0000 
_refine.aniso_B[1][3]                            0.0000 
_refine.aniso_B[2][3]                            -0.0000 
_refine.correlation_coeff_Fo_to_Fc               ? 
_refine.correlation_coeff_Fo_to_Fc_free          ? 
_refine.overall_SU_R_Cruickshank_DPI             ? 
_refine.overall_SU_R_free                        ? 
_refine.pdbx_overall_ESU_R_Free                  ? 
_refine.overall_SU_ML                            0.1800 
_refine.overall_SU_B                             ? 
_refine.solvent_model_details                    'FLAT BULK SOLVENT MODEL' 
_refine.pdbx_solvent_vdw_probe_radii             1.1100 
_refine.pdbx_solvent_ion_probe_radii             ? 
_refine.pdbx_solvent_shrinkage_radii             0.9000 
_refine.ls_number_parameters                     ? 
_refine.ls_number_restraints                     ? 
_refine.pdbx_starting_model                      'pdb entry 3R2H' 
_refine.pdbx_method_to_determine_struct          'MOLECULAR REPLACEMENT' 
_refine.pdbx_stereochemistry_target_values       ML 
_refine.pdbx_stereochem_target_val_spec_case     ? 
_refine.overall_FOM_work_R_set                   ? 
_refine.B_iso_max                                70.920 
_refine.B_iso_min                                8.470 
_refine.occupancy_max                            1.000 
_refine.occupancy_min                            0.250 
_refine.pdbx_ls_sigma_I                          ? 
_refine.ls_redundancy_reflns_obs                 ? 
_refine.ls_R_factor_R_free_error_details         ? 
_refine.pdbx_data_cutoff_high_rms_absF           ? 
_refine.overall_FOM_free_R_set                   ? 
_refine.pdbx_overall_phase_error                 19.57 
_refine.pdbx_refine_id                           'X-RAY DIFFRACTION' 
_refine.pdbx_overall_ESU_R                       ? 
_refine.pdbx_diffrn_id                           1 
_refine.pdbx_TLS_residual_ADP_flag               ? 
_refine.pdbx_overall_SU_R_free_Cruickshank_DPI   ? 
_refine.pdbx_overall_SU_R_Blow_DPI               ? 
_refine.pdbx_overall_SU_R_free_Blow_DPI          ? 
# 
_refine_hist.pdbx_refine_id                   'X-RAY DIFFRACTION' 
_refine_hist.cycle_id                         LAST 
_refine_hist.pdbx_number_atoms_protein        1261 
_refine_hist.pdbx_number_atoms_nucleic_acid   0 
_refine_hist.pdbx_number_atoms_ligand         3 
_refine_hist.number_atoms_solvent             164 
_refine_hist.number_atoms_total               1428 
_refine_hist.d_res_high                       1.5500 
_refine_hist.d_res_low                        24.1670 
# 
loop_
_refine_ls_restr.type 
_refine_ls_restr.number 
_refine_ls_restr.dev_ideal 
_refine_ls_restr.dev_ideal_target 
_refine_ls_restr.weight 
_refine_ls_restr.pdbx_restraint_function 
_refine_ls_restr.pdbx_refine_id 
f_bond_d           1346 0.020  ? ? ? 'X-RAY DIFFRACTION' 
f_angle_d          1832 1.221  ? ? ? 'X-RAY DIFFRACTION' 
f_chiral_restr     197  0.067  ? ? ? 'X-RAY DIFFRACTION' 
f_plane_restr      242  0.006  ? ? ? 'X-RAY DIFFRACTION' 
f_dihedral_angle_d 519  12.819 ? ? ? 'X-RAY DIFFRACTION' 
# 
loop_
_refine_ls_shell.d_res_high 
_refine_ls_shell.d_res_low 
_refine_ls_shell.pdbx_total_number_of_bins_used 
_refine_ls_shell.percent_reflns_obs 
_refine_ls_shell.number_reflns_R_work 
_refine_ls_shell.R_factor_all 
_refine_ls_shell.R_factor_R_work 
_refine_ls_shell.R_factor_R_free 
_refine_ls_shell.percent_reflns_R_free 
_refine_ls_shell.number_reflns_R_free 
_refine_ls_shell.R_factor_R_free_error 
_refine_ls_shell.number_reflns_all 
_refine_ls_shell.number_reflns_obs 
_refine_ls_shell.redundancy_reflns_obs 
_refine_ls_shell.pdbx_refine_id 
1.5497 1.6050  10 100.0000 3013 . 0.2238 0.2668 . 169 . 3182 . . 'X-RAY DIFFRACTION' 
1.6050 1.6693  10 100.0000 3020 . 0.2085 0.2482 . 163 . 3183 . . 'X-RAY DIFFRACTION' 
1.6693 1.7452  10 99.0000  2993 . 0.2141 0.2499 . 159 . 3152 . . 'X-RAY DIFFRACTION' 
1.7452 1.8372  10 98.0000  2971 . 0.2403 0.2982 . 154 . 3125 . . 'X-RAY DIFFRACTION' 
1.8372 1.9523  10 97.0000  2973 . 0.2249 0.2770 . 140 . 3113 . . 'X-RAY DIFFRACTION' 
1.9523 2.1029  10 100.0000 3068 . 0.1640 0.1969 . 158 . 3226 . . 'X-RAY DIFFRACTION' 
2.1029 2.3144  10 100.0000 3031 . 0.1503 0.1594 . 182 . 3213 . . 'X-RAY DIFFRACTION' 
2.3144 2.6489  10 98.0000  3052 . 0.1659 0.2133 . 160 . 3212 . . 'X-RAY DIFFRACTION' 
2.6489 3.3360  10 98.0000  3071 . 0.1699 0.1846 . 157 . 3228 . . 'X-RAY DIFFRACTION' 
3.3360 24.1704 10 94.0000  3164 . 0.1816 0.2002 . 173 . 3337 . . 'X-RAY DIFFRACTION' 
# 
_struct.entry_id                  3R2K 
_struct.title                     '1.55A resolution structure of As-Isolated FtnA from Pseudomonas aeruginosa (pH 7.5)' 
_struct.pdbx_model_details        ? 
_struct.pdbx_CASP_flag            ? 
_struct.pdbx_model_type_details   ? 
# 
_struct_keywords.entry_id        3R2K 
_struct_keywords.text            
'Bacterial Ferritin, iron binding, iron storage, iron homeostasis, iron release, iron mobilization, METAL BINDING PROTEIN' 
_struct_keywords.pdbx_keywords   'METAL BINDING PROTEIN' 
# 
loop_
_struct_asym.id 
_struct_asym.pdbx_blank_PDB_chainid_flag 
_struct_asym.pdbx_modified 
_struct_asym.entity_id 
_struct_asym.details 
A N N 1 ? 
B N N 2 ? 
C N N 2 ? 
D N N 2 ? 
E N N 3 ? 
# 
_struct_biol.id        1 
_struct_biol.details   ? 
# 
loop_
_struct_conf.conf_type_id 
_struct_conf.id 
_struct_conf.pdbx_PDB_helix_id 
_struct_conf.beg_label_comp_id 
_struct_conf.beg_label_asym_id 
_struct_conf.beg_label_seq_id 
_struct_conf.pdbx_beg_PDB_ins_code 
_struct_conf.end_label_comp_id 
_struct_conf.end_label_asym_id 
_struct_conf.end_label_seq_id 
_struct_conf.pdbx_end_PDB_ins_code 
_struct_conf.beg_auth_comp_id 
_struct_conf.beg_auth_asym_id 
_struct_conf.beg_auth_seq_id 
_struct_conf.end_auth_comp_id 
_struct_conf.end_auth_asym_id 
_struct_conf.end_auth_seq_id 
_struct_conf.pdbx_PDB_helix_class 
_struct_conf.details 
_struct_conf.pdbx_PDB_helix_length 
HELX_P HELX_P1 1 HIS A 4   ? TRP A 35  ? HIS A 4   TRP A 35  1 ? 32 
HELX_P HELX_P2 2 PHE A 37  ? LEU A 65  ? PHE A 37  LEU A 65  1 ? 29 
HELX_P HELX_P3 3 THR A 81  ? HIS A 110 ? THR A 81  HIS A 110 1 ? 30 
HELX_P HELX_P4 4 ASP A 112 ? ASP A 129 ? ASP A 112 ASP A 129 1 ? 18 
HELX_P HELX_P5 5 ASP A 129 ? GLY A 145 ? ASP A 129 GLY A 145 1 ? 17 
HELX_P HELX_P6 6 GLY A 145 ? GLN A 153 ? GLY A 145 GLN A 153 1 ? 9  
# 
_struct_conf_type.id          HELX_P 
_struct_conf_type.criteria    ? 
_struct_conf_type.reference   ? 
# 
loop_
_struct_conn.id 
_struct_conn.conn_type_id 
_struct_conn.pdbx_leaving_atom_flag 
_struct_conn.pdbx_PDB_id 
_struct_conn.ptnr1_label_asym_id 
_struct_conn.ptnr1_label_comp_id 
_struct_conn.ptnr1_label_seq_id 
_struct_conn.ptnr1_label_atom_id 
_struct_conn.pdbx_ptnr1_label_alt_id 
_struct_conn.pdbx_ptnr1_PDB_ins_code 
_struct_conn.pdbx_ptnr1_standard_comp_id 
_struct_conn.ptnr1_symmetry 
_struct_conn.ptnr2_label_asym_id 
_struct_conn.ptnr2_label_comp_id 
_struct_conn.ptnr2_label_seq_id 
_struct_conn.ptnr2_label_atom_id 
_struct_conn.pdbx_ptnr2_label_alt_id 
_struct_conn.pdbx_ptnr2_PDB_ins_code 
_struct_conn.ptnr1_auth_asym_id 
_struct_conn.ptnr1_auth_comp_id 
_struct_conn.ptnr1_auth_seq_id 
_struct_conn.ptnr2_auth_asym_id 
_struct_conn.ptnr2_auth_comp_id 
_struct_conn.ptnr2_auth_seq_id 
_struct_conn.ptnr2_symmetry 
_struct_conn.pdbx_ptnr3_label_atom_id 
_struct_conn.pdbx_ptnr3_label_seq_id 
_struct_conn.pdbx_ptnr3_label_comp_id 
_struct_conn.pdbx_ptnr3_label_asym_id 
_struct_conn.pdbx_ptnr3_label_alt_id 
_struct_conn.pdbx_ptnr3_PDB_ins_code 
_struct_conn.details 
_struct_conn.pdbx_dist_value 
_struct_conn.pdbx_value_order 
_struct_conn.pdbx_role 
metalc1 metalc ? ? A GLU 18  OE1 B ? ? 1_555 B NA  . NA ? ? A GLU 18  A NA  155 1_555 ? ? ? ? ? ? ? 2.500 ? ? 
metalc2 metalc ? ? A GLU 18  OE2 B ? ? 1_555 B NA  . NA ? ? A GLU 18  A NA  155 1_555 ? ? ? ? ? ? ? 3.166 ? ? 
metalc3 metalc ? ? A GLU 51  OE1 ? ? ? 1_555 B NA  . NA ? ? A GLU 51  A NA  155 1_555 ? ? ? ? ? ? ? 2.306 ? ? 
metalc4 metalc ? ? A GLU 51  OE2 ? ? ? 1_555 C NA  . NA ? ? A GLU 51  A NA  156 1_555 ? ? ? ? ? ? ? 1.945 ? ? 
metalc5 metalc ? ? A GLU 93  OE2 ? ? ? 1_555 C NA  . NA ? ? A GLU 93  A NA  156 1_555 ? ? ? ? ? ? ? 2.197 ? ? 
metalc6 metalc ? ? A GLU 93  OE1 ? ? ? 1_555 C NA  . NA ? ? A GLU 93  A NA  156 1_555 ? ? ? ? ? ? ? 2.386 ? ? 
metalc7 metalc ? ? A GLN 151 OE1 ? ? ? 1_555 D NA  . NA ? ? A GLN 151 A NA  157 1_555 ? ? ? ? ? ? ? 2.512 ? ? 
metalc8 metalc ? ? B NA  .   NA  ? ? ? 1_555 E HOH . O  ? ? A NA  155 A HOH 179 1_555 ? ? ? ? ? ? ? 2.210 ? ? 
# 
_struct_conn_type.id          metalc 
_struct_conn_type.criteria    ? 
_struct_conn_type.reference   ? 
# 
loop_
_struct_site.id 
_struct_site.pdbx_evidence_code 
_struct_site.pdbx_auth_asym_id 
_struct_site.pdbx_auth_comp_id 
_struct_site.pdbx_auth_seq_id 
_struct_site.pdbx_auth_ins_code 
_struct_site.pdbx_num_residues 
_struct_site.details 
AC1 Software A NA 155 ? 6 'BINDING SITE FOR RESIDUE NA A 155' 
AC2 Software A NA 156 ? 5 'BINDING SITE FOR RESIDUE NA A 156' 
AC3 Software A NA 157 ? 8 'BINDING SITE FOR RESIDUE NA A 157' 
# 
loop_
_struct_site_gen.id 
_struct_site_gen.site_id 
_struct_site_gen.pdbx_num_res 
_struct_site_gen.label_comp_id 
_struct_site_gen.label_asym_id 
_struct_site_gen.label_seq_id 
_struct_site_gen.pdbx_auth_ins_code 
_struct_site_gen.auth_comp_id 
_struct_site_gen.auth_asym_id 
_struct_site_gen.auth_seq_id 
_struct_site_gen.label_atom_id 
_struct_site_gen.label_alt_id 
_struct_site_gen.symmetry 
_struct_site_gen.details 
1  AC1 6 GLU A 18  ? GLU A 18  . ? 1_555  ? 
2  AC1 6 GLU A 51  ? GLU A 51  . ? 1_555  ? 
3  AC1 6 HIS A 54  ? HIS A 54  . ? 1_555  ? 
4  AC1 6 NA  C .   ? NA  A 156 . ? 1_555  ? 
5  AC1 6 HOH E .   ? HOH A 164 . ? 1_555  ? 
6  AC1 6 HOH E .   ? HOH A 179 . ? 1_555  ? 
7  AC2 5 GLU A 51  ? GLU A 51  . ? 1_555  ? 
8  AC2 5 GLU A 93  ? GLU A 93  . ? 1_555  ? 
9  AC2 5 HIS A 130 ? HIS A 130 . ? 1_555  ? 
10 AC2 5 NA  B .   ? NA  A 155 . ? 1_555  ? 
11 AC2 5 HOH E .   ? HOH A 179 . ? 1_555  ? 
12 AC3 8 ASN A 148 ? ASN A 148 . ? 15_555 ? 
13 AC3 8 ASN A 148 ? ASN A 148 . ? 1_555  ? 
14 AC3 8 ASN A 148 ? ASN A 148 . ? 2_555  ? 
15 AC3 8 ASN A 148 ? ASN A 148 . ? 16_555 ? 
16 AC3 8 GLN A 151 ? GLN A 151 . ? 1_555  ? 
17 AC3 8 GLN A 151 ? GLN A 151 . ? 15_555 ? 
18 AC3 8 GLN A 151 ? GLN A 151 . ? 16_555 ? 
19 AC3 8 GLN A 151 ? GLN A 151 . ? 2_555  ? 
# 
_atom_sites.entry_id                    3R2K 
_atom_sites.fract_transf_matrix[1][1]   -0.00070939 
_atom_sites.fract_transf_matrix[1][2]   0.00509678 
_atom_sites.fract_transf_matrix[1][3]   0.00266271 
_atom_sites.fract_transf_matrix[2][1]   -0.00268884 
_atom_sites.fract_transf_matrix[2][2]   0.00207753 
_atom_sites.fract_transf_matrix[2][3]   -0.00469302 
_atom_sites.fract_transf_matrix[3][1]   -0.00508304 
_atom_sites.fract_transf_matrix[3][2]   -0.00181028 
_atom_sites.fract_transf_matrix[3][3]   0.00211092 
_atom_sites.fract_transf_vector[1]      -0.057829 
_atom_sites.fract_transf_vector[2]      -0.159952 
_atom_sites.fract_transf_vector[3]      -0.222072 
# 
loop_
_atom_type.symbol 
C  
N  
NA 
O  
S  
# 
loop_
_atom_site.group_PDB 
_atom_site.id 
_atom_site.type_symbol 
_atom_site.label_atom_id 
_atom_site.label_alt_id 
_atom_site.label_comp_id 
_atom_site.label_asym_id 
_atom_site.label_entity_id 
_atom_site.label_seq_id 
_atom_site.pdbx_PDB_ins_code 
_atom_site.Cartn_x 
_atom_site.Cartn_y 
_atom_site.Cartn_z 
_atom_site.occupancy 
_atom_site.B_iso_or_equiv 
_atom_site.pdbx_formal_charge 
_atom_site.auth_seq_id 
_atom_site.auth_comp_id 
_atom_site.auth_asym_id 
_atom_site.auth_atom_id 
_atom_site.pdbx_PDB_model_num 
ATOM   1    N  N   . MET A 1 1   ? -6.277  -20.758 17.883  1.00 23.28 ? 1   MET A N   1 
ATOM   2    C  CA  . MET A 1 1   ? -5.356  -21.697 17.199  1.00 30.25 ? 1   MET A CA  1 
ATOM   3    C  C   . MET A 1 1   ? -4.009  -21.012 17.105  1.00 21.80 ? 1   MET A C   1 
ATOM   4    O  O   . MET A 1 1   ? -3.924  -19.905 16.617  1.00 19.53 ? 1   MET A O   1 
ATOM   5    C  CB  . MET A 1 1   ? -5.888  -21.991 15.793  1.00 34.74 ? 1   MET A CB  1 
ATOM   6    C  CG  . MET A 1 1   ? -5.005  -22.888 14.938  1.00 43.11 ? 1   MET A CG  1 
ATOM   7    S  SD  . MET A 1 1   ? -5.657  -23.129 13.259  1.00 35.12 ? 1   MET A SD  1 
ATOM   8    C  CE  . MET A 1 1   ? -5.595  -21.466 12.605  1.00 25.62 ? 1   MET A CE  1 
ATOM   9    N  N   . GLN A 1 2   ? -2.952  -21.663 17.582  1.00 25.34 ? 2   GLN A N   1 
ATOM   10   C  CA  . GLN A 1 2   ? -1.622  -21.075 17.480  1.00 21.39 ? 2   GLN A CA  1 
ATOM   11   C  C   . GLN A 1 2   ? -1.108  -21.235 16.064  1.00 18.87 ? 2   GLN A C   1 
ATOM   12   O  O   . GLN A 1 2   ? -1.001  -22.333 15.538  1.00 25.13 ? 2   GLN A O   1 
ATOM   13   C  CB  . GLN A 1 2   ? -0.634  -21.711 18.465  1.00 27.35 ? 2   GLN A CB  1 
ATOM   14   C  CG  . GLN A 1 2   ? -0.769  -21.212 19.891  1.00 35.97 ? 2   GLN A CG  1 
ATOM   15   C  CD  . GLN A 1 2   ? 0.214   -21.878 20.847  1.00 61.34 ? 2   GLN A CD  1 
ATOM   16   O  OE1 . GLN A 1 2   ? 0.075   -21.770 22.067  1.00 63.93 ? 2   GLN A OE1 1 
ATOM   17   N  NE2 . GLN A 1 2   ? 1.216   -22.563 20.298  1.00 61.12 ? 2   GLN A NE2 1 
ATOM   18   N  N   . GLY A 1 3   ? -0.777  -20.113 15.454  1.00 15.67 ? 3   GLY A N   1 
ATOM   19   C  CA  . GLY A 1 3   ? -0.186  -20.113 14.145  1.00 14.19 ? 3   GLY A CA  1 
ATOM   20   C  C   . GLY A 1 3   ? 1.294   -20.447 14.215  1.00 17.83 ? 3   GLY A C   1 
ATOM   21   O  O   . GLY A 1 3   ? 1.884   -20.509 15.308  1.00 20.49 ? 3   GLY A O   1 
ATOM   22   N  N   . HIS A 1 4   ? 1.893   -20.647 13.053  1.00 15.47 ? 4   HIS A N   1 
ATOM   23   C  CA  . HIS A 1 4   ? 3.318   -20.919 12.971  1.00 15.80 ? 4   HIS A CA  1 
ATOM   24   C  C   . HIS A 1 4   ? 4.079   -19.633 13.257  1.00 19.12 ? 4   HIS A C   1 
ATOM   25   O  O   . HIS A 1 4   ? 3.766   -18.583 12.683  1.00 15.40 ? 4   HIS A O   1 
ATOM   26   C  CB  . HIS A 1 4   ? 3.660   -21.458 11.585  1.00 17.46 ? 4   HIS A CB  1 
ATOM   27   C  CG  . HIS A 1 4   ? 5.035   -22.040 11.502  1.00 25.54 ? 4   HIS A CG  1 
ATOM   28   N  ND1 . HIS A 1 4   ? 6.171   -21.260 11.528  1.00 27.91 ? 4   HIS A ND1 1 
ATOM   29   C  CD2 . HIS A 1 4   ? 5.460   -23.321 11.409  1.00 32.08 ? 4   HIS A CD2 1 
ATOM   30   C  CE1 . HIS A 1 4   ? 7.238   -22.035 11.455  1.00 37.19 ? 4   HIS A CE1 1 
ATOM   31   N  NE2 . HIS A 1 4   ? 6.834   -23.291 11.383  1.00 32.37 ? 4   HIS A NE2 1 
ATOM   32   N  N   . PRO A 1 5   ? 5.064   -19.677 14.170  1.00 14.82 ? 5   PRO A N   1 
ATOM   33   C  CA  . PRO A 1 5   ? 5.798   -18.458 14.528  1.00 12.58 ? 5   PRO A CA  1 
ATOM   34   C  C   . PRO A 1 5   ? 6.420   -17.713 13.341  1.00 14.82 ? 5   PRO A C   1 
ATOM   35   O  O   . PRO A 1 5   ? 6.458   -16.473 13.355  1.00 15.54 ? 5   PRO A O   1 
ATOM   36   C  CB  . PRO A 1 5   ? 6.883   -18.971 15.497  1.00 20.58 ? 5   PRO A CB  1 
ATOM   37   C  CG  . PRO A 1 5   ? 6.335   -20.238 16.044  1.00 29.85 ? 5   PRO A CG  1 
ATOM   38   C  CD  . PRO A 1 5   ? 5.521   -20.851 14.950  1.00 20.12 ? 5   PRO A CD  1 
ATOM   39   N  N   . GLU A 1 6   ? 6.904   -18.425 12.330  1.00 15.07 ? 6   GLU A N   1 
ATOM   40   C  CA  . GLU A 1 6   ? 7.490   -17.767 11.183  1.00 14.72 ? 6   GLU A CA  1 
ATOM   41   C  C   . GLU A 1 6   ? 6.422   -17.029 10.383  1.00 13.40 ? 6   GLU A C   1 
ATOM   42   O  O   . GLU A 1 6   ? 6.678   -15.953 9.860   1.00 14.00 ? 6   GLU A O   1 
ATOM   43   C  CB  . GLU A 1 6   ? 8.205   -18.746 10.255  1.00 20.13 ? 6   GLU A CB  1 
ATOM   44   C  CG  . GLU A 1 6   ? 9.485   -19.317 10.828  1.00 31.14 ? 6   GLU A CG  1 
ATOM   45   C  CD  . GLU A 1 6   ? 10.175  -20.259 9.853   1.00 46.11 ? 6   GLU A CD  1 
ATOM   46   O  OE1 . GLU A 1 6   ? 10.196  -19.962 8.629   1.00 37.51 ? 6   GLU A OE1 1 
ATOM   47   O  OE2 . GLU A 1 6   ? 10.684  -21.304 10.314  1.00 51.34 ? 6   GLU A OE2 1 
ATOM   48   N  N   . VAL A 1 7   ? 5.248   -17.629 10.271  1.00 15.23 ? 7   VAL A N   1 
ATOM   49   C  CA  . VAL A 1 7   ? 4.141   -16.955 9.577   1.00 13.44 ? 7   VAL A CA  1 
ATOM   50   C  C   . VAL A 1 7   ? 3.683   -15.710 10.350  1.00 11.86 ? 7   VAL A C   1 
ATOM   51   O  O   . VAL A 1 7   ? 3.507   -14.650 9.742   1.00 11.21 ? 7   VAL A O   1 
ATOM   52   C  CB  . VAL A 1 7   ? 2.970   -17.911 9.351   1.00 12.01 ? 7   VAL A CB  1 
ATOM   53   C  CG1 . VAL A 1 7   ? 1.722   -17.135 8.823   1.00 12.30 ? 7   VAL A CG1 1 
ATOM   54   C  CG2 . VAL A 1 7   ? 3.375   -19.032 8.397   1.00 16.92 ? 7   VAL A CG2 1 
ATOM   55   N  N   . ILE A 1 8   ? 3.474   -15.827 11.661  1.00 12.72 ? 8   ILE A N   1 
ATOM   56   C  CA  . ILE A 1 8   ? 3.058   -14.684 12.483  1.00 12.06 ? 8   ILE A CA  1 
ATOM   57   C  C   . ILE A 1 8   ? 4.069   -13.546 12.389  1.00 11.82 ? 8   ILE A C   1 
ATOM   58   O  O   . ILE A 1 8   ? 3.710   -12.396 12.193  1.00 11.57 ? 8   ILE A O   1 
ATOM   59   C  CB  . ILE A 1 8   ? 2.832   -15.100 13.937  1.00 13.73 ? 8   ILE A CB  1 
ATOM   60   C  CG1 . ILE A 1 8   ? 1.624   -16.039 14.042  1.00 14.33 ? 8   ILE A CG1 1 
ATOM   61   C  CG2 . ILE A 1 8   ? 2.615   -13.891 14.814  1.00 16.03 ? 8   ILE A CG2 1 
ATOM   62   C  CD1 . ILE A 1 8   ? 1.517   -16.788 15.405  1.00 14.38 ? 8   ILE A CD1 1 
ATOM   63   N  N   . ASP A 1 9   ? 5.357   -13.864 12.513  1.00 11.57 ? 9   ASP A N   1 
ATOM   64   C  CA  A ASP A 1 9   ? 6.379   -12.845 12.387  0.50 13.22 ? 9   ASP A CA  1 
ATOM   65   C  CA  B ASP A 1 9   ? 6.389   -12.851 12.392  0.50 13.24 ? 9   ASP A CA  1 
ATOM   66   C  C   . ASP A 1 9   ? 6.312   -12.149 11.027  1.00 11.38 ? 9   ASP A C   1 
ATOM   67   O  O   . ASP A 1 9   ? 6.468   -10.938 10.926  1.00 12.42 ? 9   ASP A O   1 
ATOM   68   C  CB  A ASP A 1 9   ? 7.768   -13.453 12.608  0.50 13.69 ? 9   ASP A CB  1 
ATOM   69   C  CB  B ASP A 1 9   ? 7.780   -13.480 12.619  0.50 13.64 ? 9   ASP A CB  1 
ATOM   70   C  CG  A ASP A 1 9   ? 8.872   -12.423 12.488  0.50 21.30 ? 9   ASP A CG  1 
ATOM   71   C  CG  B ASP A 1 9   ? 7.994   -13.945 14.059  0.50 15.96 ? 9   ASP A CG  1 
ATOM   72   O  OD1 A ASP A 1 9   ? 8.956   -11.546 13.374  0.50 28.22 ? 9   ASP A OD1 1 
ATOM   73   O  OD1 B ASP A 1 9   ? 7.215   -13.559 14.946  0.50 18.31 ? 9   ASP A OD1 1 
ATOM   74   O  OD2 A ASP A 1 9   ? 9.647   -12.492 11.510  0.50 30.68 ? 9   ASP A OD2 1 
ATOM   75   O  OD2 B ASP A 1 9   ? 8.972   -14.691 14.313  0.50 17.81 ? 9   ASP A OD2 1 
ATOM   76   N  N   . TYR A 1 10  ? 6.099   -12.915 9.968   1.00 10.76 ? 10  TYR A N   1 
ATOM   77   C  CA  . TYR A 1 10  ? 6.069   -12.351 8.636   1.00 13.08 ? 10  TYR A CA  1 
ATOM   78   C  C   . TYR A 1 10  ? 4.811   -11.501 8.442   1.00 10.41 ? 10  TYR A C   1 
ATOM   79   O  O   . TYR A 1 10  ? 4.893   -10.420 7.872   1.00 12.31 ? 10  TYR A O   1 
ATOM   80   C  CB  . TYR A 1 10  ? 6.163   -13.435 7.547   1.00 12.39 ? 10  TYR A CB  1 
ATOM   81   C  CG  . TYR A 1 10  ? 6.581   -12.808 6.251   1.00 14.34 ? 10  TYR A CG  1 
ATOM   82   C  CD1 . TYR A 1 10  ? 7.918   -12.643 5.946   1.00 17.70 ? 10  TYR A CD1 1 
ATOM   83   C  CD2 . TYR A 1 10  ? 5.643   -12.313 5.351   1.00 12.90 ? 10  TYR A CD2 1 
ATOM   84   C  CE1 . TYR A 1 10  ? 8.325   -12.026 4.773   1.00 21.20 ? 10  TYR A CE1 1 
ATOM   85   C  CE2 . TYR A 1 10  ? 6.042   -11.683 4.198   1.00 12.64 ? 10  TYR A CE2 1 
ATOM   86   C  CZ  . TYR A 1 10  ? 7.377   -11.538 3.906   1.00 17.72 ? 10  TYR A CZ  1 
ATOM   87   O  OH  . TYR A 1 10  ? 7.757   -10.915 2.750   1.00 15.57 ? 10  TYR A OH  1 
ATOM   88   N  N   . LEU A 1 11  ? 3.676   -11.949 8.964   1.00 10.39 ? 11  LEU A N   1 
ATOM   89   C  CA  . LEU A 1 11  ? 2.475   -11.119 8.910   1.00 8.93  ? 11  LEU A CA  1 
ATOM   90   C  C   . LEU A 1 11  ? 2.711   -9.793  9.632   1.00 11.18 ? 11  LEU A C   1 
ATOM   91   O  O   . LEU A 1 11  ? 2.233   -8.752  9.194   1.00 11.70 ? 11  LEU A O   1 
ATOM   92   C  CB  . LEU A 1 11  ? 1.274   -11.859 9.511   1.00 10.19 ? 11  LEU A CB  1 
ATOM   93   C  CG  . LEU A 1 11  ? 0.794   -13.110 8.770   1.00 10.34 ? 11  LEU A CG  1 
ATOM   94   C  CD1 . LEU A 1 11  ? -0.311  -13.772 9.542   1.00 11.78 ? 11  LEU A CD1 1 
ATOM   95   C  CD2 . LEU A 1 11  ? 0.373   -12.807 7.349   1.00 15.99 ? 11  LEU A CD2 1 
ATOM   96   N  N   . ASN A 1 12  ? 3.422   -9.829  10.757  1.00 11.21 ? 12  ASN A N   1 
ATOM   97   C  CA  . ASN A 1 12  ? 3.742   -8.598  11.466  1.00 11.13 ? 12  ASN A CA  1 
ATOM   98   C  C   . ASN A 1 12  ? 4.611   -7.677  10.613  1.00 11.52 ? 12  ASN A C   1 
ATOM   99   O  O   . ASN A 1 12  ? 4.438   -6.468  10.656  1.00 10.75 ? 12  ASN A O   1 
ATOM   100  C  CB  . ASN A 1 12  ? 4.416   -8.930  12.797  1.00 12.39 ? 12  ASN A CB  1 
ATOM   101  C  CG  . ASN A 1 12  ? 3.449   -8.946  13.947  1.00 16.29 ? 12  ASN A CG  1 
ATOM   102  O  OD1 . ASN A 1 12  ? 2.490   -8.184  13.952  1.00 14.94 ? 12  ASN A OD1 1 
ATOM   103  N  ND2 . ASN A 1 12  ? 3.713   -9.769  14.955  1.00 15.28 ? 12  ASN A ND2 1 
ATOM   104  N  N   . THR A 1 13  ? 5.575   -8.224  9.857   1.00 11.06 ? 13  THR A N   1 
ATOM   105  C  CA  A THR A 1 13  ? 6.371   -7.430  8.943   0.50 12.30 ? 13  THR A CA  1 
ATOM   106  C  CA  B THR A 1 13  ? 6.365   -7.360  8.987   0.50 12.29 ? 13  THR A CA  1 
ATOM   107  C  C   . THR A 1 13  ? 5.475   -6.747  7.903   1.00 12.27 ? 13  THR A C   1 
ATOM   108  O  O   . THR A 1 13  ? 5.656   -5.575  7.553   1.00 12.71 ? 13  THR A O   1 
ATOM   109  C  CB  A THR A 1 13  ? 7.411   -8.332  8.249   0.50 13.91 ? 13  THR A CB  1 
ATOM   110  C  CB  B THR A 1 13  ? 7.602   -8.055  8.348   0.50 16.00 ? 13  THR A CB  1 
ATOM   111  O  OG1 A THR A 1 13  ? 8.385   -8.744  9.219   0.50 14.96 ? 13  THR A OG1 1 
ATOM   112  O  OG1 B THR A 1 13  ? 7.200   -8.942  7.299   0.50 15.68 ? 13  THR A OG1 1 
ATOM   113  C  CG2 A THR A 1 13  ? 8.100   -7.598  7.135   0.50 14.07 ? 13  THR A CG2 1 
ATOM   114  C  CG2 B THR A 1 13  ? 8.395   -8.811  9.399   0.50 14.98 ? 13  THR A CG2 1 
ATOM   115  N  N   . LEU A 1 14  ? 4.496   -7.488  7.397   1.00 12.00 ? 14  LEU A N   1 
ATOM   116  C  CA  . LEU A 1 14  ? 3.592   -6.911  6.409   1.00 10.72 ? 14  LEU A CA  1 
ATOM   117  C  C   . LEU A 1 14  ? 2.709   -5.857  7.055   1.00 12.23 ? 14  LEU A C   1 
ATOM   118  O  O   . LEU A 1 14  ? 2.461   -4.824  6.455   1.00 11.48 ? 14  LEU A O   1 
ATOM   119  C  CB  . LEU A 1 14  ? 2.723   -8.003  5.761   1.00 9.31  ? 14  LEU A CB  1 
ATOM   120  C  CG  . LEU A 1 14  ? 3.512   -9.004  4.909   1.00 11.03 ? 14  LEU A CG  1 
ATOM   121  C  CD1 . LEU A 1 14  ? 2.634   -10.182 4.549   1.00 10.79 ? 14  LEU A CD1 1 
ATOM   122  C  CD2 . LEU A 1 14  ? 4.047   -8.318  3.666   1.00 13.96 ? 14  LEU A CD2 1 
ATOM   123  N  N   . LEU A 1 15  ? 2.247   -6.110  8.267   1.00 11.06 ? 15  LEU A N   1 
ATOM   124  C  CA  . LEU A 1 15  ? 1.409   -5.143  8.976   1.00 9.47  ? 15  LEU A CA  1 
ATOM   125  C  C   . LEU A 1 15  ? 2.112   -3.815  9.146   1.00 10.85 ? 15  LEU A C   1 
ATOM   126  O  O   . LEU A 1 15  ? 1.535   -2.761  8.890   1.00 10.98 ? 15  LEU A O   1 
ATOM   127  C  CB  . LEU A 1 15  ? 1.026   -5.702  10.345  1.00 10.46 ? 15  LEU A CB  1 
ATOM   128  C  CG  . LEU A 1 15  ? 0.277   -4.775  11.309  1.00 9.39  ? 15  LEU A CG  1 
ATOM   129  C  CD1 . LEU A 1 15  ? -1.013  -4.271  10.640  1.00 9.70  ? 15  LEU A CD1 1 
ATOM   130  C  CD2 . LEU A 1 15  ? -0.063  -5.464  12.620  1.00 10.74 ? 15  LEU A CD2 1 
ATOM   131  N  N   . THR A 1 16  ? 3.367   -3.812  9.594   1.00 10.21 ? 16  THR A N   1 
ATOM   132  C  CA  . THR A 1 16  ? 4.012   -2.515  9.794   1.00 9.94  ? 16  THR A CA  1 
ATOM   133  C  C   . THR A 1 16  ? 4.248   -1.800  8.481   1.00 9.52  ? 16  THR A C   1 
ATOM   134  O  O   . THR A 1 16  ? 4.274   -0.560  8.430   1.00 11.14 ? 16  THR A O   1 
ATOM   135  C  CB  . THR A 1 16  ? 5.344   -2.633  10.590  1.00 11.83 ? 16  THR A CB  1 
ATOM   136  O  OG1 . THR A 1 16  ? 6.305   -3.437  9.876   1.00 13.50 ? 16  THR A OG1 1 
ATOM   137  C  CG2 . THR A 1 16  ? 5.084   -3.227  11.944  1.00 11.10 ? 16  THR A CG2 1 
ATOM   138  N  N   . GLY A 1 17  ? 4.379   -2.563  7.399   1.00 10.74 ? 17  GLY A N   1 
ATOM   139  C  CA  . GLY A 1 17  ? 4.472   -2.001  6.063   1.00 10.92 ? 17  GLY A CA  1 
ATOM   140  C  C   . GLY A 1 17  ? 3.160   -1.386  5.612   1.00 11.37 ? 17  GLY A C   1 
ATOM   141  O  O   . GLY A 1 17  ? 3.152   -0.344  4.968   1.00 11.70 ? 17  GLY A O   1 
ATOM   142  N  N   . GLU A 1 18  ? 2.041   -2.017  5.942   1.00 11.04 ? 18  GLU A N   1 
ATOM   143  C  CA  A GLU A 1 18  ? 0.780   -1.465  5.475   0.50 11.09 ? 18  GLU A CA  1 
ATOM   144  C  CA  B GLU A 1 18  ? 0.710   -1.531  5.572   0.50 11.45 ? 18  GLU A CA  1 
ATOM   145  C  C   . GLU A 1 18  ? 0.353   -0.279  6.348   1.00 12.89 ? 18  GLU A C   1 
ATOM   146  O  O   . GLU A 1 18  ? -0.246  0.651   5.837   1.00 10.66 ? 18  GLU A O   1 
ATOM   147  C  CB  A GLU A 1 18  ? -0.295  -2.550  5.374   0.50 10.27 ? 18  GLU A CB  1 
ATOM   148  C  CB  B GLU A 1 18  ? -0.347  -2.605  5.893   0.50 10.61 ? 18  GLU A CB  1 
ATOM   149  C  CG  A GLU A 1 18  ? 0.064   -3.574  4.334   0.50 13.02 ? 18  GLU A CG  1 
ATOM   150  C  CG  B GLU A 1 18  ? -0.269  -3.781  4.989   0.50 14.34 ? 18  GLU A CG  1 
ATOM   151  C  CD  A GLU A 1 18  ? -0.846  -4.773  4.327   0.50 11.77 ? 18  GLU A CD  1 
ATOM   152  C  CD  B GLU A 1 18  ? -0.200  -3.334  3.584   0.50 18.14 ? 18  GLU A CD  1 
ATOM   153  O  OE1 A GLU A 1 18  ? -1.768  -4.820  5.160   0.50 12.99 ? 18  GLU A OE1 1 
ATOM   154  O  OE1 B GLU A 1 18  ? -0.931  -2.373  3.295   0.50 25.79 ? 18  GLU A OE1 1 
ATOM   155  O  OE2 A GLU A 1 18  ? -0.610  -5.665  3.487   0.50 14.03 ? 18  GLU A OE2 1 
ATOM   156  O  OE2 B GLU A 1 18  ? 0.588   -3.891  2.792   0.50 32.17 ? 18  GLU A OE2 1 
ATOM   157  N  N   . LEU A 1 19  ? 0.701   -0.285  7.627   1.00 10.34 ? 19  LEU A N   1 
ATOM   158  C  CA  . LEU A 1 19  ? 0.478   0.888   8.488   1.00 9.53  ? 19  LEU A CA  1 
ATOM   159  C  C   . LEU A 1 19  ? 1.252   2.092   7.927   1.00 11.82 ? 19  LEU A C   1 
ATOM   160  O  O   . LEU A 1 19  ? 0.764   3.211   7.921   1.00 10.00 ? 19  LEU A O   1 
ATOM   161  C  CB  . LEU A 1 19  ? 0.895   0.594   9.926   1.00 11.28 ? 19  LEU A CB  1 
ATOM   162  C  CG  . LEU A 1 19  ? 0.050   -0.436  10.673  1.00 10.49 ? 19  LEU A CG  1 
ATOM   163  C  CD1 . LEU A 1 19  ? 0.677   -0.784  12.025  1.00 11.89 ? 19  LEU A CD1 1 
ATOM   164  C  CD2 . LEU A 1 19  ? -1.382  0.048   10.874  1.00 12.60 ? 19  LEU A CD2 1 
ATOM   165  N  N   . ALA A 1 20  ? 2.481   1.848   7.468   1.00 11.58 ? 20  ALA A N   1 
ATOM   166  C  CA  . ALA A 1 20  ? 3.258   2.887   6.815   1.00 10.63 ? 20  ALA A CA  1 
ATOM   167  C  C   . ALA A 1 20  ? 2.642   3.362   5.498   1.00 11.00 ? 20  ALA A C   1 
ATOM   168  O  O   . ALA A 1 20  ? 2.564   4.562   5.234   1.00 12.61 ? 20  ALA A O   1 
ATOM   169  C  CB  . ALA A 1 20  ? 4.669   2.373   6.549   1.00 13.14 ? 20  ALA A CB  1 
ATOM   170  N  N   . ALA A 1 21  ? 2.191   2.427   4.673   1.00 12.25 ? 21  ALA A N   1 
ATOM   171  C  CA  . ALA A 1 21  ? 1.572   2.778   3.395   1.00 11.48 ? 21  ALA A CA  1 
ATOM   172  C  C   . ALA A 1 21  ? 0.353   3.679   3.658   1.00 11.79 ? 21  ALA A C   1 
ATOM   173  O  O   . ALA A 1 21  ? 0.189   4.725   3.011   1.00 11.18 ? 21  ALA A O   1 
ATOM   174  C  CB  . ALA A 1 21  ? 1.161   1.556   2.642   1.00 12.22 ? 21  ALA A CB  1 
ATOM   175  N  N   . ARG A 1 22  ? -0.476  3.283   4.627   1.00 11.57 ? 22  ARG A N   1 
ATOM   176  C  CA  . ARG A 1 22  ? -1.615  4.109   5.086   1.00 8.80  ? 22  ARG A CA  1 
ATOM   177  C  C   . ARG A 1 22  ? -1.159  5.548   5.362   1.00 10.53 ? 22  ARG A C   1 
ATOM   178  O  O   . ARG A 1 22  ? -1.753  6.523   4.865   1.00 10.57 ? 22  ARG A O   1 
ATOM   179  C  CB  . ARG A 1 22  ? -2.267  3.459   6.315   1.00 11.05 ? 22  ARG A CB  1 
ATOM   180  C  CG  . ARG A 1 22  ? -3.177  4.357   7.126   1.00 13.22 ? 22  ARG A CG  1 
ATOM   181  C  CD  . ARG A 1 22  ? -3.386  3.807   8.558   1.00 12.48 ? 22  ARG A CD  1 
ATOM   182  N  NE  . ARG A 1 22  ? -2.119  3.801   9.282   1.00 11.66 ? 22  ARG A NE  1 
ATOM   183  C  CZ  . ARG A 1 22  ? -2.005  3.601   10.574  1.00 11.62 ? 22  ARG A CZ  1 
ATOM   184  N  NH1 . ARG A 1 22  ? -3.067  3.340   11.318  1.00 13.10 ? 22  ARG A NH1 1 
ATOM   185  N  NH2 . ARG A 1 22  ? -0.793  3.651   11.121  1.00 13.39 ? 22  ARG A NH2 1 
ATOM   186  N  N   . ASP A 1 23  ? -0.090  5.691   6.140   1.00 9.21  ? 23  ASP A N   1 
ATOM   187  C  CA  . ASP A 1 23  ? 0.355   7.008   6.555   1.00 9.74  ? 23  ASP A CA  1 
ATOM   188  C  C   . ASP A 1 23  ? 1.025   7.787   5.432   1.00 10.14 ? 23  ASP A C   1 
ATOM   189  O  O   . ASP A 1 23  ? 0.904   9.005   5.389   1.00 10.05 ? 23  ASP A O   1 
ATOM   190  C  CB  . ASP A 1 23  ? 1.232   6.904   7.797   1.00 10.39 ? 23  ASP A CB  1 
ATOM   191  C  CG  . ASP A 1 23  ? 0.428   6.518   9.036   1.00 15.80 ? 23  ASP A CG  1 
ATOM   192  O  OD1 . ASP A 1 23  ? -0.809  6.677   8.988   1.00 18.68 ? 23  ASP A OD1 1 
ATOM   193  O  OD2 . ASP A 1 23  ? 1.023   6.091   10.044  1.00 15.29 ? 23  ASP A OD2 1 
ATOM   194  N  N   . GLN A 1 24  ? 1.692   7.114   4.494   1.00 9.63  ? 24  GLN A N   1 
ATOM   195  C  CA  . GLN A 1 24  ? 2.246   7.831   3.357   1.00 8.70  ? 24  GLN A CA  1 
ATOM   196  C  C   . GLN A 1 24  ? 1.123   8.379   2.447   1.00 9.38  ? 24  GLN A C   1 
ATOM   197  O  O   . GLN A 1 24  ? 1.181   9.496   1.943   1.00 10.25 ? 24  GLN A O   1 
ATOM   198  C  CB  . GLN A 1 24  ? 3.237   6.969   2.576   1.00 10.69 ? 24  GLN A CB  1 
ATOM   199  C  CG  . GLN A 1 24  ? 4.008   7.747   1.524   1.00 12.11 ? 24  GLN A CG  1 
ATOM   200  C  CD  . GLN A 1 24  ? 5.229   6.997   1.059   1.00 13.74 ? 24  GLN A CD  1 
ATOM   201  O  OE1 . GLN A 1 24  ? 6.101   6.678   1.859   1.00 15.64 ? 24  GLN A OE1 1 
ATOM   202  N  NE2 . GLN A 1 24  ? 5.274   6.680   -0.233  1.00 14.37 ? 24  GLN A NE2 1 
ATOM   203  N  N   . TYR A 1 25  ? 0.083   7.590   2.254   1.00 9.80  ? 25  TYR A N   1 
ATOM   204  C  CA  . TYR A 1 25  ? -1.064  8.066   1.487   1.00 11.43 ? 25  TYR A CA  1 
ATOM   205  C  C   . TYR A 1 25  ? -1.833  9.163   2.253   1.00 11.69 ? 25  TYR A C   1 
ATOM   206  O  O   . TYR A 1 25  ? -2.384  10.070  1.625   1.00 11.53 ? 25  TYR A O   1 
ATOM   207  C  CB  . TYR A 1 25  ? -1.998  6.891   1.178   1.00 10.14 ? 25  TYR A CB  1 
ATOM   208  C  CG  . TYR A 1 25  ? -1.498  5.945   0.114   1.00 15.61 ? 25  TYR A CG  1 
ATOM   209  C  CD1 . TYR A 1 25  ? -0.972  6.429   -1.073  1.00 25.83 ? 25  TYR A CD1 1 
ATOM   210  C  CD2 . TYR A 1 25  ? -1.638  4.587   0.257   1.00 13.61 ? 25  TYR A CD2 1 
ATOM   211  C  CE1 . TYR A 1 25  ? -0.570  5.571   -2.087  1.00 22.97 ? 25  TYR A CE1 1 
ATOM   212  C  CE2 . TYR A 1 25  ? -1.230  3.714   -0.727  1.00 17.22 ? 25  TYR A CE2 1 
ATOM   213  C  CZ  . TYR A 1 25  ? -0.700  4.211   -1.904  1.00 25.18 ? 25  TYR A CZ  1 
ATOM   214  O  OH  . TYR A 1 25  ? -0.285  3.361   -2.918  1.00 29.42 ? 25  TYR A OH  1 
ATOM   215  N  N   . PHE A 1 26  ? -1.843  9.098   3.593   1.00 9.24  ? 26  PHE A N   1 
ATOM   216  C  CA  . PHE A 1 26  ? -2.448  10.156  4.450   1.00 9.99  ? 26  PHE A CA  1 
ATOM   217  C  C   . PHE A 1 26  ? -1.768  11.489  4.140   1.00 10.10 ? 26  PHE A C   1 
ATOM   218  O  O   . PHE A 1 26  ? -2.416  12.482  3.761   1.00 10.53 ? 26  PHE A O   1 
ATOM   219  C  CB  . PHE A 1 26  ? -2.255  9.771   5.938   1.00 12.18 ? 26  PHE A CB  1 
ATOM   220  C  CG  . PHE A 1 26  ? -3.148  10.479  6.945   1.00 9.47  ? 26  PHE A CG  1 
ATOM   221  C  CD1 . PHE A 1 26  ? -3.077  10.083  8.275   1.00 11.92 ? 26  PHE A CD1 1 
ATOM   222  C  CD2 . PHE A 1 26  ? -4.033  11.491  6.604   1.00 10.74 ? 26  PHE A CD2 1 
ATOM   223  C  CE1 . PHE A 1 26  ? -3.858  10.661  9.238   1.00 12.48 ? 26  PHE A CE1 1 
ATOM   224  C  CE2 . PHE A 1 26  ? -4.840  12.047  7.555   1.00 11.07 ? 26  PHE A CE2 1 
ATOM   225  C  CZ  . PHE A 1 26  ? -4.749  11.653  8.876   1.00 11.91 ? 26  PHE A CZ  1 
ATOM   226  N  N   . ILE A 1 27  ? -0.447  11.545  4.277   1.00 10.39 ? 27  ILE A N   1 
ATOM   227  C  CA  . ILE A 1 27  ? 0.237   12.805  4.029   1.00 10.42 ? 27  ILE A CA  1 
ATOM   228  C  C   . ILE A 1 27  ? 0.185   13.218  2.568   1.00 11.58 ? 27  ILE A C   1 
ATOM   229  O  O   . ILE A 1 27  ? -0.089  14.387  2.255   1.00 9.85  ? 27  ILE A O   1 
ATOM   230  C  CB  . ILE A 1 27  ? 1.698   12.802  4.569   1.00 10.65 ? 27  ILE A CB  1 
ATOM   231  C  CG1 . ILE A 1 27  ? 2.361   14.155  4.315   1.00 12.55 ? 27  ILE A CG1 1 
ATOM   232  C  CG2 . ILE A 1 27  ? 2.530   11.708  3.962   1.00 10.87 ? 27  ILE A CG2 1 
ATOM   233  C  CD1 . ILE A 1 27  ? 1.634   15.344  4.895   1.00 14.84 ? 27  ILE A CD1 1 
ATOM   234  N  N   . HIS A 1 28  ? 0.422   12.300  1.636   1.00 11.47 ? 28  HIS A N   1 
ATOM   235  C  CA  . HIS A 1 28  ? 0.342   12.694  0.219   1.00 10.86 ? 28  HIS A CA  1 
ATOM   236  C  C   . HIS A 1 28  ? -1.038  13.197  -0.185  1.00 11.60 ? 28  HIS A C   1 
ATOM   237  O  O   . HIS A 1 28  ? -1.136  14.206  -0.879  1.00 11.24 ? 28  HIS A O   1 
ATOM   238  C  CB  . HIS A 1 28  ? 0.736   11.559  -0.721  1.00 10.43 ? 28  HIS A CB  1 
ATOM   239  C  CG  . HIS A 1 28  ? 2.213   11.334  -0.820  1.00 11.46 ? 28  HIS A CG  1 
ATOM   240  N  ND1 . HIS A 1 28  ? 2.752   10.220  -1.425  1.00 13.31 ? 28  HIS A ND1 1 
ATOM   241  C  CD2 . HIS A 1 28  ? 3.263   12.102  -0.447  1.00 13.49 ? 28  HIS A CD2 1 
ATOM   242  C  CE1 . HIS A 1 28  ? 4.076   10.298  -1.391  1.00 11.75 ? 28  HIS A CE1 1 
ATOM   243  N  NE2 . HIS A 1 28  ? 4.405   11.430  -0.802  1.00 13.40 ? 28  HIS A NE2 1 
ATOM   244  N  N   . SER A 1 29  ? -2.095  12.517  0.242   1.00 10.86 ? 29  SER A N   1 
ATOM   245  C  CA  . SER A 1 29  ? -3.420  12.972  -0.162  1.00 11.22 ? 29  SER A CA  1 
ATOM   246  C  C   . SER A 1 29  ? -3.681  14.383  0.342   1.00 13.49 ? 29  SER A C   1 
ATOM   247  O  O   . SER A 1 29  ? -4.213  15.229  -0.392  1.00 11.33 ? 29  SER A O   1 
ATOM   248  C  CB  . SER A 1 29  ? -4.495  12.010  0.316   1.00 11.01 ? 29  SER A CB  1 
ATOM   249  O  OG  . SER A 1 29  ? -4.523  11.896  1.715   1.00 12.05 ? 29  SER A OG  1 
ATOM   250  N  N   . ARG A 1 30  ? -3.305  14.670  1.585   1.00 9.81  ? 30  ARG A N   1 
ATOM   251  C  CA  . ARG A 1 30  ? -3.548  16.000  2.120   1.00 9.89  ? 30  ARG A CA  1 
ATOM   252  C  C   . ARG A 1 30  ? -2.638  17.049  1.483   1.00 12.46 ? 30  ARG A C   1 
ATOM   253  O  O   . ARG A 1 30  ? -3.043  18.207  1.365   1.00 12.52 ? 30  ARG A O   1 
ATOM   254  C  CB  . ARG A 1 30  ? -3.424  15.991  3.641   1.00 11.42 ? 30  ARG A CB  1 
ATOM   255  C  CG  . ARG A 1 30  ? -4.711  15.604  4.348   1.00 10.81 ? 30  ARG A CG  1 
ATOM   256  C  CD  . ARG A 1 30  ? -5.188  14.209  3.989   1.00 11.04 ? 30  ARG A CD  1 
ATOM   257  N  NE  . ARG A 1 30  ? -6.368  13.859  4.773   1.00 9.53  ? 30  ARG A NE  1 
ATOM   258  C  CZ  . ARG A 1 30  ? -7.138  12.815  4.510   1.00 10.58 ? 30  ARG A CZ  1 
ATOM   259  N  NH1 . ARG A 1 30  ? -6.825  12.002  3.515   1.00 12.09 ? 30  ARG A NH1 1 
ATOM   260  N  NH2 . ARG A 1 30  ? -8.192  12.548  5.271   1.00 11.82 ? 30  ARG A NH2 1 
ATOM   261  N  N   . MET A 1 31  ? -1.425  16.673  1.068   1.00 10.37 ? 31  MET A N   1 
ATOM   262  C  CA  . MET A 1 31  ? -0.568  17.595  0.321   1.00 10.82 ? 31  MET A CA  1 
ATOM   263  C  C   . MET A 1 31  ? -1.186  17.940  -1.033  1.00 13.69 ? 31  MET A C   1 
ATOM   264  O  O   . MET A 1 31  ? -1.169  19.086  -1.456  1.00 14.04 ? 31  MET A O   1 
ATOM   265  C  CB  . MET A 1 31  ? 0.829   16.986  0.129   1.00 10.87 ? 31  MET A CB  1 
ATOM   266  C  CG  . MET A 1 31  ? 1.676   16.945  1.388   1.00 12.18 ? 31  MET A CG  1 
ATOM   267  S  SD  . MET A 1 31  ? 3.209   16.032  1.134   1.00 14.38 ? 31  MET A SD  1 
ATOM   268  C  CE  . MET A 1 31  ? 4.044   17.075  -0.051  1.00 14.12 ? 31  MET A CE  1 
ATOM   269  N  N   . TYR A 1 32  ? -1.725  16.943  -1.726  1.00 11.59 ? 32  TYR A N   1 
ATOM   270  C  CA  . TYR A 1 32  ? -2.388  17.157  -2.992  1.00 11.95 ? 32  TYR A CA  1 
ATOM   271  C  C   . TYR A 1 32  ? -3.563  18.122  -2.816  1.00 13.92 ? 32  TYR A C   1 
ATOM   272  O  O   . TYR A 1 32  ? -3.768  19.009  -3.657  1.00 14.32 ? 32  TYR A O   1 
ATOM   273  C  CB  . TYR A 1 32  ? -2.885  15.832  -3.541  1.00 10.68 ? 32  TYR A CB  1 
ATOM   274  C  CG  . TYR A 1 32  ? -1.828  14.906  -4.087  1.00 11.77 ? 32  TYR A CG  1 
ATOM   275  C  CD1 . TYR A 1 32  ? -0.808  15.375  -4.917  1.00 15.16 ? 32  TYR A CD1 1 
ATOM   276  C  CD2 . TYR A 1 32  ? -1.894  13.551  -3.849  1.00 12.39 ? 32  TYR A CD2 1 
ATOM   277  C  CE1 . TYR A 1 32  ? 0.130   14.510  -5.446  1.00 14.68 ? 32  TYR A CE1 1 
ATOM   278  C  CE2 . TYR A 1 32  ? -0.952  12.665  -4.388  1.00 11.95 ? 32  TYR A CE2 1 
ATOM   279  C  CZ  . TYR A 1 32  ? 0.051   13.150  -5.179  1.00 13.68 ? 32  TYR A CZ  1 
ATOM   280  O  OH  . TYR A 1 32  ? 0.969   12.271  -5.710  1.00 14.53 ? 32  TYR A OH  1 
ATOM   281  N  N   . GLU A 1 33  ? -4.332  17.962  -1.736  1.00 11.34 ? 33  GLU A N   1 
ATOM   282  C  CA  . GLU A 1 33  ? -5.462  18.873  -1.454  1.00 14.08 ? 33  GLU A CA  1 
ATOM   283  C  C   . GLU A 1 33  ? -4.967  20.297  -1.145  1.00 16.28 ? 33  GLU A C   1 
ATOM   284  O  O   . GLU A 1 33  ? -5.569  21.277  -1.592  1.00 17.02 ? 33  GLU A O   1 
ATOM   285  C  CB  . GLU A 1 33  ? -6.336  18.321  -0.320  1.00 15.94 ? 33  GLU A CB  1 
ATOM   286  C  CG  . GLU A 1 33  ? -7.581  19.161  0.006   1.00 20.63 ? 33  GLU A CG  1 
ATOM   287  C  CD  . GLU A 1 33  ? -8.518  19.397  -1.183  1.00 38.32 ? 33  GLU A CD  1 
ATOM   288  O  OE1 . GLU A 1 33  ? -8.529  18.602  -2.146  1.00 27.19 ? 33  GLU A OE1 1 
ATOM   289  O  OE2 . GLU A 1 33  ? -9.258  20.407  -1.148  1.00 47.28 ? 33  GLU A OE2 1 
ATOM   290  N  N   . ASP A 1 34  ? -3.868  20.405  -0.407  1.00 16.18 ? 34  ASP A N   1 
ATOM   291  C  CA  . ASP A 1 34  ? -3.248  21.692  -0.041  1.00 17.92 ? 34  ASP A CA  1 
ATOM   292  C  C   . ASP A 1 34  ? -2.914  22.490  -1.310  1.00 17.91 ? 34  ASP A C   1 
ATOM   293  O  O   . ASP A 1 34  ? -3.064  23.715  -1.349  1.00 19.48 ? 34  ASP A O   1 
ATOM   294  C  CB  . ASP A 1 34  ? -1.989  21.416  0.830   1.00 16.32 ? 34  ASP A CB  1 
ATOM   295  C  CG  . ASP A 1 34  ? -1.113  22.665  1.123   1.00 15.99 ? 34  ASP A CG  1 
ATOM   296  O  OD1 . ASP A 1 34  ? -1.622  23.642  1.685   1.00 23.61 ? 34  ASP A OD1 1 
ATOM   297  O  OD2 . ASP A 1 34  ? 0.111   22.629  0.856   1.00 22.66 ? 34  ASP A OD2 1 
ATOM   298  N  N   . TRP A 1 35  ? -2.513  21.789  -2.363  1.00 13.97 ? 35  TRP A N   1 
ATOM   299  C  CA  . TRP A 1 35  ? -2.140  22.430  -3.614  1.00 13.71 ? 35  TRP A CA  1 
ATOM   300  C  C   . TRP A 1 35  ? -3.317  22.634  -4.557  1.00 15.91 ? 35  TRP A C   1 
ATOM   301  O  O   . TRP A 1 35  ? -3.168  23.249  -5.608  1.00 18.64 ? 35  TRP A O   1 
ATOM   302  C  CB  . TRP A 1 35  ? -1.077  21.594  -4.318  1.00 15.88 ? 35  TRP A CB  1 
ATOM   303  C  CG  . TRP A 1 35  ? 0.204   21.569  -3.614  1.00 14.71 ? 35  TRP A CG  1 
ATOM   304  C  CD1 . TRP A 1 35  ? 0.707   22.527  -2.786  1.00 19.23 ? 35  TRP A CD1 1 
ATOM   305  C  CD2 . TRP A 1 35  ? 1.188   20.533  -3.679  1.00 15.25 ? 35  TRP A CD2 1 
ATOM   306  N  NE1 . TRP A 1 35  ? 1.954   22.152  -2.324  1.00 17.53 ? 35  TRP A NE1 1 
ATOM   307  C  CE2 . TRP A 1 35  ? 2.263   20.925  -2.853  1.00 17.04 ? 35  TRP A CE2 1 
ATOM   308  C  CE3 . TRP A 1 35  ? 1.256   19.303  -4.345  1.00 15.69 ? 35  TRP A CE3 1 
ATOM   309  C  CZ2 . TRP A 1 35  ? 3.394   20.137  -2.683  1.00 17.58 ? 35  TRP A CZ2 1 
ATOM   310  C  CZ3 . TRP A 1 35  ? 2.368   18.529  -4.179  1.00 17.84 ? 35  TRP A CZ3 1 
ATOM   311  C  CH2 . TRP A 1 35  ? 3.430   18.947  -3.356  1.00 16.56 ? 35  TRP A CH2 1 
ATOM   312  N  N   . GLY A 1 36  ? -4.467  22.079  -4.216  1.00 12.19 ? 36  GLY A N   1 
ATOM   313  C  CA  . GLY A 1 36  ? -5.639  22.224  -5.060  1.00 12.56 ? 36  GLY A CA  1 
ATOM   314  C  C   . GLY A 1 36  ? -5.888  21.136  -6.081  1.00 14.20 ? 36  GLY A C   1 
ATOM   315  O  O   . GLY A 1 36  ? -6.700  21.315  -6.991  1.00 15.79 ? 36  GLY A O   1 
ATOM   316  N  N   . PHE A 1 37  ? -5.247  19.977  -5.923  1.00 13.31 ? 37  PHE A N   1 
ATOM   317  C  CA  . PHE A 1 37  ? -5.480  18.857  -6.840  1.00 12.44 ? 37  PHE A CA  1 
ATOM   318  C  C   . PHE A 1 37  ? -6.465  17.885  -6.212  1.00 15.11 ? 37  PHE A C   1 
ATOM   319  O  O   . PHE A 1 37  ? -6.080  16.850  -5.649  1.00 14.78 ? 37  PHE A O   1 
ATOM   320  C  CB  . PHE A 1 37  ? -4.152  18.159  -7.154  1.00 14.11 ? 37  PHE A CB  1 
ATOM   321  C  CG  . PHE A 1 37  ? -3.159  19.059  -7.824  1.00 13.88 ? 37  PHE A CG  1 
ATOM   322  C  CD1 . PHE A 1 37  ? -3.459  19.645  -9.045  1.00 14.08 ? 37  PHE A CD1 1 
ATOM   323  C  CD2 . PHE A 1 37  ? -1.945  19.329  -7.235  1.00 12.47 ? 37  PHE A CD2 1 
ATOM   324  C  CE1 . PHE A 1 37  ? -2.557  20.496  -9.664  1.00 14.00 ? 37  PHE A CE1 1 
ATOM   325  C  CE2 . PHE A 1 37  ? -1.036  20.193  -7.845  1.00 16.88 ? 37  PHE A CE2 1 
ATOM   326  C  CZ  . PHE A 1 37  ? -1.349  20.772  -9.055  1.00 13.93 ? 37  PHE A CZ  1 
ATOM   327  N  N   . SER A 1 38  ? -7.741  18.228  -6.291  1.00 13.82 ? 38  SER A N   1 
ATOM   328  C  CA  A SER A 1 38  ? -8.711  17.471  -5.528  0.50 16.42 ? 38  SER A CA  1 
ATOM   329  C  CA  B SER A 1 38  ? -8.790  17.493  -5.586  0.50 16.50 ? 38  SER A CA  1 
ATOM   330  C  C   . SER A 1 38  ? -8.889  16.054  -6.075  1.00 13.14 ? 38  SER A C   1 
ATOM   331  O  O   . SER A 1 38  ? -9.229  15.155  -5.322  1.00 14.89 ? 38  SER A O   1 
ATOM   332  C  CB  A SER A 1 38  ? -10.024 18.240  -5.426  0.50 18.58 ? 38  SER A CB  1 
ATOM   333  C  CB  B SER A 1 38  ? -10.150 18.195  -5.747  0.50 17.56 ? 38  SER A CB  1 
ATOM   334  O  OG  A SER A 1 38  ? -9.830  19.373  -4.589  0.50 20.40 ? 38  SER A OG  1 
ATOM   335  O  OG  B SER A 1 38  ? -10.729 17.976  -7.024  0.50 17.71 ? 38  SER A OG  1 
ATOM   336  N  N   . LYS A 1 39  ? -8.600  15.819  -7.362  1.00 14.13 ? 39  LYS A N   1 
ATOM   337  C  CA  . LYS A 1 39  ? -8.730  14.466  -7.884  1.00 15.14 ? 39  LYS A CA  1 
ATOM   338  C  C   . LYS A 1 39  ? -7.668  13.549  -7.294  1.00 12.55 ? 39  LYS A C   1 
ATOM   339  O  O   . LYS A 1 39  ? -7.914  12.360  -7.057  1.00 13.72 ? 39  LYS A O   1 
ATOM   340  C  CB  . LYS A 1 39  ? -8.664  14.432  -9.410  1.00 16.71 ? 39  LYS A CB  1 
ATOM   341  C  CG  . LYS A 1 39  ? -9.862  15.135  -10.065 1.00 26.57 ? 39  LYS A CG  1 
ATOM   342  C  CD  . LYS A 1 39  ? -10.043 14.723  -11.537 1.00 33.45 ? 39  LYS A CD  1 
ATOM   343  C  CE  . LYS A 1 39  ? -9.569  13.289  -11.786 1.00 41.91 ? 39  LYS A CE  1 
ATOM   344  N  NZ  . LYS A 1 39  ? -10.299 12.588  -12.887 1.00 70.92 ? 39  LYS A NZ  1 
ATOM   345  N  N   . LEU A 1 40  ? -6.484  14.098  -7.082  1.00 11.99 ? 40  LEU A N   1 
ATOM   346  C  CA  . LEU A 1 40  ? -5.402  13.336  -6.455  1.00 12.03 ? 40  LEU A CA  1 
ATOM   347  C  C   . LEU A 1 40  ? -5.693  13.100  -4.966  1.00 12.92 ? 40  LEU A C   1 
ATOM   348  O  O   . LEU A 1 40  ? -5.463  11.994  -4.456  1.00 13.96 ? 40  LEU A O   1 
ATOM   349  C  CB  . LEU A 1 40  ? -4.044  14.014  -6.682  1.00 11.49 ? 40  LEU A CB  1 
ATOM   350  C  CG  . LEU A 1 40  ? -3.550  13.902  -8.110  1.00 11.67 ? 40  LEU A CG  1 
ATOM   351  C  CD1 . LEU A 1 40  ? -2.326  14.790  -8.305  1.00 14.63 ? 40  LEU A CD1 1 
ATOM   352  C  CD2 . LEU A 1 40  ? -3.207  12.462  -8.474  1.00 16.01 ? 40  LEU A CD2 1 
ATOM   353  N  N   . TYR A 1 41  ? -6.205  14.129  -4.284  1.00 13.25 ? 41  TYR A N   1 
ATOM   354  C  CA  . TYR A 1 41  ? -6.664  13.974  -2.905  1.00 12.00 ? 41  TYR A CA  1 
ATOM   355  C  C   . TYR A 1 41  ? -7.654  12.818  -2.803  1.00 15.11 ? 41  TYR A C   1 
ATOM   356  O  O   . TYR A 1 41  ? -7.505  11.943  -1.962  1.00 13.48 ? 41  TYR A O   1 
ATOM   357  C  CB  . TYR A 1 41  ? -7.315  15.251  -2.382  1.00 13.60 ? 41  TYR A CB  1 
ATOM   358  C  CG  . TYR A 1 41  ? -8.088  14.971  -1.121  1.00 13.42 ? 41  TYR A CG  1 
ATOM   359  C  CD1 . TYR A 1 41  ? -9.447  14.717  -1.173  1.00 18.42 ? 41  TYR A CD1 1 
ATOM   360  C  CD2 . TYR A 1 41  ? -7.455  14.899  0.104   1.00 15.76 ? 41  TYR A CD2 1 
ATOM   361  C  CE1 . TYR A 1 41  ? -10.164 14.425  -0.023  1.00 17.69 ? 41  TYR A CE1 1 
ATOM   362  C  CE2 . TYR A 1 41  ? -8.161  14.620  1.264   1.00 13.30 ? 41  TYR A CE2 1 
ATOM   363  C  CZ  . TYR A 1 41  ? -9.513  14.382  1.190   1.00 18.99 ? 41  TYR A CZ  1 
ATOM   364  O  OH  . TYR A 1 41  ? -10.215 14.086  2.348   1.00 20.54 ? 41  TYR A OH  1 
ATOM   365  N  N   . GLU A 1 42  ? -8.697  12.834  -3.632  1.00 14.62 ? 42  GLU A N   1 
ATOM   366  C  CA  . GLU A 1 42  ? -9.705  11.791  -3.559  1.00 13.83 ? 42  GLU A CA  1 
ATOM   367  C  C   . GLU A 1 42  ? -9.134  10.396  -3.779  1.00 12.94 ? 42  GLU A C   1 
ATOM   368  O  O   . GLU A 1 42  ? -9.487  9.455   -3.062  1.00 13.31 ? 42  GLU A O   1 
ATOM   369  C  CB  . GLU A 1 42  ? -10.826 12.080  -4.557  1.00 14.75 ? 42  GLU A CB  1 
ATOM   370  C  CG  . GLU A 1 42  ? -11.619 13.341  -4.213  1.00 20.02 ? 42  GLU A CG  1 
ATOM   371  C  CD  . GLU A 1 42  ? -12.495 13.202  -2.953  1.00 32.13 ? 42  GLU A CD  1 
ATOM   372  O  OE1 . GLU A 1 42  ? -12.813 12.065  -2.539  1.00 35.15 ? 42  GLU A OE1 1 
ATOM   373  O  OE2 . GLU A 1 42  ? -12.872 14.244  -2.376  1.00 36.30 ? 42  GLU A OE2 1 
ATOM   374  N  N   . ARG A 1 43  ? -8.280  10.220  -4.786  1.00 13.59 ? 43  ARG A N   1 
ATOM   375  C  CA  . ARG A 1 43  ? -7.746  8.900   -5.049  1.00 13.00 ? 43  ARG A CA  1 
ATOM   376  C  C   . ARG A 1 43  ? -6.897  8.418   -3.882  1.00 12.61 ? 43  ARG A C   1 
ATOM   377  O  O   . ARG A 1 43  ? -7.076  7.303   -3.411  1.00 14.63 ? 43  ARG A O   1 
ATOM   378  C  CB  . ARG A 1 43  ? -6.915  8.873   -6.330  1.00 14.28 ? 43  ARG A CB  1 
ATOM   379  C  CG  . ARG A 1 43  ? -6.238  7.571   -6.542  1.00 17.47 ? 43  ARG A CG  1 
ATOM   380  C  CD  . ARG A 1 43  ? -7.165  6.552   -7.124  1.00 24.78 ? 43  ARG A CD  1 
ATOM   381  N  NE  . ARG A 1 43  ? -6.564  5.220   -7.086  1.00 31.17 ? 43  ARG A NE  1 
ATOM   382  C  CZ  . ARG A 1 43  ? -6.943  4.202   -7.850  1.00 39.58 ? 43  ARG A CZ  1 
ATOM   383  N  NH1 . ARG A 1 43  ? -7.899  4.354   -8.760  1.00 40.34 ? 43  ARG A NH1 1 
ATOM   384  N  NH2 . ARG A 1 43  ? -6.333  3.033   -7.728  1.00 39.10 ? 43  ARG A NH2 1 
ATOM   385  N  N   . LEU A 1 44  ? -5.962  9.250   -3.423  1.00 12.19 ? 44  LEU A N   1 
ATOM   386  C  CA  . LEU A 1 44  ? -5.059  8.805   -2.364  1.00 11.74 ? 44  LEU A CA  1 
ATOM   387  C  C   . LEU A 1 44  ? -5.764  8.692   -1.015  1.00 12.71 ? 44  LEU A C   1 
ATOM   388  O  O   . LEU A 1 44  ? -5.367  7.898   -0.184  1.00 13.42 ? 44  LEU A O   1 
ATOM   389  C  CB  . LEU A 1 44  ? -3.807  9.690   -2.259  1.00 13.10 ? 44  LEU A CB  1 
ATOM   390  C  CG  . LEU A 1 44  ? -2.675  9.397   -3.261  1.00 17.63 ? 44  LEU A CG  1 
ATOM   391  C  CD1 . LEU A 1 44  ? -2.305  7.939   -3.256  1.00 34.79 ? 44  LEU A CD1 1 
ATOM   392  C  CD2 . LEU A 1 44  ? -3.024  9.792   -4.668  1.00 19.04 ? 44  LEU A CD2 1 
ATOM   393  N  N   . ASN A 1 45  ? -6.798  9.485   -0.789  1.00 11.53 ? 45  ASN A N   1 
ATOM   394  C  CA  . ASN A 1 45  ? -7.622  9.293   0.396   1.00 11.15 ? 45  ASN A CA  1 
ATOM   395  C  C   . ASN A 1 45  ? -8.284  7.926   0.385   1.00 13.05 ? 45  ASN A C   1 
ATOM   396  O  O   . ASN A 1 45  ? -8.324  7.233   1.401   1.00 12.73 ? 45  ASN A O   1 
ATOM   397  C  CB  . ASN A 1 45  ? -8.650  10.405  0.540   1.00 11.87 ? 45  ASN A CB  1 
ATOM   398  C  CG  . ASN A 1 45  ? -9.499  10.220  1.775   1.00 15.93 ? 45  ASN A CG  1 
ATOM   399  O  OD1 . ASN A 1 45  ? -8.996  10.236  2.899   1.00 14.67 ? 45  ASN A OD1 1 
ATOM   400  N  ND2 . ASN A 1 45  ? -10.798 10.000  1.576   1.00 20.67 ? 45  ASN A ND2 1 
ATOM   401  N  N   . HIS A 1 46  ? -8.765  7.527   -0.784  1.00 10.77 ? 46  HIS A N   1 
ATOM   402  C  CA  . HIS A 1 46  ? -9.322  6.191   -0.959  1.00 12.93 ? 46  HIS A CA  1 
ATOM   403  C  C   . HIS A 1 46  ? -8.258  5.131   -0.701  1.00 13.27 ? 46  HIS A C   1 
ATOM   404  O  O   . HIS A 1 46  ? -8.507  4.135   -0.017  1.00 12.44 ? 46  HIS A O   1 
ATOM   405  C  CB  . HIS A 1 46  ? -9.908  6.056   -2.368  1.00 14.87 ? 46  HIS A CB  1 
ATOM   406  C  CG  . HIS A 1 46  ? -10.363 4.673   -2.701  1.00 23.23 ? 46  HIS A CG  1 
ATOM   407  N  ND1 . HIS A 1 46  ? -11.556 4.166   -2.238  1.00 32.41 ? 46  HIS A ND1 1 
ATOM   408  C  CD2 . HIS A 1 46  ? -9.796  3.695   -3.446  1.00 36.36 ? 46  HIS A CD2 1 
ATOM   409  C  CE1 . HIS A 1 46  ? -11.703 2.928   -2.676  1.00 36.81 ? 46  HIS A CE1 1 
ATOM   410  N  NE2 . HIS A 1 46  ? -10.649 2.619   -3.413  1.00 36.77 ? 46  HIS A NE2 1 
ATOM   411  N  N   . GLU A 1 47  ? -7.055  5.354   -1.225  1.00 11.31 ? 47  GLU A N   1 
ATOM   412  C  CA  . GLU A 1 47  ? -5.960  4.415   -1.002  1.00 11.31 ? 47  GLU A CA  1 
ATOM   413  C  C   . GLU A 1 47  ? -5.556  4.311   0.480   1.00 12.96 ? 47  GLU A C   1 
ATOM   414  O  O   . GLU A 1 47  ? -5.303  3.228   0.965   1.00 12.41 ? 47  GLU A O   1 
ATOM   415  C  CB  . GLU A 1 47  ? -4.744  4.757   -1.860  1.00 14.39 ? 47  GLU A CB  1 
ATOM   416  C  CG  . GLU A 1 47  ? -5.019  4.691   -3.367  1.00 18.80 ? 47  GLU A CG  1 
ATOM   417  C  CD  . GLU A 1 47  ? -5.670  3.392   -3.751  1.00 41.76 ? 47  GLU A CD  1 
ATOM   418  O  OE1 . GLU A 1 47  ? -5.256  2.362   -3.182  1.00 50.94 ? 47  GLU A OE1 1 
ATOM   419  O  OE2 . GLU A 1 47  ? -6.602  3.393   -4.584  1.00 45.31 ? 47  GLU A OE2 1 
ATOM   420  N  N   . MET A 1 48  ? -5.541  5.420   1.198   1.00 11.85 ? 48  MET A N   1 
ATOM   421  C  CA  . MET A 1 48  ? -5.343  5.389   2.654   1.00 9.27  ? 48  MET A CA  1 
ATOM   422  C  C   . MET A 1 48  ? -6.368  4.483   3.332   1.00 10.49 ? 48  MET A C   1 
ATOM   423  O  O   . MET A 1 48  ? -6.014  3.683   4.204   1.00 10.78 ? 48  MET A O   1 
ATOM   424  C  CB  . MET A 1 48  ? -5.472  6.788   3.259   1.00 11.40 ? 48  MET A CB  1 
ATOM   425  C  CG  . MET A 1 48  ? -5.272  6.779   4.740   1.00 13.16 ? 48  MET A CG  1 
ATOM   426  S  SD  . MET A 1 48  ? -5.364  8.398   5.481   1.00 14.68 ? 48  MET A SD  1 
ATOM   427  C  CE  . MET A 1 48  ? -7.118  8.716   5.347   1.00 20.36 ? 48  MET A CE  1 
ATOM   428  N  N   . GLU A 1 49  ? -7.641  4.612   2.967   1.00 11.67 ? 49  GLU A N   1 
ATOM   429  C  CA  . GLU A 1 49  ? -8.687  3.765   3.536   1.00 10.74 ? 49  GLU A CA  1 
ATOM   430  C  C   . GLU A 1 49  ? -8.462  2.294   3.185   1.00 12.15 ? 49  GLU A C   1 
ATOM   431  O  O   . GLU A 1 49  ? -8.624  1.417   4.037   1.00 11.35 ? 49  GLU A O   1 
ATOM   432  C  CB  . GLU A 1 49  ? -10.081 4.246   3.050   1.00 10.69 ? 49  GLU A CB  1 
ATOM   433  C  CG  . GLU A 1 49  ? -10.366 5.649   3.518   1.00 17.78 ? 49  GLU A CG  1 
ATOM   434  C  CD  . GLU A 1 49  ? -11.624 6.296   2.910   1.00 34.43 ? 49  GLU A CD  1 
ATOM   435  O  OE1 . GLU A 1 49  ? -12.127 5.820   1.867   1.00 33.03 ? 49  GLU A OE1 1 
ATOM   436  O  OE2 . GLU A 1 49  ? -12.086 7.313   3.483   1.00 27.13 ? 49  GLU A OE2 1 
ATOM   437  N  N   . GLU A 1 50  ? -8.059  2.020   1.944   1.00 10.81 ? 50  GLU A N   1 
ATOM   438  C  CA  . GLU A 1 50  ? -7.804  0.647   1.533   1.00 12.30 ? 50  GLU A CA  1 
ATOM   439  C  C   . GLU A 1 50  ? -6.614  0.051   2.289   1.00 12.44 ? 50  GLU A C   1 
ATOM   440  O  O   . GLU A 1 50  ? -6.640  -1.128  2.646   1.00 12.86 ? 50  GLU A O   1 
ATOM   441  C  CB  . GLU A 1 50  ? -7.549  0.567   0.034   1.00 15.29 ? 50  GLU A CB  1 
ATOM   442  C  CG  . GLU A 1 50  ? -8.778  0.913   -0.797  1.00 19.89 ? 50  GLU A CG  1 
ATOM   443  C  CD  . GLU A 1 50  ? -9.488  -0.302  -1.351  1.00 48.67 ? 50  GLU A CD  1 
ATOM   444  O  OE1 . GLU A 1 50  ? -9.254  -1.425  -0.856  1.00 55.89 ? 50  GLU A OE1 1 
ATOM   445  O  OE2 . GLU A 1 50  ? -10.280 -0.127  -2.301  1.00 59.40 ? 50  GLU A OE2 1 
ATOM   446  N  N   . GLU A 1 51  ? -5.563  0.829   2.519   1.00 12.09 ? 51  GLU A N   1 
ATOM   447  C  CA  . GLU A 1 51  ? -4.426  0.291   3.275   1.00 12.83 ? 51  GLU A CA  1 
ATOM   448  C  C   . GLU A 1 51  ? -4.803  0.068   4.741   1.00 13.00 ? 51  GLU A C   1 
ATOM   449  O  O   . GLU A 1 51  ? -4.297  -0.837  5.388   1.00 12.69 ? 51  GLU A O   1 
ATOM   450  C  CB  . GLU A 1 51  ? -3.207  1.217   3.205   1.00 12.59 ? 51  GLU A CB  1 
ATOM   451  C  CG  . GLU A 1 51  ? -2.637  1.426   1.856   1.00 15.68 ? 51  GLU A CG  1 
ATOM   452  C  CD  . GLU A 1 51  ? -2.034  0.188   1.267   1.00 20.20 ? 51  GLU A CD  1 
ATOM   453  O  OE1 . GLU A 1 51  ? -1.831  -0.798  1.997   1.00 25.26 ? 51  GLU A OE1 1 
ATOM   454  O  OE2 . GLU A 1 51  ? -1.700  0.248   0.078   1.00 26.26 ? 51  GLU A OE2 1 
ATOM   455  N  N   . THR A 1 52  ? -5.670  0.913   5.298   1.00 10.53 ? 52  THR A N   1 
ATOM   456  C  CA  . THR A 1 52  ? -6.164  0.697   6.664   1.00 9.56  ? 52  THR A CA  1 
ATOM   457  C  C   . THR A 1 52  ? -6.918  -0.624  6.735   1.00 10.40 ? 52  THR A C   1 
ATOM   458  O  O   . THR A 1 52  ? -6.766  -1.387  7.677   1.00 10.62 ? 52  THR A O   1 
ATOM   459  C  CB  . THR A 1 52  ? -7.054  1.867   7.122   1.00 11.17 ? 52  THR A CB  1 
ATOM   460  O  OG1 . THR A 1 52  ? -6.331  3.093   6.987   1.00 13.15 ? 52  THR A OG1 1 
ATOM   461  C  CG2 . THR A 1 52  ? -7.471  1.700   8.553   1.00 14.50 ? 52  THR A CG2 1 
ATOM   462  N  N   . GLN A 1 53  ? -7.750  -0.899  5.736   1.00 10.56 ? 53  GLN A N   1 
ATOM   463  C  CA  . GLN A 1 53  ? -8.423  -2.197  5.672   1.00 12.05 ? 53  GLN A CA  1 
ATOM   464  C  C   . GLN A 1 53  ? -7.466  -3.364  5.503   1.00 10.56 ? 53  GLN A C   1 
ATOM   465  O  O   . GLN A 1 53  ? -7.664  -4.408  6.130   1.00 12.13 ? 53  GLN A O   1 
ATOM   466  C  CB  . GLN A 1 53  ? -9.462  -2.202  4.541   1.00 12.11 ? 53  GLN A CB  1 
ATOM   467  C  CG  . GLN A 1 53  ? -10.573 -1.191  4.755   1.00 18.80 ? 53  GLN A CG  1 
ATOM   468  C  CD  . GLN A 1 53  ? -11.475 -1.043  3.534   1.00 38.92 ? 53  GLN A CD  1 
ATOM   469  O  OE1 . GLN A 1 53  ? -11.318 -1.755  2.544   1.00 44.82 ? 53  GLN A OE1 1 
ATOM   470  N  NE2 . GLN A 1 53  ? -12.420 -0.105  3.603   1.00 38.15 ? 53  GLN A NE2 1 
ATOM   471  N  N   . HIS A 1 54  ? -6.431  -3.201  4.687   1.00 9.71  ? 54  HIS A N   1 
ATOM   472  C  CA  . HIS A 1 54  ? -5.421  -4.242  4.541   1.00 9.29  ? 54  HIS A CA  1 
ATOM   473  C  C   . HIS A 1 54  ? -4.726  -4.480  5.880   1.00 11.23 ? 54  HIS A C   1 
ATOM   474  O  O   . HIS A 1 54  ? -4.578  -5.616  6.319   1.00 10.68 ? 54  HIS A O   1 
ATOM   475  C  CB  . HIS A 1 54  ? -4.343  -3.857  3.534   1.00 13.22 ? 54  HIS A CB  1 
ATOM   476  C  CG  . HIS A 1 54  ? -4.760  -3.926  2.101   1.00 15.27 ? 54  HIS A CG  1 
ATOM   477  N  ND1 . HIS A 1 54  ? -3.933  -3.483  1.091   1.00 24.29 ? 54  HIS A ND1 1 
ATOM   478  C  CD2 . HIS A 1 54  ? -5.864  -4.418  1.501   1.00 16.96 ? 54  HIS A CD2 1 
ATOM   479  C  CE1 . HIS A 1 54  ? -4.522  -3.678  -0.074  1.00 26.51 ? 54  HIS A CE1 1 
ATOM   480  N  NE2 . HIS A 1 54  ? -5.695  -4.236  0.145   1.00 17.80 ? 54  HIS A NE2 1 
ATOM   481  N  N   . ALA A 1 55  ? -4.310  -3.406  6.551   1.00 10.88 ? 55  ALA A N   1 
ATOM   482  C  CA  . ALA A 1 55  ? -3.678  -3.533  7.863   1.00 9.61  ? 55  ALA A CA  1 
ATOM   483  C  C   . ALA A 1 55  ? -4.615  -4.237  8.852   1.00 8.47  ? 55  ALA A C   1 
ATOM   484  O  O   . ALA A 1 55  ? -4.213  -5.116  9.606   1.00 9.95  ? 55  ALA A O   1 
ATOM   485  C  CB  . ALA A 1 55  ? -3.285  -2.151  8.399   1.00 9.84  ? 55  ALA A CB  1 
ATOM   486  N  N   . ASP A 1 56  ? -5.885  -3.838  8.850   1.00 9.14  ? 56  ASP A N   1 
ATOM   487  C  CA  . ASP A 1 56  ? -6.878  -4.426  9.729   1.00 9.78  ? 56  ASP A CA  1 
ATOM   488  C  C   . ASP A 1 56  ? -6.961  -5.941  9.511   1.00 9.35  ? 56  ASP A C   1 
ATOM   489  O  O   . ASP A 1 56  ? -6.989  -6.718  10.461  1.00 10.36 ? 56  ASP A O   1 
ATOM   490  C  CB  . ASP A 1 56  ? -8.233  -3.768  9.451   1.00 10.61 ? 56  ASP A CB  1 
ATOM   491  C  CG  . ASP A 1 56  ? -9.258  -3.998  10.544  1.00 11.75 ? 56  ASP A CG  1 
ATOM   492  O  OD1 . ASP A 1 56  ? -8.936  -4.484  11.654  1.00 11.50 ? 56  ASP A OD1 1 
ATOM   493  O  OD2 . ASP A 1 56  ? -10.449 -3.626  10.296  1.00 14.51 ? 56  ASP A OD2 1 
ATOM   494  N  N   . ALA A 1 57  ? -7.006  -6.366  8.251   1.00 9.31  ? 57  ALA A N   1 
ATOM   495  C  CA  . ALA A 1 57  ? -7.088  -7.797  7.967   1.00 10.88 ? 57  ALA A CA  1 
ATOM   496  C  C   . ALA A 1 57  ? -5.875  -8.531  8.524   1.00 10.00 ? 57  ALA A C   1 
ATOM   497  O  O   . ALA A 1 57  ? -6.008  -9.609  9.102   1.00 10.98 ? 57  ALA A O   1 
ATOM   498  C  CB  . ALA A 1 57  ? -7.225  -8.054  6.478   1.00 10.74 ? 57  ALA A CB  1 
ATOM   499  N  N   . LEU A 1 58  ? -4.691  -7.951  8.391   1.00 10.28 ? 58  LEU A N   1 
ATOM   500  C  CA  . LEU A 1 58  ? -3.499  -8.604  8.955   1.00 10.51 ? 58  LEU A CA  1 
ATOM   501  C  C   . LEU A 1 58  ? -3.515  -8.654  10.463  1.00 11.50 ? 58  LEU A C   1 
ATOM   502  O  O   . LEU A 1 58  ? -3.216  -9.683  11.065  1.00 11.29 ? 58  LEU A O   1 
ATOM   503  C  CB  . LEU A 1 58  ? -2.203  -7.912  8.476   1.00 10.70 ? 58  LEU A CB  1 
ATOM   504  C  CG  . LEU A 1 58  ? -2.027  -7.964  6.976   1.00 11.10 ? 58  LEU A CG  1 
ATOM   505  C  CD1 . LEU A 1 58  ? -0.797  -7.159  6.577   1.00 16.65 ? 58  LEU A CD1 1 
ATOM   506  C  CD2 . LEU A 1 58  ? -1.932  -9.365  6.436   1.00 18.95 ? 58  LEU A CD2 1 
ATOM   507  N  N   . LEU A 1 59  ? -3.854  -7.535  11.079  1.00 9.44  ? 59  LEU A N   1 
ATOM   508  C  CA  . LEU A 1 59  ? -3.916  -7.428  12.524  1.00 9.58  ? 59  LEU A CA  1 
ATOM   509  C  C   . LEU A 1 59  ? -4.868  -8.466  13.094  1.00 11.53 ? 59  LEU A C   1 
ATOM   510  O  O   . LEU A 1 59  ? -4.526  -9.190  14.039  1.00 10.78 ? 59  LEU A O   1 
ATOM   511  C  CB  . LEU A 1 59  ? -4.353  -6.000  12.861  1.00 9.97  ? 59  LEU A CB  1 
ATOM   512  C  CG  . LEU A 1 59  ? -4.288  -5.492  14.290  1.00 14.44 ? 59  LEU A CG  1 
ATOM   513  C  CD1 . LEU A 1 59  ? -4.506  -3.948  14.301  1.00 13.52 ? 59  LEU A CD1 1 
ATOM   514  C  CD2 . LEU A 1 59  ? -5.295  -6.225  15.133  1.00 19.84 ? 59  LEU A CD2 1 
ATOM   515  N  N   . ARG A 1 60  ? -6.059  -8.586  12.502  1.00 10.39 ? 60  ARG A N   1 
ATOM   516  C  CA  . ARG A 1 60  ? -7.043  -9.523  13.005  1.00 10.80 ? 60  ARG A CA  1 
ATOM   517  C  C   . ARG A 1 60  ? -6.587  -10.953 12.785  1.00 8.96  ? 60  ARG A C   1 
ATOM   518  O  O   . ARG A 1 60  ? -6.822  -11.796 13.638  1.00 10.38 ? 60  ARG A O   1 
ATOM   519  C  CB  . ARG A 1 60  ? -8.394  -9.302  12.311  1.00 12.23 ? 60  ARG A CB  1 
ATOM   520  C  CG  . ARG A 1 60  ? -9.028  -7.976  12.678  1.00 12.82 ? 60  ARG A CG  1 
ATOM   521  C  CD  . ARG A 1 60  ? -10.457 -7.931  12.228  1.00 18.95 ? 60  ARG A CD  1 
ATOM   522  N  NE  . ARG A 1 60  ? -10.936 -6.565  12.084  1.00 14.28 ? 60  ARG A NE  1 
ATOM   523  C  CZ  . ARG A 1 60  ? -12.146 -6.131  12.409  1.00 19.99 ? 60  ARG A CZ  1 
ATOM   524  N  NH1 . ARG A 1 60  ? -13.046 -6.931  12.949  1.00 22.13 ? 60  ARG A NH1 1 
ATOM   525  N  NH2 . ARG A 1 60  ? -12.455 -4.874  12.163  1.00 17.17 ? 60  ARG A NH2 1 
ATOM   526  N  N   . ARG A 1 61  ? -5.891  -11.225 11.682  1.00 9.82  ? 61  ARG A N   1 
ATOM   527  C  CA  . ARG A 1 61  ? -5.376  -12.577 11.420  1.00 9.12  ? 61  ARG A CA  1 
ATOM   528  C  C   . ARG A 1 61  ? -4.304  -12.945 12.438  1.00 9.77  ? 61  ARG A C   1 
ATOM   529  O  O   . ARG A 1 61  ? -4.298  -14.044 12.957  1.00 11.53 ? 61  ARG A O   1 
ATOM   530  C  CB  . ARG A 1 61  ? -4.803  -12.673 10.004  1.00 10.98 ? 61  ARG A CB  1 
ATOM   531  C  CG  . ARG A 1 61  ? -4.258  -14.071 9.664   1.00 10.83 ? 61  ARG A CG  1 
ATOM   532  C  CD  . ARG A 1 61  ? -5.366  -15.109 9.619   1.00 11.17 ? 61  ARG A CD  1 
ATOM   533  N  NE  . ARG A 1 61  ? -4.843  -16.407 9.219   1.00 11.45 ? 61  ARG A NE  1 
ATOM   534  C  CZ  . ARG A 1 61  ? -5.494  -17.557 9.338   1.00 13.91 ? 61  ARG A CZ  1 
ATOM   535  N  NH1 . ARG A 1 61  ? -6.761  -17.603 9.761   1.00 14.34 ? 61  ARG A NH1 1 
ATOM   536  N  NH2 . ARG A 1 61  ? -4.868  -18.668 9.007   1.00 12.52 ? 61  ARG A NH2 1 
ATOM   537  N  N   . ILE A 1 62  ? -3.418  -11.989 12.747  1.00 10.06 ? 62  ILE A N   1 
ATOM   538  C  CA  . ILE A 1 62  ? -2.363  -12.213 13.745  1.00 10.23 ? 62  ILE A CA  1 
ATOM   539  C  C   . ILE A 1 62  ? -2.983  -12.522 15.096  1.00 11.24 ? 62  ILE A C   1 
ATOM   540  O  O   . ILE A 1 62  ? -2.561  -13.465 15.764  1.00 11.76 ? 62  ILE A O   1 
ATOM   541  C  CB  . ILE A 1 62  ? -1.447  -10.991 13.826  1.00 12.04 ? 62  ILE A CB  1 
ATOM   542  C  CG1 . ILE A 1 62  ? -0.597  -10.899 12.572  1.00 11.37 ? 62  ILE A CG1 1 
ATOM   543  C  CG2 . ILE A 1 62  ? -0.539  -11.050 15.037  1.00 14.19 ? 62  ILE A CG2 1 
ATOM   544  C  CD1 . ILE A 1 62  ? -0.108  -9.472  12.223  1.00 11.67 ? 62  ILE A CD1 1 
ATOM   545  N  N   . LEU A 1 63  ? -4.024  -11.777 15.489  1.00 9.74  ? 63  LEU A N   1 
ATOM   546  C  CA  . LEU A 1 63  ? -4.710  -12.074 16.744  1.00 11.24 ? 63  LEU A CA  1 
ATOM   547  C  C   . LEU A 1 63  ? -5.348  -13.463 16.771  1.00 10.30 ? 63  LEU A C   1 
ATOM   548  O  O   . LEU A 1 63  ? -5.268  -14.194 17.771  1.00 12.58 ? 63  LEU A O   1 
ATOM   549  C  CB  . LEU A 1 63  ? -5.778  -11.006 17.045  1.00 9.95  ? 63  LEU A CB  1 
ATOM   550  C  CG  . LEU A 1 63  ? -5.191  -9.652  17.473  1.00 12.16 ? 63  LEU A CG  1 
ATOM   551  C  CD1 . LEU A 1 63  ? -6.331  -8.653  17.536  1.00 13.28 ? 63  LEU A CD1 1 
ATOM   552  C  CD2 . LEU A 1 63  ? -4.421  -9.661  18.815  1.00 12.24 ? 63  LEU A CD2 1 
ATOM   553  N  N   . LEU A 1 64  ? -5.993  -13.836 15.663  1.00 11.23 ? 64  LEU A N   1 
ATOM   554  C  CA  . LEU A 1 64  ? -6.662  -15.126 15.565  1.00 10.73 ? 64  LEU A CA  1 
ATOM   555  C  C   . LEU A 1 64  ? -5.645  -16.257 15.794  1.00 14.71 ? 64  LEU A C   1 
ATOM   556  O  O   . LEU A 1 64  ? -5.961  -17.275 16.412  1.00 14.95 ? 64  LEU A O   1 
ATOM   557  C  CB  . LEU A 1 64  ? -7.346  -15.256 14.214  1.00 12.01 ? 64  LEU A CB  1 
ATOM   558  C  CG  . LEU A 1 64  ? -8.056  -16.590 13.911  1.00 16.53 ? 64  LEU A CG  1 
ATOM   559  C  CD1 . LEU A 1 64  ? -9.067  -16.413 12.824  1.00 19.09 ? 64  LEU A CD1 1 
ATOM   560  C  CD2 . LEU A 1 64  ? -7.068  -17.627 13.498  1.00 17.24 ? 64  LEU A CD2 1 
ATOM   561  N  N   . LEU A 1 65  ? -4.438  -16.047 15.276  1.00 10.74 ? 65  LEU A N   1 
ATOM   562  C  CA  . LEU A 1 65  ? -3.329  -17.002 15.345  1.00 11.42 ? 65  LEU A CA  1 
ATOM   563  C  C   . LEU A 1 65  ? -2.579  -16.903 16.680  1.00 15.34 ? 65  LEU A C   1 
ATOM   564  O  O   . LEU A 1 65  ? -1.525  -17.523 16.865  1.00 14.76 ? 65  LEU A O   1 
ATOM   565  C  CB  . LEU A 1 65  ? -2.379  -16.813 14.174  1.00 12.77 ? 65  LEU A CB  1 
ATOM   566  C  CG  . LEU A 1 65  ? -2.966  -17.110 12.792  1.00 11.73 ? 65  LEU A CG  1 
ATOM   567  C  CD1 . LEU A 1 65  ? -1.961  -16.812 11.716  1.00 14.27 ? 65  LEU A CD1 1 
ATOM   568  C  CD2 . LEU A 1 65  ? -3.492  -18.528 12.672  1.00 15.76 ? 65  LEU A CD2 1 
ATOM   569  N  N   . GLU A 1 66  ? -3.123  -16.115 17.603  1.00 14.67 ? 66  GLU A N   1 
ATOM   570  C  CA  . GLU A 1 66  ? -2.598  -15.995 18.956  1.00 14.14 ? 66  GLU A CA  1 
ATOM   571  C  C   . GLU A 1 66  ? -1.263  -15.260 19.008  1.00 16.61 ? 66  GLU A C   1 
ATOM   572  O  O   . GLU A 1 66  ? -0.487  -15.398 19.960  1.00 17.52 ? 66  GLU A O   1 
ATOM   573  C  CB  . GLU A 1 66  ? -2.550  -17.361 19.655  1.00 18.06 ? 66  GLU A CB  1 
ATOM   574  C  CG  . GLU A 1 66  ? -3.926  -18.033 19.619  1.00 18.75 ? 66  GLU A CG  1 
ATOM   575  C  CD  . GLU A 1 66  ? -4.045  -19.252 20.479  1.00 29.67 ? 66  GLU A CD  1 
ATOM   576  O  OE1 . GLU A 1 66  ? -3.222  -19.429 21.396  1.00 26.73 ? 66  GLU A OE1 1 
ATOM   577  O  OE2 . GLU A 1 66  ? -4.984  -20.034 20.229  1.00 21.93 ? 66  GLU A OE2 1 
ATOM   578  N  N   . GLY A 1 67  ? -1.007  -14.453 17.989  1.00 12.95 ? 67  GLY A N   1 
ATOM   579  C  CA  . GLY A 1 67  ? 0.156   -13.598 17.988  1.00 14.58 ? 67  GLY A CA  1 
ATOM   580  C  C   . GLY A 1 67  ? -0.135  -12.231 18.542  1.00 15.09 ? 67  GLY A C   1 
ATOM   581  O  O   . GLY A 1 67  ? -1.275  -11.870 18.842  1.00 14.77 ? 67  GLY A O   1 
ATOM   582  N  N   . THR A 1 68  ? 0.926   -11.463 18.695  1.00 13.12 ? 68  THR A N   1 
ATOM   583  C  CA  . THR A 1 68  ? 0.837   -10.102 19.192  1.00 13.57 ? 68  THR A CA  1 
ATOM   584  C  C   . THR A 1 68  ? 1.197   -9.125  18.071  1.00 14.36 ? 68  THR A C   1 
ATOM   585  O  O   . THR A 1 68  ? 2.337   -9.102  17.577  1.00 16.35 ? 68  THR A O   1 
ATOM   586  C  CB  . THR A 1 68  ? 1.820   -9.898  20.361  1.00 18.13 ? 68  THR A CB  1 
ATOM   587  O  OG1 . THR A 1 68  ? 1.513   -10.811 21.424  1.00 20.76 ? 68  THR A OG1 1 
ATOM   588  C  CG2 . THR A 1 68  ? 1.747   -8.473  20.875  1.00 20.26 ? 68  THR A CG2 1 
ATOM   589  N  N   . PRO A 1 69  ? 0.226   -8.307  17.630  1.00 14.29 ? 69  PRO A N   1 
ATOM   590  C  CA  . PRO A 1 69  ? 0.539   -7.415  16.516  1.00 12.66 ? 69  PRO A CA  1 
ATOM   591  C  C   . PRO A 1 69  ? 1.574   -6.348  16.835  1.00 14.99 ? 69  PRO A C   1 
ATOM   592  O  O   . PRO A 1 69  ? 1.586   -5.777  17.917  1.00 16.14 ? 69  PRO A O   1 
ATOM   593  C  CB  . PRO A 1 69  ? -0.820  -6.764  16.189  1.00 14.33 ? 69  PRO A CB  1 
ATOM   594  C  CG  . PRO A 1 69  ? -1.831  -7.774  16.653  1.00 14.16 ? 69  PRO A CG  1 
ATOM   595  C  CD  . PRO A 1 69  ? -1.225  -8.345  17.910  1.00 14.00 ? 69  PRO A CD  1 
ATOM   596  N  N   . ARG A 1 70  ? 2.429   -6.095  15.857  1.00 11.63 ? 70  ARG A N   1 
ATOM   597  C  CA  . ARG A 1 70  ? 3.406   -5.004  15.919  1.00 13.65 ? 70  ARG A CA  1 
ATOM   598  C  C   . ARG A 1 70  ? 2.792   -3.766  15.259  1.00 13.83 ? 70  ARG A C   1 
ATOM   599  O  O   . ARG A 1 70  ? 2.500   -3.775  14.061  1.00 13.76 ? 70  ARG A O   1 
ATOM   600  C  CB  . ARG A 1 70  ? 4.713   -5.412  15.221  1.00 18.07 ? 70  ARG A CB  1 
ATOM   601  C  CG  . ARG A 1 70  ? 5.399   -6.591  15.920  1.00 24.01 ? 70  ARG A CG  1 
ATOM   602  C  CD  . ARG A 1 70  ? 6.903   -6.604  15.726  1.00 43.07 ? 70  ARG A CD  1 
ATOM   603  N  NE  . ARG A 1 70  ? 7.286   -6.694  14.326  1.00 24.83 ? 70  ARG A NE  1 
ATOM   604  C  CZ  . ARG A 1 70  ? 7.624   -7.808  13.690  1.00 17.89 ? 70  ARG A CZ  1 
ATOM   605  N  NH1 . ARG A 1 70  ? 7.633   -8.990  14.301  1.00 31.52 ? 70  ARG A NH1 1 
ATOM   606  N  NH2 . ARG A 1 70  ? 7.968   -7.742  12.420  1.00 20.55 ? 70  ARG A NH2 1 
ATOM   607  N  N   . MET A 1 71  ? 2.582   -2.718  16.052  1.00 11.89 ? 71  MET A N   1 
ATOM   608  C  CA  . MET A 1 71  ? 1.841   -1.526  15.597  1.00 12.97 ? 71  MET A CA  1 
ATOM   609  C  C   . MET A 1 71  ? 2.696   -0.319  15.208  1.00 11.80 ? 71  MET A C   1 
ATOM   610  O  O   . MET A 1 71  ? 2.197   0.703   14.759  1.00 13.90 ? 71  MET A O   1 
ATOM   611  C  CB  . MET A 1 71  ? 0.844   -1.101  16.666  1.00 13.69 ? 71  MET A CB  1 
ATOM   612  C  CG  . MET A 1 71  ? -0.206  -2.144  16.990  1.00 17.69 ? 71  MET A CG  1 
ATOM   613  S  SD  . MET A 1 71  ? -1.241  -2.608  15.587  1.00 13.41 ? 71  MET A SD  1 
ATOM   614  C  CE  . MET A 1 71  ? -2.068  -1.054  15.218  1.00 14.87 ? 71  MET A CE  1 
ATOM   615  N  N   . ARG A 1 72  ? 4.016   -0.436  15.321  1.00 14.50 ? 72  ARG A N   1 
ATOM   616  C  CA  . ARG A 1 72  ? 4.898   0.636   14.864  1.00 14.49 ? 72  ARG A CA  1 
ATOM   617  C  C   . ARG A 1 72  ? 5.030   0.633   13.342  1.00 11.84 ? 72  ARG A C   1 
ATOM   618  O  O   . ARG A 1 72  ? 5.575   -0.308  12.762  1.00 13.60 ? 72  ARG A O   1 
ATOM   619  C  CB  . ARG A 1 72  ? 6.294   0.464   15.476  1.00 16.52 ? 72  ARG A CB  1 
ATOM   620  C  CG  . ARG A 1 72  ? 7.188   1.627   15.207  1.00 17.11 ? 72  ARG A CG  1 
ATOM   621  C  CD  . ARG A 1 72  ? 8.624   1.393   15.731  1.00 23.33 ? 72  ARG A CD  1 
ATOM   622  N  NE  . ARG A 1 72  ? 9.369   0.545   14.826  1.00 36.46 ? 72  ARG A NE  1 
ATOM   623  C  CZ  . ARG A 1 72  ? 10.673  0.309   14.940  1.00 38.92 ? 72  ARG A CZ  1 
ATOM   624  N  NH1 . ARG A 1 72  ? 11.370  0.870   15.921  1.00 25.78 ? 72  ARG A NH1 1 
ATOM   625  N  NH2 . ARG A 1 72  ? 11.272  -0.487  14.073  1.00 36.03 ? 72  ARG A NH2 1 
ATOM   626  N  N   . PRO A 1 73  ? 4.531   1.684   12.669  1.00 11.68 ? 73  PRO A N   1 
ATOM   627  C  CA  . PRO A 1 73  ? 4.681   1.711   11.220  1.00 11.09 ? 73  PRO A CA  1 
ATOM   628  C  C   . PRO A 1 73  ? 6.125   1.786   10.781  1.00 11.78 ? 73  PRO A C   1 
ATOM   629  O  O   . PRO A 1 73  ? 6.949   2.391   11.476  1.00 12.81 ? 73  PRO A O   1 
ATOM   630  C  CB  . PRO A 1 73  ? 3.941   2.986   10.789  1.00 11.71 ? 73  PRO A CB  1 
ATOM   631  C  CG  . PRO A 1 73  ? 3.069   3.344   11.963  1.00 14.54 ? 73  PRO A CG  1 
ATOM   632  C  CD  . PRO A 1 73  ? 3.824   2.872   13.177  1.00 14.98 ? 73  PRO A CD  1 
ATOM   633  N  N   . ASP A 1 74  ? 6.415   1.199   9.636   1.00 12.48 ? 74  ASP A N   1 
ATOM   634  C  CA  . ASP A 1 74  ? 7.710   1.425   8.989   1.00 11.36 ? 74  ASP A CA  1 
ATOM   635  C  C   . ASP A 1 74  ? 7.876   2.943   8.722   1.00 12.69 ? 74  ASP A C   1 
ATOM   636  O  O   . ASP A 1 74  ? 6.887   3.693   8.631   1.00 13.89 ? 74  ASP A O   1 
ATOM   637  C  CB  . ASP A 1 74  ? 7.780   0.657   7.676   1.00 11.83 ? 74  ASP A CB  1 
ATOM   638  C  CG  . ASP A 1 74  ? 7.756   -0.843  7.862   1.00 11.96 ? 74  ASP A CG  1 
ATOM   639  O  OD1 . ASP A 1 74  ? 7.826   -1.319  9.012   1.00 14.33 ? 74  ASP A OD1 1 
ATOM   640  O  OD2 . ASP A 1 74  ? 7.682   -1.543  6.823   1.00 14.11 ? 74  ASP A OD2 1 
ATOM   641  N  N   . ASP A 1 75  ? 9.114   3.409   8.553   1.00 13.57 ? 75  ASP A N   1 
ATOM   642  C  CA  . ASP A 1 75  ? 9.328   4.772   8.093   1.00 13.62 ? 75  ASP A CA  1 
ATOM   643  C  C   . ASP A 1 75  ? 8.660   5.019   6.739   1.00 14.57 ? 75  ASP A C   1 
ATOM   644  O  O   . ASP A 1 75  ? 8.603   4.136   5.870   1.00 16.19 ? 75  ASP A O   1 
ATOM   645  C  CB  . ASP A 1 75  ? 10.813  5.057   7.874   1.00 18.45 ? 75  ASP A CB  1 
ATOM   646  C  CG  . ASP A 1 75  ? 11.594  5.226   9.148   1.00 27.71 ? 75  ASP A CG  1 
ATOM   647  O  OD1 . ASP A 1 75  ? 11.019  5.542   10.211  1.00 24.69 ? 75  ASP A OD1 1 
ATOM   648  O  OD2 . ASP A 1 75  ? 12.831  5.081   9.048   1.00 30.91 ? 75  ASP A OD2 1 
ATOM   649  N  N   . ILE A 1 76  ? 8.157   6.230   6.560   1.00 13.39 ? 76  ILE A N   1 
ATOM   650  C  CA  . ILE A 1 76  ? 7.640   6.638   5.274   1.00 14.29 ? 76  ILE A CA  1 
ATOM   651  C  C   . ILE A 1 76  ? 8.587   7.642   4.647   1.00 16.32 ? 76  ILE A C   1 
ATOM   652  O  O   . ILE A 1 76  ? 9.493   8.170   5.312   1.00 17.06 ? 76  ILE A O   1 
ATOM   653  C  CB  . ILE A 1 76  ? 6.204   7.217   5.361   1.00 14.89 ? 76  ILE A CB  1 
ATOM   654  C  CG1 . ILE A 1 76  ? 6.160   8.477   6.221   1.00 16.31 ? 76  ILE A CG1 1 
ATOM   655  C  CG2 . ILE A 1 76  ? 5.221   6.137   5.865   1.00 17.98 ? 76  ILE A CG2 1 
ATOM   656  C  CD1 . ILE A 1 76  ? 4.872   9.314   5.973   1.00 19.89 ? 76  ILE A CD1 1 
ATOM   657  N  N   . HIS A 1 77  ? 8.379   7.900   3.363   1.00 16.16 ? 77  HIS A N   1 
ATOM   658  C  CA  . HIS A 1 77  ? 9.303   8.681   2.560   1.00 18.14 ? 77  HIS A CA  1 
ATOM   659  C  C   . HIS A 1 77  ? 8.567   9.547   1.555   1.00 16.25 ? 77  HIS A C   1 
ATOM   660  O  O   . HIS A 1 77  ? 8.612   9.289   0.360   1.00 17.42 ? 77  HIS A O   1 
ATOM   661  C  CB  . HIS A 1 77  ? 10.248  7.723   1.829   1.00 18.42 ? 77  HIS A CB  1 
ATOM   662  C  CG  . HIS A 1 77  ? 10.981  6.799   2.752   1.00 21.00 ? 77  HIS A CG  1 
ATOM   663  N  ND1 . HIS A 1 77  ? 10.534  5.528   3.051   1.00 25.24 ? 77  HIS A ND1 1 
ATOM   664  C  CD2 . HIS A 1 77  ? 12.124  6.973   3.458   1.00 20.94 ? 77  HIS A CD2 1 
ATOM   665  C  CE1 . HIS A 1 77  ? 11.377  4.956   3.896   1.00 27.65 ? 77  HIS A CE1 1 
ATOM   666  N  NE2 . HIS A 1 77  ? 12.347  5.813   4.161   1.00 24.85 ? 77  HIS A NE2 1 
ATOM   667  N  N   . PRO A 1 78  ? 7.876   10.576  2.049   1.00 15.37 ? 78  PRO A N   1 
ATOM   668  C  CA  . PRO A 1 78  ? 7.045   11.362  1.143   1.00 15.60 ? 78  PRO A CA  1 
ATOM   669  C  C   . PRO A 1 78  ? 7.862   12.174  0.153   1.00 14.87 ? 78  PRO A C   1 
ATOM   670  O  O   . PRO A 1 78  ? 9.033   12.488  0.409   1.00 16.77 ? 78  PRO A O   1 
ATOM   671  C  CB  . PRO A 1 78  ? 6.250   12.269  2.076   1.00 18.70 ? 78  PRO A CB  1 
ATOM   672  C  CG  . PRO A 1 78  ? 6.975   12.285  3.355   1.00 19.64 ? 78  PRO A CG  1 
ATOM   673  C  CD  . PRO A 1 78  ? 7.796   11.041  3.442   1.00 16.19 ? 78  PRO A CD  1 
ATOM   674  N  N   . GLY A 1 79  ? 7.255   12.451  -0.990  1.00 14.32 ? 79  GLY A N   1 
ATOM   675  C  CA  . GLY A 1 79  ? 7.851   13.311  -1.991  1.00 14.55 ? 79  GLY A CA  1 
ATOM   676  C  C   . GLY A 1 79  ? 7.542   14.759  -1.694  1.00 13.60 ? 79  GLY A C   1 
ATOM   677  O  O   . GLY A 1 79  ? 6.813   15.084  -0.742  1.00 15.48 ? 79  GLY A O   1 
ATOM   678  N  N   . THR A 1 80  ? 8.090   15.650  -2.523  1.00 15.01 ? 80  THR A N   1 
ATOM   679  C  CA  . THR A 1 80  ? 7.915   17.084  -2.338  1.00 15.50 ? 80  THR A CA  1 
ATOM   680  C  C   . THR A 1 80  ? 7.252   17.771  -3.534  1.00 15.82 ? 80  THR A C   1 
ATOM   681  O  O   . THR A 1 80  ? 6.928   18.970  -3.459  1.00 17.45 ? 80  THR A O   1 
ATOM   682  C  CB  . THR A 1 80  ? 9.274   17.818  -2.045  1.00 17.20 ? 80  THR A CB  1 
ATOM   683  O  OG1 . THR A 1 80  ? 10.050  17.919  -3.237  1.00 18.76 ? 80  THR A OG1 1 
ATOM   684  C  CG2 . THR A 1 80  ? 10.061  17.103  -0.962  1.00 15.86 ? 80  THR A CG2 1 
ATOM   685  N  N   . THR A 1 81  ? 7.057   17.021  -4.628  1.00 13.91 ? 81  THR A N   1 
ATOM   686  C  CA  . THR A 1 81  ? 6.399   17.515  -5.842  1.00 12.67 ? 81  THR A CA  1 
ATOM   687  C  C   . THR A 1 81  ? 5.512   16.386  -6.316  1.00 13.69 ? 81  THR A C   1 
ATOM   688  O  O   . THR A 1 81  ? 5.697   15.257  -5.883  1.00 13.06 ? 81  THR A O   1 
ATOM   689  C  CB  . THR A 1 81  ? 7.386   17.786  -6.981  1.00 15.74 ? 81  THR A CB  1 
ATOM   690  O  OG1 . THR A 1 81  ? 7.966   16.552  -7.381  1.00 16.13 ? 81  THR A OG1 1 
ATOM   691  C  CG2 . THR A 1 81  ? 8.494   18.763  -6.552  1.00 18.96 ? 81  THR A CG2 1 
ATOM   692  N  N   . VAL A 1 82  ? 4.568   16.664  -7.207  1.00 14.54 ? 82  VAL A N   1 
ATOM   693  C  CA  . VAL A 1 82  ? 3.654   15.620  -7.655  1.00 14.18 ? 82  VAL A CA  1 
ATOM   694  C  C   . VAL A 1 82  ? 4.393   14.420  -8.291  1.00 13.97 ? 82  VAL A C   1 
ATOM   695  O  O   . VAL A 1 82  ? 4.165   13.274  -7.905  1.00 12.52 ? 82  VAL A O   1 
ATOM   696  C  CB  . VAL A 1 82  ? 2.549   16.192  -8.555  1.00 13.30 ? 82  VAL A CB  1 
ATOM   697  C  CG1 . VAL A 1 82  ? 1.703   15.070  -9.127  1.00 14.06 ? 82  VAL A CG1 1 
ATOM   698  C  CG2 . VAL A 1 82  ? 1.671   17.139  -7.763  1.00 14.31 ? 82  VAL A CG2 1 
ATOM   699  N  N   . PRO A 1 83  ? 5.337   14.666  -9.212  1.00 12.61 ? 83  PRO A N   1 
ATOM   700  C  CA  . PRO A 1 83  ? 6.061   13.511  -9.745  1.00 14.81 ? 83  PRO A CA  1 
ATOM   701  C  C   . PRO A 1 83  ? 6.825   12.746  -8.668  1.00 13.28 ? 83  PRO A C   1 
ATOM   702  O  O   . PRO A 1 83  ? 6.845   11.525  -8.709  1.00 13.30 ? 83  PRO A O   1 
ATOM   703  C  CB  . PRO A 1 83  ? 7.016   14.132  -10.771 1.00 17.62 ? 83  PRO A CB  1 
ATOM   704  C  CG  . PRO A 1 83  ? 6.369   15.398  -11.170 1.00 18.05 ? 83  PRO A CG  1 
ATOM   705  C  CD  . PRO A 1 83  ? 5.680   15.900  -9.929  1.00 15.59 ? 83  PRO A CD  1 
ATOM   706  N  N   . GLU A 1 84  ? 7.446   13.424  -7.707  1.00 14.95 ? 84  GLU A N   1 
ATOM   707  C  CA  . GLU A 1 84  ? 8.159   12.698  -6.658  1.00 14.42 ? 84  GLU A CA  1 
ATOM   708  C  C   . GLU A 1 84  ? 7.217   11.875  -5.781  1.00 10.92 ? 84  GLU A C   1 
ATOM   709  O  O   . GLU A 1 84  ? 7.559   10.789  -5.336  1.00 12.85 ? 84  GLU A O   1 
ATOM   710  C  CB  . GLU A 1 84  ? 8.926   13.658  -5.761  1.00 15.42 ? 84  GLU A CB  1 
ATOM   711  C  CG  . GLU A 1 84  ? 10.171  14.284  -6.428  1.00 17.20 ? 84  GLU A CG  1 
ATOM   712  C  CD  . GLU A 1 84  ? 10.820  15.321  -5.529  1.00 24.68 ? 84  GLU A CD  1 
ATOM   713  O  OE1 . GLU A 1 84  ? 10.378  15.468  -4.371  1.00 19.20 ? 84  GLU A OE1 1 
ATOM   714  O  OE2 . GLU A 1 84  ? 11.775  15.994  -5.973  1.00 24.19 ? 84  GLU A OE2 1 
ATOM   715  N  N   . MET A 1 85  ? 6.024   12.403  -5.532  1.00 12.33 ? 85  MET A N   1 
ATOM   716  C  CA  . MET A 1 85  ? 5.074   11.719  -4.660  1.00 12.29 ? 85  MET A CA  1 
ATOM   717  C  C   . MET A 1 85  ? 4.528   10.472  -5.351  1.00 11.60 ? 85  MET A C   1 
ATOM   718  O  O   . MET A 1 85  ? 4.411   9.400   -4.742  1.00 11.52 ? 85  MET A O   1 
ATOM   719  C  CB  . MET A 1 85  ? 3.951   12.688  -4.307  1.00 11.44 ? 85  MET A CB  1 
ATOM   720  C  CG  . MET A 1 85  ? 4.432   13.821  -3.433  1.00 12.25 ? 85  MET A CG  1 
ATOM   721  S  SD  . MET A 1 85  ? 3.403   15.280  -3.555  1.00 14.07 ? 85  MET A SD  1 
ATOM   722  C  CE  . MET A 1 85  ? 2.014   14.750  -2.508  1.00 13.65 ? 85  MET A CE  1 
ATOM   723  N  N   . LEU A 1 86  ? 4.192   10.605  -6.635  1.00 11.76 ? 86  LEU A N   1 
ATOM   724  C  CA  . LEU A 1 86  ? 3.788   9.440   -7.408  1.00 10.85 ? 86  LEU A CA  1 
ATOM   725  C  C   . LEU A 1 86  ? 4.882   8.367   -7.421  1.00 10.88 ? 86  LEU A C   1 
ATOM   726  O  O   . LEU A 1 86  ? 4.605   7.187   -7.192  1.00 11.72 ? 86  LEU A O   1 
ATOM   727  C  CB  . LEU A 1 86  ? 3.416   9.828   -8.846  1.00 12.42 ? 86  LEU A CB  1 
ATOM   728  C  CG  . LEU A 1 86  ? 2.164   10.705  -9.022  1.00 12.54 ? 86  LEU A CG  1 
ATOM   729  C  CD1 . LEU A 1 86  ? 2.104   11.299  -10.429 1.00 14.56 ? 86  LEU A CD1 1 
ATOM   730  C  CD2 . LEU A 1 86  ? 0.884   9.900   -8.711  1.00 11.77 ? 86  LEU A CD2 1 
ATOM   731  N  N   . GLU A 1 87  ? 6.123   8.767   -7.694  1.00 12.29 ? 87  GLU A N   1 
ATOM   732  C  CA  . GLU A 1 87  ? 7.224   7.800   -7.698  1.00 15.19 ? 87  GLU A CA  1 
ATOM   733  C  C   . GLU A 1 87  ? 7.438   7.178   -6.342  1.00 11.12 ? 87  GLU A C   1 
ATOM   734  O  O   . GLU A 1 87  ? 7.749   5.999   -6.265  1.00 12.54 ? 87  GLU A O   1 
ATOM   735  C  CB  . GLU A 1 87  ? 8.535   8.430   -8.180  1.00 14.11 ? 87  GLU A CB  1 
ATOM   736  C  CG  . GLU A 1 87  ? 8.484   8.932   -9.598  1.00 17.24 ? 87  GLU A CG  1 
ATOM   737  C  CD  . GLU A 1 87  ? 8.770   7.858   -10.649 1.00 19.36 ? 87  GLU A CD  1 
ATOM   738  O  OE1 . GLU A 1 87  ? 8.787   6.637   -10.337 1.00 20.44 ? 87  GLU A OE1 1 
ATOM   739  O  OE2 . GLU A 1 87  ? 8.986   8.262   -11.816 1.00 23.10 ? 87  GLU A OE2 1 
ATOM   740  N  N   . ALA A 1 88  ? 7.311   7.955   -5.272  1.00 11.24 ? 88  ALA A N   1 
ATOM   741  C  CA  . ALA A 1 88  ? 7.521   7.423   -3.932  1.00 11.34 ? 88  ALA A CA  1 
ATOM   742  C  C   . ALA A 1 88  ? 6.455   6.391   -3.579  1.00 12.05 ? 88  ALA A C   1 
ATOM   743  O  O   . ALA A 1 88  ? 6.735   5.362   -2.976  1.00 12.75 ? 88  ALA A O   1 
ATOM   744  C  CB  . ALA A 1 88  ? 7.540   8.543   -2.919  1.00 13.38 ? 88  ALA A CB  1 
ATOM   745  N  N   . ASP A 1 89  ? 5.224   6.665   -3.981  1.00 11.59 ? 89  ASP A N   1 
ATOM   746  C  CA  . ASP A 1 89  ? 4.154   5.701   -3.734  1.00 10.95 ? 89  ASP A CA  1 
ATOM   747  C  C   . ASP A 1 89  ? 4.342   4.439   -4.557  1.00 11.73 ? 89  ASP A C   1 
ATOM   748  O  O   . ASP A 1 89  ? 4.065   3.351   -4.085  1.00 11.67 ? 89  ASP A O   1 
ATOM   749  C  CB  . ASP A 1 89  ? 2.776   6.352   -3.952  1.00 12.72 ? 89  ASP A CB  1 
ATOM   750  C  CG  . ASP A 1 89  ? 2.424   7.320   -2.839  1.00 16.30 ? 89  ASP A CG  1 
ATOM   751  O  OD1 . ASP A 1 89  ? 3.016   7.212   -1.732  1.00 16.34 ? 89  ASP A OD1 1 
ATOM   752  O  OD2 . ASP A 1 89  ? 1.551   8.190   -3.063  1.00 16.00 ? 89  ASP A OD2 1 
ATOM   753  N  N   . LEU A 1 90  ? 4.811   4.585   -5.791  1.00 13.24 ? 90  LEU A N   1 
ATOM   754  C  CA  . LEU A 1 90  ? 5.047   3.434   -6.661  1.00 10.20 ? 90  LEU A CA  1 
ATOM   755  C  C   . LEU A 1 90  ? 6.186   2.585   -6.108  1.00 12.59 ? 90  LEU A C   1 
ATOM   756  O  O   . LEU A 1 90  ? 6.080   1.371   -6.095  1.00 13.88 ? 90  LEU A O   1 
ATOM   757  C  CB  . LEU A 1 90  ? 5.352   3.890   -8.081  1.00 10.92 ? 90  LEU A CB  1 
ATOM   758  C  CG  . LEU A 1 90  ? 5.582   2.780   -9.115  1.00 12.15 ? 90  LEU A CG  1 
ATOM   759  C  CD1 . LEU A 1 90  ? 4.423   1.777   -9.166  1.00 13.96 ? 90  LEU A CD1 1 
ATOM   760  C  CD2 . LEU A 1 90  ? 5.835   3.385   -10.505 1.00 15.08 ? 90  LEU A CD2 1 
ATOM   761  N  N   . LYS A 1 91  ? 7.260   3.214   -5.619  1.00 12.89 ? 91  LYS A N   1 
ATOM   762  C  CA  . LYS A 1 91  ? 8.342   2.455   -4.978  1.00 14.97 ? 91  LYS A CA  1 
ATOM   763  C  C   . LYS A 1 91  ? 7.827   1.677   -3.764  1.00 11.89 ? 91  LYS A C   1 
ATOM   764  O  O   . LYS A 1 91  ? 8.149   0.492   -3.583  1.00 13.66 ? 91  LYS A O   1 
ATOM   765  C  CB  . LYS A 1 91  ? 9.474   3.401   -4.565  1.00 14.60 ? 91  LYS A CB  1 
ATOM   766  C  CG  . LYS A 1 91  ? 10.689  2.707   -3.983  1.00 17.18 ? 91  LYS A CG  1 
ATOM   767  C  CD  . LYS A 1 91  ? 11.774  3.747   -3.657  1.00 21.21 ? 91  LYS A CD  1 
ATOM   768  C  CE  . LYS A 1 91  ? 13.003  3.067   -3.064  1.00 32.51 ? 91  LYS A CE  1 
ATOM   769  N  NZ  . LYS A 1 91  ? 14.084  4.065   -2.847  1.00 40.74 ? 91  LYS A NZ  1 
ATOM   770  N  N   . LEU A 1 92  ? 7.019   2.328   -2.926  1.00 11.64 ? 92  LEU A N   1 
ATOM   771  C  CA  . LEU A 1 92  ? 6.408   1.647   -1.792  1.00 11.49 ? 92  LEU A CA  1 
ATOM   772  C  C   . LEU A 1 92  ? 5.530   0.476   -2.237  1.00 13.23 ? 92  LEU A C   1 
ATOM   773  O  O   . LEU A 1 92  ? 5.661   -0.624  -1.698  1.00 13.96 ? 92  LEU A O   1 
ATOM   774  C  CB  . LEU A 1 92  ? 5.616   2.628   -0.915  1.00 16.92 ? 92  LEU A CB  1 
ATOM   775  C  CG  . LEU A 1 92  ? 5.093   2.019   0.403   1.00 19.28 ? 92  LEU A CG  1 
ATOM   776  C  CD1 . LEU A 1 92  ? 6.115   1.123   1.110   1.00 25.21 ? 92  LEU A CD1 1 
ATOM   777  C  CD2 . LEU A 1 92  ? 4.716   3.122   1.349   1.00 22.02 ? 92  LEU A CD2 1 
ATOM   778  N  N   . GLU A 1 93  ? 4.651   0.687   -3.208  1.00 12.61 ? 93  GLU A N   1 
ATOM   779  C  CA  . GLU A 1 93  ? 3.797   -0.413  -3.653  1.00 11.59 ? 93  GLU A CA  1 
ATOM   780  C  C   . GLU A 1 93  ? 4.602   -1.569  -4.258  1.00 13.28 ? 93  GLU A C   1 
ATOM   781  O  O   . GLU A 1 93  ? 4.224   -2.729  -4.097  1.00 14.19 ? 93  GLU A O   1 
ATOM   782  C  CB  . GLU A 1 93  ? 2.769   0.068   -4.678  1.00 12.74 ? 93  GLU A CB  1 
ATOM   783  C  CG  . GLU A 1 93  ? 1.698   0.984   -4.086  1.00 14.81 ? 93  GLU A CG  1 
ATOM   784  C  CD  . GLU A 1 93  ? 0.722   0.287   -3.127  1.00 20.39 ? 93  GLU A CD  1 
ATOM   785  O  OE1 . GLU A 1 93  ? 0.593   -0.956  -3.131  1.00 20.82 ? 93  GLU A OE1 1 
ATOM   786  O  OE2 . GLU A 1 93  ? 0.032   1.019   -2.395  1.00 23.32 ? 93  GLU A OE2 1 
ATOM   787  N  N   . ARG A 1 94  ? 5.702   -1.266  -4.949  1.00 11.82 ? 94  ARG A N   1 
ATOM   788  C  CA  . ARG A 1 94  ? 6.556   -2.318  -5.504  1.00 11.99 ? 94  ARG A CA  1 
ATOM   789  C  C   . ARG A 1 94  ? 7.214   -3.118  -4.396  1.00 13.24 ? 94  ARG A C   1 
ATOM   790  O  O   . ARG A 1 94  ? 7.340   -4.343  -4.488  1.00 14.78 ? 94  ARG A O   1 
ATOM   791  C  CB  . ARG A 1 94  ? 7.582   -1.722  -6.473  1.00 13.33 ? 94  ARG A CB  1 
ATOM   792  C  CG  . ARG A 1 94  ? 6.937   -1.424  -7.804  1.00 15.93 ? 94  ARG A CG  1 
ATOM   793  C  CD  . ARG A 1 94  ? 7.787   -0.568  -8.711  1.00 21.52 ? 94  ARG A CD  1 
ATOM   794  N  NE  . ARG A 1 94  ? 7.144   -0.467  -10.033 1.00 23.76 ? 94  ARG A NE  1 
ATOM   795  C  CZ  . ARG A 1 94  ? 7.588   0.275   -11.046 1.00 33.68 ? 94  ARG A CZ  1 
ATOM   796  N  NH1 . ARG A 1 94  ? 8.682   1.016   -10.910 1.00 31.05 ? 94  ARG A NH1 1 
ATOM   797  N  NH2 . ARG A 1 94  ? 6.924   0.273   -12.202 1.00 27.74 ? 94  ARG A NH2 1 
ATOM   798  N  N   . HIS A 1 95  ? 7.565   -2.444  -3.306  1.00 13.07 ? 95  HIS A N   1 
ATOM   799  C  CA  . HIS A 1 95  ? 8.125   -3.142  -2.155  1.00 13.84 ? 95  HIS A CA  1 
ATOM   800  C  C   . HIS A 1 95  ? 7.084   -4.032  -1.480  1.00 12.34 ? 95  HIS A C   1 
ATOM   801  O  O   . HIS A 1 95  ? 7.353   -5.181  -1.122  1.00 14.70 ? 95  HIS A O   1 
ATOM   802  C  CB  . HIS A 1 95  ? 8.670   -2.139  -1.142  1.00 13.71 ? 95  HIS A CB  1 
ATOM   803  C  CG  . HIS A 1 95  ? 8.958   -2.746  0.190   1.00 27.65 ? 95  HIS A CG  1 
ATOM   804  N  ND1 . HIS A 1 95  ? 10.196  -3.253  0.523   1.00 43.99 ? 95  HIS A ND1 1 
ATOM   805  C  CD2 . HIS A 1 95  ? 8.161   -2.962  1.264   1.00 34.12 ? 95  HIS A CD2 1 
ATOM   806  C  CE1 . HIS A 1 95  ? 10.153  -3.740  1.750   1.00 37.58 ? 95  HIS A CE1 1 
ATOM   807  N  NE2 . HIS A 1 95  ? 8.929   -3.578  2.221   1.00 38.28 ? 95  HIS A NE2 1 
ATOM   808  N  N   . VAL A 1 96  ? 5.871   -3.499  -1.322  1.00 12.58 ? 96  VAL A N   1 
ATOM   809  C  CA  . VAL A 1 96  ? 4.786   -4.257  -0.720  1.00 12.94 ? 96  VAL A CA  1 
ATOM   810  C  C   . VAL A 1 96  ? 4.470   -5.479  -1.598  1.00 11.22 ? 96  VAL A C   1 
ATOM   811  O  O   . VAL A 1 96  ? 4.216   -6.572  -1.069  1.00 12.66 ? 96  VAL A O   1 
ATOM   812  C  CB  . VAL A 1 96  ? 3.518   -3.394  -0.574  1.00 12.38 ? 96  VAL A CB  1 
ATOM   813  C  CG1 . VAL A 1 96  ? 2.315   -4.263  -0.233  1.00 19.72 ? 96  VAL A CG1 1 
ATOM   814  C  CG2 . VAL A 1 96  ? 3.707   -2.319  0.485   1.00 15.26 ? 96  VAL A CG2 1 
ATOM   815  N  N   . ARG A 1 97  ? 4.484   -5.298  -2.916  1.00 12.92 ? 97  ARG A N   1 
ATOM   816  C  CA  . ARG A 1 97  ? 4.190   -6.387  -3.848  1.00 12.28 ? 97  ARG A CA  1 
ATOM   817  C  C   . ARG A 1 97  ? 5.171   -7.532  -3.644  1.00 12.22 ? 97  ARG A C   1 
ATOM   818  O  O   . ARG A 1 97  ? 4.787   -8.697  -3.528  1.00 11.43 ? 97  ARG A O   1 
ATOM   819  C  CB  . ARG A 1 97  ? 4.260   -5.885  -5.298  1.00 16.29 ? 97  ARG A CB  1 
ATOM   820  C  CG  . ARG A 1 97  ? 3.794   -6.868  -6.413  1.00 17.03 ? 97  ARG A CG  1 
ATOM   821  C  CD  . ARG A 1 97  ? 4.873   -7.892  -6.850  1.00 19.42 ? 97  ARG A CD  1 
ATOM   822  N  NE  . ARG A 1 97  ? 4.232   -9.138  -7.300  1.00 16.80 ? 97  ARG A NE  1 
ATOM   823  C  CZ  . ARG A 1 97  ? 4.872   -10.282 -7.435  1.00 22.73 ? 97  ARG A CZ  1 
ATOM   824  N  NH1 . ARG A 1 97  ? 6.182   -10.322 -7.155  1.00 17.42 ? 97  ARG A NH1 1 
ATOM   825  N  NH2 . ARG A 1 97  ? 4.216   -11.370 -7.834  1.00 24.35 ? 97  ARG A NH2 1 
ATOM   826  N  N   . ALA A 1 98  ? 6.453   -7.201  -3.627  1.00 12.33 ? 98  ALA A N   1 
ATOM   827  C  CA  . ALA A 1 98  ? 7.462   -8.222  -3.421  1.00 12.47 ? 98  ALA A CA  1 
ATOM   828  C  C   . ALA A 1 98  ? 7.328   -8.883  -2.056  1.00 12.42 ? 98  ALA A C   1 
ATOM   829  O  O   . ALA A 1 98  ? 7.477   -10.104 -1.938  1.00 13.42 ? 98  ALA A O   1 
ATOM   830  C  CB  . ALA A 1 98  ? 8.856   -7.613  -3.599  1.00 14.13 ? 98  ALA A CB  1 
ATOM   831  N  N   . ALA A 1 99  ? 7.003   -8.102  -1.022  1.00 11.13 ? 99  ALA A N   1 
ATOM   832  C  CA  . ALA A 1 99  ? 6.894   -8.651  0.322   1.00 10.76 ? 99  ALA A CA  1 
ATOM   833  C  C   . ALA A 1 99  ? 5.705   -9.593  0.413   1.00 10.51 ? 99  ALA A C   1 
ATOM   834  O  O   . ALA A 1 99  ? 5.762   -10.637 1.060   1.00 12.42 ? 99  ALA A O   1 
ATOM   835  C  CB  . ALA A 1 99  ? 6.786   -7.549  1.346   1.00 12.26 ? 99  ALA A CB  1 
ATOM   836  N  N   . LEU A 1 100 ? 4.606   -9.218  -0.237  1.00 12.10 ? 100 LEU A N   1 
ATOM   837  C  CA  . LEU A 1 100 ? 3.423   -10.052 -0.217  1.00 12.25 ? 100 LEU A CA  1 
ATOM   838  C  C   . LEU A 1 100 ? 3.665   -11.358 -0.960  1.00 12.18 ? 100 LEU A C   1 
ATOM   839  O  O   . LEU A 1 100 ? 3.256   -12.410 -0.496  1.00 11.22 ? 100 LEU A O   1 
ATOM   840  C  CB  . LEU A 1 100 ? 2.214   -9.318  -0.838  1.00 11.83 ? 100 LEU A CB  1 
ATOM   841  C  CG  . LEU A 1 100 ? 1.554   -8.242  0.017   1.00 11.03 ? 100 LEU A CG  1 
ATOM   842  C  CD1 . LEU A 1 100 ? 0.611   -7.396  -0.826  1.00 11.29 ? 100 LEU A CD1 1 
ATOM   843  C  CD2 . LEU A 1 100 ? 0.828   -8.904  1.182   1.00 12.75 ? 100 LEU A CD2 1 
ATOM   844  N  N   . ALA A 1 101 ? 4.331   -11.299 -2.111  1.00 11.27 ? 101 ALA A N   1 
ATOM   845  C  CA  . ALA A 1 101 ? 4.632   -12.509 -2.856  1.00 11.68 ? 101 ALA A CA  1 
ATOM   846  C  C   . ALA A 1 101 ? 5.526   -13.456 -2.043  1.00 12.30 ? 101 ALA A C   1 
ATOM   847  O  O   . ALA A 1 101 ? 5.309   -14.664 -2.026  1.00 13.53 ? 101 ALA A O   1 
ATOM   848  C  CB  . ALA A 1 101 ? 5.241   -12.171 -4.219  1.00 12.01 ? 101 ALA A CB  1 
ATOM   849  N  N   . LYS A 1 102 ? 6.504   -12.904 -1.332  1.00 13.14 ? 102 LYS A N   1 
ATOM   850  C  CA  . LYS A 1 102 ? 7.347   -13.736 -0.483  1.00 14.54 ? 102 LYS A CA  1 
ATOM   851  C  C   . LYS A 1 102 ? 6.525   -14.363 0.645   1.00 12.15 ? 102 LYS A C   1 
ATOM   852  O  O   . LYS A 1 102 ? 6.731   -15.520 1.042   1.00 14.58 ? 102 LYS A O   1 
ATOM   853  C  CB  . LYS A 1 102 ? 8.480   -12.890 0.084   1.00 14.24 ? 102 LYS A CB  1 
ATOM   854  C  CG  . LYS A 1 102 ? 9.370   -13.625 1.059   1.00 23.22 ? 102 LYS A CG  1 
ATOM   855  C  CD  . LYS A 1 102 ? 10.552  -12.742 1.490   1.00 28.23 ? 102 LYS A CD  1 
ATOM   856  C  CE  . LYS A 1 102 ? 11.517  -13.528 2.379   1.00 45.93 ? 102 LYS A CE  1 
ATOM   857  N  NZ  . LYS A 1 102 ? 12.702  -12.722 2.814   1.00 49.54 ? 102 LYS A NZ  1 
ATOM   858  N  N   . GLY A 1 103 ? 5.585   -13.599 1.190   1.00 11.77 ? 103 GLY A N   1 
ATOM   859  C  CA  . GLY A 1 103 ? 4.715   -14.105 2.226   1.00 12.64 ? 103 GLY A CA  1 
ATOM   860  C  C   . GLY A 1 103 ? 3.823   -15.249 1.763   1.00 10.94 ? 103 GLY A C   1 
ATOM   861  O  O   . GLY A 1 103 ? 3.542   -16.171 2.527   1.00 13.04 ? 103 GLY A O   1 
ATOM   862  N  N   . ILE A 1 104 ? 3.322   -15.163 0.533   1.00 11.56 ? 104 ILE A N   1 
ATOM   863  C  CA  . ILE A 1 104 ? 2.445   -16.195 -0.009  1.00 9.98  ? 104 ILE A CA  1 
ATOM   864  C  C   . ILE A 1 104 ? 3.221   -17.501 -0.089  1.00 11.78 ? 104 ILE A C   1 
ATOM   865  O  O   . ILE A 1 104 ? 2.724   -18.555 0.299   1.00 12.09 ? 104 ILE A O   1 
ATOM   866  C  CB  . ILE A 1 104 ? 1.913   -15.777 -1.376  1.00 10.63 ? 104 ILE A CB  1 
ATOM   867  C  CG1 . ILE A 1 104 ? 0.872   -14.672 -1.166  1.00 12.09 ? 104 ILE A CG1 1 
ATOM   868  C  CG2 . ILE A 1 104 ? 1.311   -16.989 -2.127  1.00 13.00 ? 104 ILE A CG2 1 
ATOM   869  C  CD1 . ILE A 1 104 ? 0.454   -13.956 -2.408  1.00 13.87 ? 104 ILE A CD1 1 
ATOM   870  N  N   . ALA A 1 105 ? 4.453   -17.407 -0.563  1.00 13.16 ? 105 ALA A N   1 
ATOM   871  C  CA  . ALA A 1 105 ? 5.288   -18.594 -0.662  1.00 16.74 ? 105 ALA A CA  1 
ATOM   872  C  C   . ALA A 1 105 ? 5.578   -19.180 0.712   1.00 13.63 ? 105 ALA A C   1 
ATOM   873  O  O   . ALA A 1 105 ? 5.566   -20.392 0.880   1.00 15.62 ? 105 ALA A O   1 
ATOM   874  C  CB  . ALA A 1 105 ? 6.571   -18.292 -1.402  1.00 15.38 ? 105 ALA A CB  1 
ATOM   875  N  N   . LEU A 1 106 ? 5.803   -18.333 1.702   1.00 11.81 ? 106 LEU A N   1 
ATOM   876  C  CA  . LEU A 1 106 ? 6.047   -18.809 3.055   1.00 11.89 ? 106 LEU A CA  1 
ATOM   877  C  C   . LEU A 1 106 ? 4.826   -19.473 3.658   1.00 13.66 ? 106 LEU A C   1 
ATOM   878  O  O   . LEU A 1 106 ? 4.927   -20.494 4.307   1.00 14.38 ? 106 LEU A O   1 
ATOM   879  C  CB  . LEU A 1 106 ? 6.488   -17.640 3.929   1.00 13.48 ? 106 LEU A CB  1 
ATOM   880  C  CG  . LEU A 1 106 ? 6.756   -17.912 5.405   1.00 17.03 ? 106 LEU A CG  1 
ATOM   881  C  CD1 . LEU A 1 106 ? 8.019   -18.758 5.590   1.00 23.20 ? 106 LEU A CD1 1 
ATOM   882  C  CD2 . LEU A 1 106 ? 6.889   -16.610 6.189   1.00 20.01 ? 106 LEU A CD2 1 
ATOM   883  N  N   . CYS A 1 107 ? 3.653   -18.873 3.461   1.00 12.17 ? 107 CYS A N   1 
ATOM   884  C  CA  . CYS A 1 107 ? 2.440   -19.455 3.963   1.00 13.37 ? 107 CYS A CA  1 
ATOM   885  C  C   . CYS A 1 107 ? 2.201   -20.825 3.333   1.00 11.50 ? 107 CYS A C   1 
ATOM   886  O  O   . CYS A 1 107 ? 1.754   -21.740 4.004   1.00 13.68 ? 107 CYS A O   1 
ATOM   887  C  CB  . CYS A 1 107 ? 1.247   -18.512 3.701   1.00 10.72 ? 107 CYS A CB  1 
ATOM   888  S  SG  . CYS A 1 107 ? 1.229   -17.048 4.724   1.00 14.37 ? 107 CYS A SG  1 
ATOM   889  N  N   . GLU A 1 108 ? 2.491   -20.970 2.042   1.00 12.53 ? 108 GLU A N   1 
ATOM   890  C  CA  . GLU A 1 108 ? 2.295   -22.253 1.361   1.00 12.00 ? 108 GLU A CA  1 
ATOM   891  C  C   . GLU A 1 108 ? 3.227   -23.303 1.988   1.00 15.28 ? 108 GLU A C   1 
ATOM   892  O  O   . GLU A 1 108 ? 2.806   -24.410 2.301   1.00 14.06 ? 108 GLU A O   1 
ATOM   893  C  CB  . GLU A 1 108 ? 2.583   -22.130 -0.137  1.00 13.08 ? 108 GLU A CB  1 
ATOM   894  C  CG  . GLU A 1 108 ? 2.376   -23.423 -0.916  1.00 13.12 ? 108 GLU A CG  1 
ATOM   895  C  CD  . GLU A 1 108 ? 0.918   -23.744 -1.166  1.00 17.41 ? 108 GLU A CD  1 
ATOM   896  O  OE1 . GLU A 1 108 ? 0.629   -24.876 -1.612  1.00 16.18 ? 108 GLU A OE1 1 
ATOM   897  O  OE2 . GLU A 1 108 ? 0.067   -22.857 -0.915  1.00 15.75 ? 108 GLU A OE2 1 
ATOM   898  N  N   . GLN A 1 109 ? 4.473   -22.905 2.212   1.00 15.94 ? 109 GLN A N   1 
ATOM   899  C  CA  . GLN A 1 109 ? 5.492   -23.773 2.829   1.00 17.51 ? 109 GLN A CA  1 
ATOM   900  C  C   . GLN A 1 109 ? 5.055   -24.293 4.215   1.00 17.51 ? 109 GLN A C   1 
ATOM   901  O  O   . GLN A 1 109 ? 5.256   -25.463 4.551   1.00 18.85 ? 109 GLN A O   1 
ATOM   902  C  CB  . GLN A 1 109 ? 6.810   -22.992 2.936   1.00 17.60 ? 109 GLN A CB  1 
ATOM   903  C  CG  . GLN A 1 109 ? 7.939   -23.676 3.694   1.00 28.52 ? 109 GLN A CG  1 
ATOM   904  C  CD  . GLN A 1 109 ? 9.110   -22.729 3.965   1.00 29.65 ? 109 GLN A CD  1 
ATOM   905  O  OE1 . GLN A 1 109 ? 9.240   -21.668 3.339   1.00 32.89 ? 109 GLN A OE1 1 
ATOM   906  N  NE2 . GLN A 1 109 ? 9.946   -23.096 4.926   1.00 42.36 ? 109 GLN A NE2 1 
ATOM   907  N  N   . HIS A 1 110 ? 4.461   -23.419 5.028   1.00 13.70 ? 110 HIS A N   1 
ATOM   908  C  CA  . HIS A 1 110 ? 4.009   -23.788 6.365   1.00 15.71 ? 110 HIS A CA  1 
ATOM   909  C  C   . HIS A 1 110 ? 2.542   -24.221 6.415   1.00 14.66 ? 110 HIS A C   1 
ATOM   910  O  O   . HIS A 1 110 ? 1.973   -24.405 7.499   1.00 17.91 ? 110 HIS A O   1 
ATOM   911  C  CB  . HIS A 1 110 ? 4.264   -22.636 7.335   1.00 19.60 ? 110 HIS A CB  1 
ATOM   912  C  CG  . HIS A 1 110 ? 5.719   -22.353 7.542   1.00 20.34 ? 110 HIS A CG  1 
ATOM   913  N  ND1 . HIS A 1 110 ? 6.566   -23.258 8.141   1.00 29.27 ? 110 HIS A ND1 1 
ATOM   914  C  CD2 . HIS A 1 110 ? 6.479   -21.287 7.210   1.00 20.54 ? 110 HIS A CD2 1 
ATOM   915  C  CE1 . HIS A 1 110 ? 7.784   -22.752 8.192   1.00 29.20 ? 110 HIS A CE1 1 
ATOM   916  N  NE2 . HIS A 1 110 ? 7.760   -21.554 7.637   1.00 25.71 ? 110 HIS A NE2 1 
ATOM   917  N  N   . LYS A 1 111 ? 1.943   -24.388 5.235   1.00 14.02 ? 111 LYS A N   1 
ATOM   918  C  CA  . LYS A 1 111 ? 0.600   -24.928 5.097   1.00 14.96 ? 111 LYS A CA  1 
ATOM   919  C  C   . LYS A 1 111 ? -0.421  -24.056 5.832   1.00 13.64 ? 111 LYS A C   1 
ATOM   920  O  O   . LYS A 1 111 ? -1.372  -24.559 6.428   1.00 17.50 ? 111 LYS A O   1 
ATOM   921  C  CB  . LYS A 1 111 ? 0.544   -26.389 5.562   1.00 16.91 ? 111 LYS A CB  1 
ATOM   922  C  CG  . LYS A 1 111 ? 1.580   -27.262 4.831   1.00 24.20 ? 111 LYS A CG  1 
ATOM   923  C  CD  . LYS A 1 111 ? 1.631   -28.661 5.407   1.00 39.74 ? 111 LYS A CD  1 
ATOM   924  C  CE  . LYS A 1 111 ? 2.756   -29.469 4.774   1.00 64.27 ? 111 LYS A CE  1 
ATOM   925  N  NZ  . LYS A 1 111 ? 2.670   -29.477 3.284   1.00 52.22 ? 111 LYS A NZ  1 
ATOM   926  N  N   . ASP A 1 112 ? -0.211  -22.742 5.779   1.00 12.89 ? 112 ASP A N   1 
ATOM   927  C  CA  . ASP A 1 112 ? -1.197  -21.790 6.300   1.00 12.88 ? 112 ASP A CA  1 
ATOM   928  C  C   . ASP A 1 112 ? -1.939  -21.199 5.117   1.00 11.51 ? 112 ASP A C   1 
ATOM   929  O  O   . ASP A 1 112 ? -1.636  -20.109 4.626   1.00 11.66 ? 112 ASP A O   1 
ATOM   930  C  CB  . ASP A 1 112 ? -0.543  -20.703 7.146   1.00 12.69 ? 112 ASP A CB  1 
ATOM   931  C  CG  . ASP A 1 112 ? -1.572  -19.807 7.833   1.00 11.91 ? 112 ASP A CG  1 
ATOM   932  O  OD1 . ASP A 1 112 ? -2.766  -19.915 7.458   1.00 12.85 ? 112 ASP A OD1 1 
ATOM   933  O  OD2 . ASP A 1 112 ? -1.187  -19.034 8.727   1.00 14.28 ? 112 ASP A OD2 1 
ATOM   934  N  N   . PHE A 1 113 ? -2.909  -21.963 4.635   1.00 12.19 ? 113 PHE A N   1 
ATOM   935  C  CA  . PHE A 1 113 ? -3.571  -21.652 3.377   1.00 11.73 ? 113 PHE A CA  1 
ATOM   936  C  C   . PHE A 1 113 ? -4.565  -20.479 3.493   1.00 10.95 ? 113 PHE A C   1 
ATOM   937  O  O   . PHE A 1 113 ? -4.795  -19.778 2.511   1.00 12.79 ? 113 PHE A O   1 
ATOM   938  C  CB  . PHE A 1 113 ? -4.249  -22.904 2.819   1.00 11.52 ? 113 PHE A CB  1 
ATOM   939  C  CG  . PHE A 1 113 ? -3.295  -24.050 2.618   1.00 12.54 ? 113 PHE A CG  1 
ATOM   940  C  CD1 . PHE A 1 113 ? -2.278  -23.936 1.699   1.00 15.53 ? 113 PHE A CD1 1 
ATOM   941  C  CD2 . PHE A 1 113 ? -3.422  -25.214 3.343   1.00 13.26 ? 113 PHE A CD2 1 
ATOM   942  C  CE1 . PHE A 1 113 ? -1.362  -24.971 1.520   1.00 13.79 ? 113 PHE A CE1 1 
ATOM   943  C  CE2 . PHE A 1 113 ? -2.508  -26.258 3.169   1.00 13.80 ? 113 PHE A CE2 1 
ATOM   944  C  CZ  . PHE A 1 113 ? -1.497  -26.140 2.249   1.00 15.10 ? 113 PHE A CZ  1 
ATOM   945  N  N   . VAL A 1 114 ? -5.133  -20.255 4.674   1.00 11.90 ? 114 VAL A N   1 
ATOM   946  C  CA  . VAL A 1 114 ? -5.980  -19.081 4.856   1.00 11.49 ? 114 VAL A CA  1 
ATOM   947  C  C   . VAL A 1 114 ? -5.141  -17.810 4.887   1.00 11.44 ? 114 VAL A C   1 
ATOM   948  O  O   . VAL A 1 114 ? -5.500  -16.818 4.260   1.00 10.82 ? 114 VAL A O   1 
ATOM   949  C  CB  . VAL A 1 114 ? -6.854  -19.189 6.094   1.00 10.88 ? 114 VAL A CB  1 
ATOM   950  C  CG1 . VAL A 1 114 ? -7.699  -17.915 6.305   1.00 13.12 ? 114 VAL A CG1 1 
ATOM   951  C  CG2 . VAL A 1 114 ? -7.767  -20.414 5.974   1.00 13.31 ? 114 VAL A CG2 1 
ATOM   952  N  N   . SER A 1 115 ? -4.032  -17.796 5.639   1.00 11.17 ? 115 SER A N   1 
ATOM   953  C  CA  . SER A 1 115 ? -3.156  -16.626 5.580   1.00 9.82  ? 115 SER A CA  1 
ATOM   954  C  C   . SER A 1 115 ? -2.700  -16.378 4.155   1.00 10.79 ? 115 SER A C   1 
ATOM   955  O  O   . SER A 1 115 ? -2.661  -15.226 3.726   1.00 11.25 ? 115 SER A O   1 
ATOM   956  C  CB  . SER A 1 115 ? -1.953  -16.722 6.522   1.00 11.40 ? 115 SER A CB  1 
ATOM   957  O  OG  . SER A 1 115 ? -2.380  -16.803 7.883   1.00 11.09 ? 115 SER A OG  1 
ATOM   958  N  N   . ARG A 1 116 ? -2.351  -17.430 3.407   1.00 11.19 ? 116 ARG A N   1 
ATOM   959  C  CA  . ARG A 1 116 ? -1.966  -17.243 2.021   1.00 10.63 ? 116 ARG A CA  1 
ATOM   960  C  C   . ARG A 1 116 ? -3.056  -16.519 1.228   1.00 11.45 ? 116 ARG A C   1 
ATOM   961  O  O   . ARG A 1 116 ? -2.763  -15.621 0.440   1.00 11.84 ? 116 ARG A O   1 
ATOM   962  C  CB  . ARG A 1 116 ? -1.674  -18.570 1.332   1.00 11.78 ? 116 ARG A CB  1 
ATOM   963  C  CG  . ARG A 1 116 ? -1.594  -18.441 -0.195  1.00 13.42 ? 116 ARG A CG  1 
ATOM   964  C  CD  . ARG A 1 116 ? -1.049  -19.682 -0.897  1.00 13.02 ? 116 ARG A CD  1 
ATOM   965  N  NE  . ARG A 1 116 ? -1.160  -19.492 -2.334  1.00 13.52 ? 116 ARG A NE  1 
ATOM   966  C  CZ  . ARG A 1 116 ? -0.374  -20.050 -3.250  1.00 14.30 ? 116 ARG A CZ  1 
ATOM   967  N  NH1 . ARG A 1 116 ? 0.600   -20.875 -2.905  1.00 16.93 ? 116 ARG A NH1 1 
ATOM   968  N  NH2 . ARG A 1 116 ? -0.574  -19.755 -4.522  1.00 14.75 ? 116 ARG A NH2 1 
ATOM   969  N  N   . ASP A 1 117 ? -4.297  -16.958 1.404   1.00 10.33 ? 117 ASP A N   1 
ATOM   970  C  CA  . ASP A 1 117 ? -5.401  -16.358 0.656   1.00 10.86 ? 117 ASP A CA  1 
ATOM   971  C  C   . ASP A 1 117 ? -5.601  -14.875 0.999   1.00 11.19 ? 117 ASP A C   1 
ATOM   972  O  O   . ASP A 1 117 ? -5.946  -14.080 0.100   1.00 12.22 ? 117 ASP A O   1 
ATOM   973  C  CB  . ASP A 1 117 ? -6.703  -17.162 0.849   1.00 11.00 ? 117 ASP A CB  1 
ATOM   974  C  CG  . ASP A 1 117 ? -7.700  -16.887 -0.248  1.00 17.02 ? 117 ASP A CG  1 
ATOM   975  O  OD1 . ASP A 1 117 ? -7.328  -17.069 -1.431  1.00 17.45 ? 117 ASP A OD1 1 
ATOM   976  O  OD2 . ASP A 1 117 ? -8.827  -16.461 0.082   1.00 18.96 ? 117 ASP A OD2 1 
ATOM   977  N  N   . ILE A 1 118 ? -5.409  -14.489 2.263   1.00 10.87 ? 118 ILE A N   1 
ATOM   978  C  CA  . ILE A 1 118 ? -5.521  -13.077 2.660   1.00 9.28  ? 118 ILE A CA  1 
ATOM   979  C  C   . ILE A 1 118 ? -4.456  -12.270 1.934   1.00 11.73 ? 118 ILE A C   1 
ATOM   980  O  O   . ILE A 1 118 ? -4.715  -11.212 1.351   1.00 12.25 ? 118 ILE A O   1 
ATOM   981  C  CB  . ILE A 1 118 ? -5.360  -12.932 4.174   1.00 11.26 ? 118 ILE A CB  1 
ATOM   982  C  CG1 . ILE A 1 118 ? -6.549  -13.579 4.870   1.00 12.83 ? 118 ILE A CG1 1 
ATOM   983  C  CG2 . ILE A 1 118 ? -5.235  -11.481 4.585   1.00 13.39 ? 118 ILE A CG2 1 
ATOM   984  C  CD1 . ILE A 1 118 ? -6.365  -13.775 6.401   1.00 14.57 ? 118 ILE A CD1 1 
ATOM   985  N  N   . LEU A 1 119 ? -3.239  -12.810 1.905   1.00 11.16 ? 119 LEU A N   1 
ATOM   986  C  CA  . LEU A 1 119 ? -2.152  -12.114 1.228   1.00 10.66 ? 119 LEU A CA  1 
ATOM   987  C  C   . LEU A 1 119 ? -2.357  -12.045 -0.290  1.00 10.27 ? 119 LEU A C   1 
ATOM   988  O  O   . LEU A 1 119 ? -2.026  -11.047 -0.902  1.00 11.68 ? 119 LEU A O   1 
ATOM   989  C  CB  . LEU A 1 119 ? -0.792  -12.763 1.539   1.00 9.04  ? 119 LEU A CB  1 
ATOM   990  C  CG  . LEU A 1 119 ? -0.402  -12.833 3.013   1.00 10.48 ? 119 LEU A CG  1 
ATOM   991  C  CD1 . LEU A 1 119 ? 1.062   -13.236 3.130   1.00 11.81 ? 119 LEU A CD1 1 
ATOM   992  C  CD2 . LEU A 1 119 ? -0.584  -11.526 3.715   1.00 13.25 ? 119 LEU A CD2 1 
ATOM   993  N  N   . LYS A 1 120 ? -2.903  -13.095 -0.889  1.00 10.29 ? 120 LYS A N   1 
ATOM   994  C  CA  . LYS A 1 120 ? -3.192  -13.087 -2.315  1.00 10.79 ? 120 LYS A CA  1 
ATOM   995  C  C   . LYS A 1 120 ? -4.187  -11.973 -2.647  1.00 11.51 ? 120 LYS A C   1 
ATOM   996  O  O   . LYS A 1 120 ? -4.041  -11.270 -3.649  1.00 11.68 ? 120 LYS A O   1 
ATOM   997  C  CB  . LYS A 1 120 ? -3.755  -14.453 -2.722  1.00 14.31 ? 120 LYS A CB  1 
ATOM   998  C  CG  . LYS A 1 120 ? -4.220  -14.520 -4.166  1.00 17.32 ? 120 LYS A CG  1 
ATOM   999  C  CD  . LYS A 1 120 ? -5.518  -15.329 -4.336  1.00 33.60 ? 120 LYS A CD  1 
ATOM   1000 C  CE  . LYS A 1 120 ? -6.676  -14.695 -3.608  1.00 30.47 ? 120 LYS A CE  1 
ATOM   1001 N  NZ  . LYS A 1 120 ? -7.916  -14.645 -4.415  1.00 30.00 ? 120 LYS A NZ  1 
ATOM   1002 N  N   . ALA A 1 121 ? -5.192  -11.795 -1.799  1.00 11.61 ? 121 ALA A N   1 
ATOM   1003 C  CA  . ALA A 1 121 ? -6.178  -10.745 -2.061  1.00 12.63 ? 121 ALA A CA  1 
ATOM   1004 C  C   . ALA A 1 121 ? -5.523  -9.385  -2.019  1.00 11.40 ? 121 ALA A C   1 
ATOM   1005 O  O   . ALA A 1 121 ? -5.813  -8.512  -2.852  1.00 12.04 ? 121 ALA A O   1 
ATOM   1006 C  CB  . ALA A 1 121 ? -7.299  -10.811 -1.054  1.00 13.96 ? 121 ALA A CB  1 
ATOM   1007 N  N   . GLN A 1 122 ? -4.640  -9.183  -1.041  1.00 11.08 ? 122 GLN A N   1 
ATOM   1008 C  CA  . GLN A 1 122 ? -3.911  -7.930  -0.949  1.00 10.17 ? 122 GLN A CA  1 
ATOM   1009 C  C   . GLN A 1 122 ? -2.938  -7.737  -2.110  1.00 10.74 ? 122 GLN A C   1 
ATOM   1010 O  O   . GLN A 1 122 ? -2.726  -6.618  -2.571  1.00 12.10 ? 122 GLN A O   1 
ATOM   1011 C  CB  . GLN A 1 122 ? -3.167  -7.870  0.381   1.00 11.79 ? 122 GLN A CB  1 
ATOM   1012 C  CG  . GLN A 1 122 ? -4.129  -7.881  1.533   1.00 10.98 ? 122 GLN A CG  1 
ATOM   1013 C  CD  . GLN A 1 122 ? -3.508  -7.500  2.860   1.00 12.73 ? 122 GLN A CD  1 
ATOM   1014 O  OE1 . GLN A 1 122 ? -2.314  -7.216  2.943   1.00 17.92 ? 122 GLN A OE1 1 
ATOM   1015 N  NE2 . GLN A 1 122 ? -4.320  -7.507  3.905   1.00 12.53 ? 122 GLN A NE2 1 
ATOM   1016 N  N   . LEU A 1 123 ? -2.336  -8.829  -2.566  1.00 10.44 ? 123 LEU A N   1 
ATOM   1017 C  CA  . LEU A 1 123 ? -1.420  -8.776  -3.703  1.00 11.01 ? 123 LEU A CA  1 
ATOM   1018 C  C   . LEU A 1 123 ? -2.161  -8.346  -4.966  1.00 12.29 ? 123 LEU A C   1 
ATOM   1019 O  O   . LEU A 1 123 ? -1.660  -7.534  -5.735  1.00 11.98 ? 123 LEU A O   1 
ATOM   1020 C  CB  . LEU A 1 123 ? -0.709  -10.120 -3.916  1.00 12.64 ? 123 LEU A CB  1 
ATOM   1021 C  CG  . LEU A 1 123 ? 0.290   -10.138 -5.061  1.00 11.42 ? 123 LEU A CG  1 
ATOM   1022 C  CD1 . LEU A 1 123 ? 1.484   -9.221  -4.764  1.00 13.34 ? 123 LEU A CD1 1 
ATOM   1023 C  CD2 . LEU A 1 123 ? 0.732   -11.586 -5.278  1.00 15.86 ? 123 LEU A CD2 1 
ATOM   1024 N  N   . ALA A 1 124 ? -3.363  -8.872  -5.171  1.00 10.51 ? 124 ALA A N   1 
ATOM   1025 C  CA  . ALA A 1 124 ? -4.154  -8.466  -6.328  1.00 11.21 ? 124 ALA A CA  1 
ATOM   1026 C  C   . ALA A 1 124 ? -4.473  -6.976  -6.244  1.00 11.44 ? 124 ALA A C   1 
ATOM   1027 O  O   . ALA A 1 124 ? -4.356  -6.273  -7.242  1.00 12.47 ? 124 ALA A O   1 
ATOM   1028 C  CB  . ALA A 1 124 ? -5.423  -9.296  -6.414  1.00 14.96 ? 124 ALA A CB  1 
ATOM   1029 N  N   . ASP A 1 125 ? -4.842  -6.481  -5.067  1.00 10.75 ? 125 ASP A N   1 
ATOM   1030 C  CA  . ASP A 1 125 ? -5.113  -5.064  -4.921  1.00 11.90 ? 125 ASP A CA  1 
ATOM   1031 C  C   . ASP A 1 125 ? -3.869  -4.228  -5.245  1.00 12.30 ? 125 ASP A C   1 
ATOM   1032 O  O   . ASP A 1 125 ? -3.941  -3.202  -5.928  1.00 13.85 ? 125 ASP A O   1 
ATOM   1033 C  CB  . ASP A 1 125 ? -5.579  -4.705  -3.508  1.00 11.63 ? 125 ASP A CB  1 
ATOM   1034 C  CG  . ASP A 1 125 ? -6.922  -5.298  -3.145  1.00 22.91 ? 125 ASP A CG  1 
ATOM   1035 O  OD1 . ASP A 1 125 ? -7.690  -5.660  -4.060  1.00 20.36 ? 125 ASP A OD1 1 
ATOM   1036 O  OD2 . ASP A 1 125 ? -7.211  -5.381  -1.927  1.00 22.83 ? 125 ASP A OD2 1 
ATOM   1037 N  N   . THR A 1 126 ? -2.728  -4.655  -4.717  1.00 12.15 ? 126 THR A N   1 
ATOM   1038 C  CA  . THR A 1 126 ? -1.491  -3.922  -4.902  1.00 12.64 ? 126 THR A CA  1 
ATOM   1039 C  C   . THR A 1 126 ? -1.115  -3.827  -6.392  1.00 13.68 ? 126 THR A C   1 
ATOM   1040 O  O   . THR A 1 126 ? -0.764  -2.757  -6.908  1.00 15.34 ? 126 THR A O   1 
ATOM   1041 C  CB  . THR A 1 126 ? -0.374  -4.632  -4.122  1.00 13.29 ? 126 THR A CB  1 
ATOM   1042 O  OG1 . THR A 1 126 ? -0.684  -4.604  -2.717  1.00 19.86 ? 126 THR A OG1 1 
ATOM   1043 C  CG2 . THR A 1 126 ? 0.944   -3.971  -4.382  1.00 17.36 ? 126 THR A CG2 1 
ATOM   1044 N  N   . GLU A 1 127 ? -1.189  -4.939  -7.101  1.00 13.65 ? 127 GLU A N   1 
ATOM   1045 C  CA  . GLU A 1 127 ? -0.776  -4.972  -8.490  1.00 12.40 ? 127 GLU A CA  1 
ATOM   1046 C  C   . GLU A 1 127 ? -1.783  -4.311  -9.415  1.00 15.19 ? 127 GLU A C   1 
ATOM   1047 O  O   . GLU A 1 127 ? -1.415  -3.571  -10.324 1.00 16.18 ? 127 GLU A O   1 
ATOM   1048 C  CB  . GLU A 1 127 ? -0.617  -6.420  -8.973  1.00 12.96 ? 127 GLU A CB  1 
ATOM   1049 C  CG  . GLU A 1 127 ? 0.547   -7.187  -8.335  1.00 11.78 ? 127 GLU A CG  1 
ATOM   1050 C  CD  . GLU A 1 127 ? 0.740   -8.540  -8.921  1.00 15.63 ? 127 GLU A CD  1 
ATOM   1051 O  OE1 . GLU A 1 127 ? 0.012   -8.894  -9.876  1.00 14.46 ? 127 GLU A OE1 1 
ATOM   1052 O  OE2 . GLU A 1 127 ? 1.623   -9.281  -8.416  1.00 14.26 ? 127 GLU A OE2 1 
ATOM   1053 N  N   . GLU A 1 128 ? -3.052  -4.649  -9.223  1.00 13.13 ? 128 GLU A N   1 
ATOM   1054 C  CA  . GLU A 1 128 ? -4.050  -4.335  -10.242 1.00 12.59 ? 128 GLU A CA  1 
ATOM   1055 C  C   . GLU A 1 128 ? -4.745  -3.006  -9.980  1.00 18.36 ? 128 GLU A C   1 
ATOM   1056 O  O   . GLU A 1 128 ? -5.331  -2.428  -10.886 1.00 17.50 ? 128 GLU A O   1 
ATOM   1057 C  CB  . GLU A 1 128 ? -5.035  -5.499  -10.390 1.00 15.62 ? 128 GLU A CB  1 
ATOM   1058 C  CG  . GLU A 1 128 ? -4.288  -6.821  -10.611 1.00 20.36 ? 128 GLU A CG  1 
ATOM   1059 C  CD  . GLU A 1 128 ? -5.021  -7.831  -11.464 1.00 23.61 ? 128 GLU A CD  1 
ATOM   1060 O  OE1 . GLU A 1 128 ? -4.417  -8.330  -12.466 1.00 15.93 ? 128 GLU A OE1 1 
ATOM   1061 O  OE2 . GLU A 1 128 ? -6.181  -8.147  -11.108 1.00 25.19 ? 128 GLU A OE2 1 
ATOM   1062 N  N   . ASP A 1 129 ? -4.645  -2.506  -8.758  1.00 13.62 ? 129 ASP A N   1 
ATOM   1063 C  CA  A ASP A 1 129 ? -5.273  -1.242  -8.379  0.50 17.04 ? 129 ASP A CA  1 
ATOM   1064 C  CA  B ASP A 1 129 ? -5.264  -1.242  -8.413  0.50 17.05 ? 129 ASP A CA  1 
ATOM   1065 C  C   . ASP A 1 129 ? -4.214  -0.179  -8.055  1.00 16.07 ? 129 ASP A C   1 
ATOM   1066 O  O   . ASP A 1 129 ? -4.060  0.806   -8.757  1.00 19.07 ? 129 ASP A O   1 
ATOM   1067 C  CB  A ASP A 1 129 ? -6.191  -1.430  -7.161  0.50 19.54 ? 129 ASP A CB  1 
ATOM   1068 C  CB  B ASP A 1 129 ? -6.254  -1.445  -7.267  0.50 19.50 ? 129 ASP A CB  1 
ATOM   1069 C  CG  A ASP A 1 129 ? -7.467  -2.181  -7.487  0.50 24.07 ? 129 ASP A CG  1 
ATOM   1070 C  CG  B ASP A 1 129 ? -7.230  -0.302  -7.145  0.50 27.38 ? 129 ASP A CG  1 
ATOM   1071 O  OD1 A ASP A 1 129 ? -7.869  -2.198  -8.669  0.50 25.45 ? 129 ASP A OD1 1 
ATOM   1072 O  OD1 B ASP A 1 129 ? -8.406  -0.470  -7.535  0.50 39.18 ? 129 ASP A OD1 1 
ATOM   1073 O  OD2 A ASP A 1 129 ? -8.076  -2.741  -6.549  0.50 26.20 ? 129 ASP A OD2 1 
ATOM   1074 O  OD2 B ASP A 1 129 ? -6.815  0.770   -6.679  0.50 28.15 ? 129 ASP A OD2 1 
ATOM   1075 N  N   . HIS A 1 130 ? -3.471  -0.389  -6.980  1.00 14.11 ? 130 HIS A N   1 
ATOM   1076 C  CA  A HIS A 1 130 ? -2.577  0.642   -6.446  0.50 14.26 ? 130 HIS A CA  1 
ATOM   1077 C  CA  B HIS A 1 130 ? -2.600  0.645   -6.454  0.50 14.26 ? 130 HIS A CA  1 
ATOM   1078 C  C   . HIS A 1 130 ? -1.407  0.951   -7.370  1.00 14.18 ? 130 HIS A C   1 
ATOM   1079 O  O   . HIS A 1 130 ? -1.249  2.079   -7.842  1.00 14.01 ? 130 HIS A O   1 
ATOM   1080 C  CB  A HIS A 1 130 ? -2.020  0.218   -5.084  0.50 16.33 ? 130 HIS A CB  1 
ATOM   1081 C  CB  B HIS A 1 130 ? -2.180  0.220   -5.048  0.50 16.60 ? 130 HIS A CB  1 
ATOM   1082 C  CG  A HIS A 1 130 ? -3.059  0.079   -4.011  0.50 21.85 ? 130 HIS A CG  1 
ATOM   1083 C  CG  B HIS A 1 130 ? -3.351  -0.141  -4.179  0.50 25.41 ? 130 HIS A CG  1 
ATOM   1084 N  ND1 A HIS A 1 130 ? -2.803  0.356   -2.686  0.50 23.79 ? 130 HIS A ND1 1 
ATOM   1085 N  ND1 B HIS A 1 130 ? -3.301  -1.104  -3.195  0.50 26.28 ? 130 HIS A ND1 1 
ATOM   1086 C  CD2 A HIS A 1 130 ? -4.350  -0.335  -4.065  0.50 25.09 ? 130 HIS A CD2 1 
ATOM   1087 C  CD2 B HIS A 1 130 ? -4.624  0.320   -4.189  0.50 23.43 ? 130 HIS A CD2 1 
ATOM   1088 C  CE1 A HIS A 1 130 ? -3.893  0.135   -1.970  0.50 27.71 ? 130 HIS A CE1 1 
ATOM   1089 C  CE1 B HIS A 1 130 ? -4.485  -1.198  -2.610  0.50 30.13 ? 130 HIS A CE1 1 
ATOM   1090 N  NE2 A HIS A 1 130 ? -4.845  -0.285  -2.783  0.50 26.33 ? 130 HIS A NE2 1 
ATOM   1091 N  NE2 B HIS A 1 130 ? -5.305  -0.348  -3.197  0.50 25.32 ? 130 HIS A NE2 1 
ATOM   1092 N  N   . ALA A 1 131 ? -0.570  -0.043  -7.628  1.00 12.31 ? 131 ALA A N   1 
ATOM   1093 C  CA  . ALA A 1 131 ? 0.605   0.199   -8.437  1.00 11.65 ? 131 ALA A CA  1 
ATOM   1094 C  C   . ALA A 1 131 ? 0.237   0.535   -9.873  1.00 11.56 ? 131 ALA A C   1 
ATOM   1095 O  O   . ALA A 1 131 ? 0.876   1.373   -10.487 1.00 13.37 ? 131 ALA A O   1 
ATOM   1096 C  CB  . ALA A 1 131 ? 1.563   -1.001  -8.389  1.00 13.89 ? 131 ALA A CB  1 
ATOM   1097 N  N   . TYR A 1 132 ? -0.776  -0.132  -10.416 1.00 12.62 ? 132 TYR A N   1 
ATOM   1098 C  CA  . TYR A 1 132 ? -1.159  0.100   -11.789 1.00 15.19 ? 132 TYR A CA  1 
ATOM   1099 C  C   . TYR A 1 132 ? -1.588  1.538   -11.976 1.00 12.11 ? 132 TYR A C   1 
ATOM   1100 O  O   . TYR A 1 132 ? -1.211  2.167   -12.957 1.00 13.40 ? 132 TYR A O   1 
ATOM   1101 C  CB  . TYR A 1 132 ? -2.308  -0.813  -12.162 1.00 14.52 ? 132 TYR A CB  1 
ATOM   1102 C  CG  . TYR A 1 132 ? -2.488  -1.054  -13.654 1.00 18.17 ? 132 TYR A CG  1 
ATOM   1103 C  CD1 . TYR A 1 132 ? -1.454  -0.857  -14.567 1.00 21.66 ? 132 TYR A CD1 1 
ATOM   1104 C  CD2 . TYR A 1 132 ? -3.694  -1.501  -14.137 1.00 24.27 ? 132 TYR A CD2 1 
ATOM   1105 C  CE1 . TYR A 1 132 ? -1.641  -1.099  -15.933 1.00 23.33 ? 132 TYR A CE1 1 
ATOM   1106 C  CE2 . TYR A 1 132 ? -3.887  -1.749  -15.488 1.00 24.78 ? 132 TYR A CE2 1 
ATOM   1107 C  CZ  . TYR A 1 132 ? -2.863  -1.549  -16.383 1.00 22.33 ? 132 TYR A CZ  1 
ATOM   1108 O  OH  . TYR A 1 132 ? -3.047  -1.812  -17.739 1.00 24.19 ? 132 TYR A OH  1 
ATOM   1109 N  N   . TRP A 1 133 ? -2.374  2.059   -11.038 1.00 12.46 ? 133 TRP A N   1 
ATOM   1110 C  CA  . TRP A 1 133 ? -2.874  3.432   -11.181 1.00 13.28 ? 133 TRP A CA  1 
ATOM   1111 C  C   . TRP A 1 133 ? -1.694  4.398   -11.164 1.00 13.77 ? 133 TRP A C   1 
ATOM   1112 O  O   . TRP A 1 133 ? -1.654  5.346   -11.924 1.00 12.10 ? 133 TRP A O   1 
ATOM   1113 C  CB  . TRP A 1 133 ? -3.893  3.769   -10.097 1.00 11.71 ? 133 TRP A CB  1 
ATOM   1114 C  CG  . TRP A 1 133 ? -4.434  5.189   -10.161 1.00 11.43 ? 133 TRP A CG  1 
ATOM   1115 C  CD1 . TRP A 1 133 ? -5.505  5.628   -10.883 1.00 13.40 ? 133 TRP A CD1 1 
ATOM   1116 C  CD2 . TRP A 1 133 ? -3.915  6.333   -9.474  1.00 12.53 ? 133 TRP A CD2 1 
ATOM   1117 N  NE1 . TRP A 1 133 ? -5.680  6.982   -10.692 1.00 15.75 ? 133 TRP A NE1 1 
ATOM   1118 C  CE2 . TRP A 1 133 ? -4.727  7.437   -9.816  1.00 14.01 ? 133 TRP A CE2 1 
ATOM   1119 C  CE3 . TRP A 1 133 ? -2.849  6.524   -8.591  1.00 13.72 ? 133 TRP A CE3 1 
ATOM   1120 C  CZ2 . TRP A 1 133 ? -4.476  8.728   -9.334  1.00 14.84 ? 133 TRP A CZ2 1 
ATOM   1121 C  CZ3 . TRP A 1 133 ? -2.619  7.800   -8.102  1.00 13.75 ? 133 TRP A CZ3 1 
ATOM   1122 C  CH2 . TRP A 1 133 ? -3.428  8.883   -8.484  1.00 15.29 ? 133 TRP A CH2 1 
ATOM   1123 N  N   . LEU A 1 134 ? -0.722  4.143   -10.303 1.00 11.79 ? 134 LEU A N   1 
ATOM   1124 C  CA  . LEU A 1 134 ? 0.446   5.009   -10.225 1.00 10.64 ? 134 LEU A CA  1 
ATOM   1125 C  C   . LEU A 1 134 ? 1.263   5.010   -11.521 1.00 11.45 ? 134 LEU A C   1 
ATOM   1126 O  O   . LEU A 1 134 ? 1.706   6.053   -12.011 1.00 13.65 ? 134 LEU A O   1 
ATOM   1127 C  CB  . LEU A 1 134 ? 1.321   4.600   -9.035  1.00 12.01 ? 134 LEU A CB  1 
ATOM   1128 C  CG  . LEU A 1 134 ? 0.733   4.859   -7.649  1.00 12.41 ? 134 LEU A CG  1 
ATOM   1129 C  CD1 . LEU A 1 134 ? 1.418   4.041   -6.585  1.00 16.14 ? 134 LEU A CD1 1 
ATOM   1130 C  CD2 . LEU A 1 134 ? 0.822   6.357   -7.295  1.00 14.52 ? 134 LEU A CD2 1 
ATOM   1131 N  N   . GLU A 1 135 ? 1.468   3.822   -12.070 1.00 11.69 ? 135 GLU A N   1 
ATOM   1132 C  CA  . GLU A 1 135 ? 2.140   3.665   -13.342 1.00 12.45 ? 135 GLU A CA  1 
ATOM   1133 C  C   . GLU A 1 135 ? 1.396   4.439   -14.421 1.00 16.60 ? 135 GLU A C   1 
ATOM   1134 O  O   . GLU A 1 135 ? 2.013   5.085   -15.271 1.00 14.01 ? 135 GLU A O   1 
ATOM   1135 C  CB  . GLU A 1 135 ? 2.203   2.175   -13.716 1.00 16.08 ? 135 GLU A CB  1 
ATOM   1136 C  CG  . GLU A 1 135 ? 3.219   1.372   -12.918 1.00 14.48 ? 135 GLU A CG  1 
ATOM   1137 C  CD  . GLU A 1 135 ? 3.265   -0.080  -13.309 1.00 21.41 ? 135 GLU A CD  1 
ATOM   1138 O  OE1 . GLU A 1 135 ? 2.412   -0.503  -14.099 1.00 24.24 ? 135 GLU A OE1 1 
ATOM   1139 O  OE2 . GLU A 1 135 ? 4.148   -0.816  -12.805 1.00 18.97 ? 135 GLU A OE2 1 
ATOM   1140 N  N   . GLN A 1 136 ? 0.072   4.360   -14.398 1.00 13.90 ? 136 GLN A N   1 
ATOM   1141 C  CA  . GLN A 1 136 ? -0.725  5.119   -15.353 1.00 13.41 ? 136 GLN A CA  1 
ATOM   1142 C  C   . GLN A 1 136 ? -0.505  6.627   -15.222 1.00 12.08 ? 136 GLN A C   1 
ATOM   1143 O  O   . GLN A 1 136 ? -0.381  7.311   -16.229 1.00 12.62 ? 136 GLN A O   1 
ATOM   1144 C  CB  . GLN A 1 136 ? -2.221  4.806   -15.203 1.00 12.16 ? 136 GLN A CB  1 
ATOM   1145 C  CG  . GLN A 1 136 ? -2.574  3.387   -15.611 1.00 17.37 ? 136 GLN A CG  1 
ATOM   1146 C  CD  . GLN A 1 136 ? -4.062  3.137   -15.502 1.00 20.37 ? 136 GLN A CD  1 
ATOM   1147 O  OE1 . GLN A 1 136 ? -4.760  3.771   -14.708 1.00 26.00 ? 136 GLN A OE1 1 
ATOM   1148 N  NE2 . GLN A 1 136 ? -4.555  2.189   -16.283 1.00 29.35 ? 136 GLN A NE2 1 
ATOM   1149 N  N   . GLN A 1 137 ? -0.476  7.143   -13.995 1.00 11.63 ? 137 GLN A N   1 
ATOM   1150 C  CA  . GLN A 1 137 ? -0.321  8.588   -13.830 1.00 11.16 ? 137 GLN A CA  1 
ATOM   1151 C  C   . GLN A 1 137 ? 1.035   9.039   -14.374 1.00 11.04 ? 137 GLN A C   1 
ATOM   1152 O  O   . GLN A 1 137 ? 1.133   10.069  -15.056 1.00 12.84 ? 137 GLN A O   1 
ATOM   1153 C  CB  . GLN A 1 137 ? -0.447  9.021   -12.373 1.00 11.51 ? 137 GLN A CB  1 
ATOM   1154 C  CG  . GLN A 1 137 ? -1.726  8.586   -11.659 1.00 12.32 ? 137 GLN A CG  1 
ATOM   1155 C  CD  . GLN A 1 137 ? -2.954  8.556   -12.548 1.00 13.14 ? 137 GLN A CD  1 
ATOM   1156 O  OE1 . GLN A 1 137 ? -3.486  7.476   -12.883 1.00 16.20 ? 137 GLN A OE1 1 
ATOM   1157 N  NE2 . GLN A 1 137 ? -3.437  9.721   -12.911 1.00 11.11 ? 137 GLN A NE2 1 
ATOM   1158 N  N   . LEU A 1 138 ? 2.076   8.286   -14.055 1.00 14.23 ? 138 LEU A N   1 
ATOM   1159 C  CA  . LEU A 1 138 ? 3.408   8.621   -14.556 1.00 13.03 ? 138 LEU A CA  1 
ATOM   1160 C  C   . LEU A 1 138 ? 3.474   8.536   -16.074 1.00 12.41 ? 138 LEU A C   1 
ATOM   1161 O  O   . LEU A 1 138 ? 4.131   9.359   -16.723 1.00 12.53 ? 138 LEU A O   1 
ATOM   1162 C  CB  . LEU A 1 138 ? 4.456   7.723   -13.905 1.00 11.79 ? 138 LEU A CB  1 
ATOM   1163 C  CG  . LEU A 1 138 ? 4.661   8.079   -12.427 1.00 13.73 ? 138 LEU A CG  1 
ATOM   1164 C  CD1 . LEU A 1 138 ? 5.329   6.928   -11.683 1.00 18.42 ? 138 LEU A CD1 1 
ATOM   1165 C  CD2 . LEU A 1 138 ? 5.435   9.385   -12.223 1.00 13.29 ? 138 LEU A CD2 1 
ATOM   1166 N  N   . GLY A 1 139 ? 2.744   7.583   -16.639 1.00 12.08 ? 139 GLY A N   1 
ATOM   1167 C  CA  . GLY A 1 139 ? 2.667   7.462   -18.082 1.00 13.29 ? 139 GLY A CA  1 
ATOM   1168 C  C   . GLY A 1 139 ? 1.914   8.604   -18.729 1.00 15.61 ? 139 GLY A C   1 
ATOM   1169 O  O   . GLY A 1 139 ? 2.238   9.022   -19.837 1.00 16.17 ? 139 GLY A O   1 
ATOM   1170 N  N   . LEU A 1 140 ? 0.902   9.100   -18.043 1.00 14.09 ? 140 LEU A N   1 
ATOM   1171 C  CA  . LEU A 1 140 ? 0.154   10.248  -18.554 1.00 13.60 ? 140 LEU A CA  1 
ATOM   1172 C  C   . LEU A 1 140 ? 1.024   11.475  -18.576 1.00 15.79 ? 140 LEU A C   1 
ATOM   1173 O  O   . LEU A 1 140 ? 1.004   12.223  -19.536 1.00 14.57 ? 140 LEU A O   1 
ATOM   1174 C  CB  . LEU A 1 140 ? -1.085  10.488  -17.706 1.00 12.02 ? 140 LEU A CB  1 
ATOM   1175 C  CG  . LEU A 1 140 ? -2.176  9.429   -17.924 1.00 13.12 ? 140 LEU A CG  1 
ATOM   1176 C  CD1 . LEU A 1 140 ? -3.286  9.634   -16.912 1.00 14.70 ? 140 LEU A CD1 1 
ATOM   1177 C  CD2 . LEU A 1 140 ? -2.747  9.429   -19.350 1.00 15.15 ? 140 LEU A CD2 1 
ATOM   1178 N  N   . ILE A 1 141 ? 1.780   11.694  -17.506 1.00 11.90 ? 141 ILE A N   1 
ATOM   1179 C  CA  . ILE A 1 141 ? 2.713   12.820  -17.450 1.00 13.24 ? 141 ILE A CA  1 
ATOM   1180 C  C   . ILE A 1 141 ? 3.685   12.705  -18.628 1.00 14.19 ? 141 ILE A C   1 
ATOM   1181 O  O   . ILE A 1 141 ? 3.973   13.683  -19.311 1.00 15.01 ? 141 ILE A O   1 
ATOM   1182 C  CB  . ILE A 1 141 ? 3.478   12.823  -16.132 1.00 11.95 ? 141 ILE A CB  1 
ATOM   1183 C  CG1 . ILE A 1 141 ? 2.541   13.268  -14.984 1.00 11.93 ? 141 ILE A CG1 1 
ATOM   1184 C  CG2 . ILE A 1 141 ? 4.667   13.779  -16.237 1.00 14.80 ? 141 ILE A CG2 1 
ATOM   1185 C  CD1 . ILE A 1 141 ? 3.092   12.983  -13.608 1.00 13.61 ? 141 ILE A CD1 1 
ATOM   1186 N  N   . ALA A 1 142 ? 4.146   11.493  -18.908 1.00 12.90 ? 142 ALA A N   1 
ATOM   1187 C  CA  . ALA A 1 142 ? 5.068   11.301  -20.026 1.00 17.58 ? 142 ALA A CA  1 
ATOM   1188 C  C   . ALA A 1 142 ? 4.429   11.625  -21.385 1.00 17.96 ? 142 ALA A C   1 
ATOM   1189 O  O   . ALA A 1 142 ? 5.136   12.049  -22.297 1.00 22.74 ? 142 ALA A O   1 
ATOM   1190 C  CB  . ALA A 1 142 ? 5.592   9.878   -20.020 1.00 16.74 ? 142 ALA A CB  1 
ATOM   1191 N  N   . ARG A 1 143 ? 3.122   11.400  -21.531 1.00 14.24 ? 143 ARG A N   1 
ATOM   1192 C  CA  . ARG A 1 143 ? 2.457   11.486  -22.831 1.00 16.11 ? 143 ARG A CA  1 
ATOM   1193 C  C   . ARG A 1 143 ? 1.897   12.882  -23.109 1.00 20.87 ? 143 ARG A C   1 
ATOM   1194 O  O   . ARG A 1 143 ? 1.868   13.323  -24.254 1.00 20.19 ? 143 ARG A O   1 
ATOM   1195 C  CB  . ARG A 1 143 ? 1.352   10.441  -22.955 1.00 17.13 ? 143 ARG A CB  1 
ATOM   1196 C  CG  . ARG A 1 143 ? 1.877   9.013   -23.070 1.00 20.11 ? 143 ARG A CG  1 
ATOM   1197 C  CD  . ARG A 1 143 ? 0.742   8.000   -23.134 1.00 23.76 ? 143 ARG A CD  1 
ATOM   1198 N  NE  . ARG A 1 143 ? 1.243   6.698   -23.566 1.00 29.99 ? 143 ARG A NE  1 
ATOM   1199 C  CZ  . ARG A 1 143 ? 1.821   5.828   -22.758 1.00 30.47 ? 143 ARG A CZ  1 
ATOM   1200 N  NH1 . ARG A 1 143 ? 1.954   6.102   -21.467 1.00 36.07 ? 143 ARG A NH1 1 
ATOM   1201 N  NH2 . ARG A 1 143 ? 2.264   4.676   -23.240 1.00 32.09 ? 143 ARG A NH2 1 
ATOM   1202 N  N   . MET A 1 144 ? 1.450   13.577  -22.068 1.00 17.47 ? 144 MET A N   1 
ATOM   1203 C  CA  . MET A 1 144 ? 0.840   14.892  -22.274 1.00 18.11 ? 144 MET A CA  1 
ATOM   1204 C  C   . MET A 1 144 ? 1.620   16.026  -21.634 1.00 18.58 ? 144 MET A C   1 
ATOM   1205 O  O   . MET A 1 144 ? 1.281   17.195  -21.827 1.00 18.40 ? 144 MET A O   1 
ATOM   1206 C  CB  . MET A 1 144 ? -0.599  14.909  -21.753 1.00 16.76 ? 144 MET A CB  1 
ATOM   1207 C  CG  . MET A 1 144 ? -0.724  14.859  -20.248 1.00 17.42 ? 144 MET A CG  1 
ATOM   1208 S  SD  . MET A 1 144 ? -2.401  14.665  -19.645 1.00 19.05 ? 144 MET A SD  1 
ATOM   1209 C  CE  . MET A 1 144 ? -2.869  13.166  -20.520 1.00 23.85 ? 144 MET A CE  1 
ATOM   1210 N  N   . GLY A 1 145 ? 2.646   15.685  -20.865 1.00 15.45 ? 145 GLY A N   1 
ATOM   1211 C  CA  . GLY A 1 145 ? 3.399   16.672  -20.130 1.00 16.26 ? 145 GLY A CA  1 
ATOM   1212 C  C   . GLY A 1 145 ? 2.852   16.920  -18.742 1.00 12.79 ? 145 GLY A C   1 
ATOM   1213 O  O   . GLY A 1 145 ? 1.666   16.777  -18.477 1.00 14.76 ? 145 GLY A O   1 
ATOM   1214 N  N   . LEU A 1 146 ? 3.716   17.383  -17.850 1.00 14.06 ? 146 LEU A N   1 
ATOM   1215 C  CA  . LEU A 1 146 ? 3.301   17.552  -16.471 1.00 12.37 ? 146 LEU A CA  1 
ATOM   1216 C  C   . LEU A 1 146 ? 2.226   18.622  -16.292 1.00 15.23 ? 146 LEU A C   1 
ATOM   1217 O  O   . LEU A 1 146 ? 1.329   18.462  -15.469 1.00 13.57 ? 146 LEU A O   1 
ATOM   1218 C  CB  . LEU A 1 146 ? 4.500   17.898  -15.602 1.00 15.27 ? 146 LEU A CB  1 
ATOM   1219 C  CG  . LEU A 1 146 ? 4.212   18.110  -14.116 1.00 15.19 ? 146 LEU A CG  1 
ATOM   1220 C  CD1 . LEU A 1 146 ? 3.643   16.853  -13.483 1.00 16.20 ? 146 LEU A CD1 1 
ATOM   1221 C  CD2 . LEU A 1 146 ? 5.471   18.551  -13.360 1.00 25.42 ? 146 LEU A CD2 1 
ATOM   1222 N  N   . GLU A 1 147 ? 2.333   19.731  -17.022 1.00 14.64 ? 147 GLU A N   1 
ATOM   1223 C  CA  . GLU A 1 147 ? 1.420   20.845  -16.816 1.00 15.25 ? 147 GLU A CA  1 
ATOM   1224 C  C   . GLU A 1 147 ? 0.004   20.446  -17.189 1.00 13.00 ? 147 GLU A C   1 
ATOM   1225 O  O   . GLU A 1 147 ? -0.927  20.717  -16.447 1.00 13.69 ? 147 GLU A O   1 
ATOM   1226 C  CB  . GLU A 1 147 ? 1.879   22.079  -17.605 1.00 14.29 ? 147 GLU A CB  1 
ATOM   1227 C  CG  . GLU A 1 147 ? 3.193   22.659  -17.080 1.00 17.59 ? 147 GLU A CG  1 
ATOM   1228 C  CD  . GLU A 1 147 ? 4.473   21.958  -17.602 1.00 30.84 ? 147 GLU A CD  1 
ATOM   1229 O  OE1 . GLU A 1 147 ? 4.414   21.011  -18.438 1.00 25.57 ? 147 GLU A OE1 1 
ATOM   1230 O  OE2 . GLU A 1 147 ? 5.565   22.383  -17.160 1.00 44.77 ? 147 GLU A OE2 1 
ATOM   1231 N  N   . ASN A 1 148 ? -0.176  19.794  -18.330 1.00 13.59 ? 148 ASN A N   1 
ATOM   1232 C  CA  A ASN A 1 148 ? -1.492  19.287  -18.725 0.50 13.87 ? 148 ASN A CA  1 
ATOM   1233 C  CA  B ASN A 1 148 ? -1.503  19.315  -18.701 0.50 13.85 ? 148 ASN A CA  1 
ATOM   1234 C  C   . ASN A 1 148 ? -1.998  18.250  -17.732 1.00 13.60 ? 148 ASN A C   1 
ATOM   1235 O  O   . ASN A 1 148 ? -3.177  18.229  -17.381 1.00 13.25 ? 148 ASN A O   1 
ATOM   1236 C  CB  A ASN A 1 148 ? -1.424  18.650  -20.118 0.50 16.13 ? 148 ASN A CB  1 
ATOM   1237 C  CB  B ASN A 1 148 ? -1.496  18.764  -20.123 0.50 16.11 ? 148 ASN A CB  1 
ATOM   1238 C  CG  A ASN A 1 148 ? -1.849  19.598  -21.232 0.50 14.62 ? 148 ASN A CG  1 
ATOM   1239 C  CG  B ASN A 1 148 ? -1.072  19.799  -21.146 0.50 18.31 ? 148 ASN A CG  1 
ATOM   1240 O  OD1 A ASN A 1 148 ? -2.194  20.754  -20.993 0.50 12.78 ? 148 ASN A OD1 1 
ATOM   1241 O  OD1 B ASN A 1 148 ? -1.231  21.002  -20.938 0.50 19.04 ? 148 ASN A OD1 1 
ATOM   1242 N  ND2 A ASN A 1 148 ? -1.827  19.102  -22.459 0.50 12.34 ? 148 ASN A ND2 1 
ATOM   1243 N  ND2 B ASN A 1 148 ? -0.521  19.337  -22.253 0.50 17.18 ? 148 ASN A ND2 1 
ATOM   1244 N  N   . TYR A 1 149 ? -1.110  17.367  -17.282 1.00 13.45 ? 149 TYR A N   1 
ATOM   1245 C  CA  . TYR A 1 149 ? -1.532  16.358  -16.328 1.00 13.70 ? 149 TYR A CA  1 
ATOM   1246 C  C   . TYR A 1 149 ? -2.045  17.029  -15.048 1.00 14.61 ? 149 TYR A C   1 
ATOM   1247 O  O   . TYR A 1 149 ? -3.100  16.665  -14.532 1.00 14.58 ? 149 TYR A O   1 
ATOM   1248 C  CB  . TYR A 1 149 ? -0.387  15.370  -16.022 1.00 12.77 ? 149 TYR A CB  1 
ATOM   1249 C  CG  . TYR A 1 149 ? -0.797  14.411  -14.930 1.00 13.06 ? 149 TYR A CG  1 
ATOM   1250 C  CD1 . TYR A 1 149 ? -1.663  13.352  -15.208 1.00 12.67 ? 149 TYR A CD1 1 
ATOM   1251 C  CD2 . TYR A 1 149 ? -0.400  14.614  -13.615 1.00 11.05 ? 149 TYR A CD2 1 
ATOM   1252 C  CE1 . TYR A 1 149 ? -2.086  12.489  -14.211 1.00 12.33 ? 149 TYR A CE1 1 
ATOM   1253 C  CE2 . TYR A 1 149 ? -0.822  13.748  -12.597 1.00 11.91 ? 149 TYR A CE2 1 
ATOM   1254 C  CZ  . TYR A 1 149 ? -1.687  12.699  -12.912 1.00 13.12 ? 149 TYR A CZ  1 
ATOM   1255 O  OH  . TYR A 1 149 ? -2.101  11.872  -11.887 1.00 15.08 ? 149 TYR A OH  1 
ATOM   1256 N  N   . LEU A 1 150 ? -1.307  18.004  -14.529 1.00 12.60 ? 150 LEU A N   1 
ATOM   1257 C  CA  . LEU A 1 150 ? -1.722  18.671  -13.296 1.00 12.91 ? 150 LEU A CA  1 
ATOM   1258 C  C   . LEU A 1 150 ? -3.066  19.358  -13.473 1.00 14.71 ? 150 LEU A C   1 
ATOM   1259 O  O   . LEU A 1 150 ? -3.914  19.314  -12.578 1.00 14.72 ? 150 LEU A O   1 
ATOM   1260 C  CB  . LEU A 1 150 ? -0.663  19.673  -12.831 1.00 13.17 ? 150 LEU A CB  1 
ATOM   1261 C  CG  . LEU A 1 150 ? 0.627   19.005  -12.354 1.00 15.38 ? 150 LEU A CG  1 
ATOM   1262 C  CD1 . LEU A 1 150 ? 1.603   20.063  -11.907 1.00 19.52 ? 150 LEU A CD1 1 
ATOM   1263 C  CD2 . LEU A 1 150 ? 0.379   18.007  -11.220 1.00 16.68 ? 150 LEU A CD2 1 
ATOM   1264 N  N   . GLN A 1 151 ? -3.265  19.980  -14.630 1.00 13.31 ? 151 GLN A N   1 
ATOM   1265 C  CA  . GLN A 1 151 ? -4.527  20.626  -14.926 1.00 13.95 ? 151 GLN A CA  1 
ATOM   1266 C  C   . GLN A 1 151 ? -5.684  19.621  -14.787 1.00 16.16 ? 151 GLN A C   1 
ATOM   1267 O  O   . GLN A 1 151 ? -6.756  19.951  -14.258 1.00 17.95 ? 151 GLN A O   1 
ATOM   1268 C  CB  . GLN A 1 151 ? -4.487  21.209  -16.343 1.00 12.09 ? 151 GLN A CB  1 
ATOM   1269 C  CG  . GLN A 1 151 ? -5.736  22.047  -16.652 1.00 16.64 ? 151 GLN A CG  1 
ATOM   1270 C  CD  . GLN A 1 151 ? -5.915  22.381  -18.117 1.00 19.80 ? 151 GLN A CD  1 
ATOM   1271 O  OE1 . GLN A 1 151 ? -5.067  22.100  -18.953 1.00 27.78 ? 151 GLN A OE1 1 
ATOM   1272 N  NE2 . GLN A 1 151 ? -7.054  22.955  -18.435 1.00 32.09 ? 151 GLN A NE2 1 
ATOM   1273 N  N   . SER A 1 152 ? -5.462  18.394  -15.241 1.00 14.15 ? 152 SER A N   1 
ATOM   1274 C  CA  A SER A 1 152 ? -6.504  17.372  -15.244 0.50 18.15 ? 152 SER A CA  1 
ATOM   1275 C  CA  B SER A 1 152 ? -6.506  17.372  -15.229 0.50 18.13 ? 152 SER A CA  1 
ATOM   1276 C  C   . SER A 1 152 ? -6.869  16.892  -13.845 1.00 16.25 ? 152 SER A C   1 
ATOM   1277 O  O   . SER A 1 152 ? -7.883  16.238  -13.670 1.00 17.75 ? 152 SER A O   1 
ATOM   1278 C  CB  A SER A 1 152 ? -6.089  16.173  -16.113 0.50 17.98 ? 152 SER A CB  1 
ATOM   1279 C  CB  B SER A 1 152 ? -6.089  16.157  -16.044 0.50 17.98 ? 152 SER A CB  1 
ATOM   1280 O  OG  A SER A 1 152 ? -5.151  15.318  -15.458 0.50 11.05 ? 152 SER A OG  1 
ATOM   1281 O  OG  B SER A 1 152 ? -5.942  16.518  -17.392 0.50 23.86 ? 152 SER A OG  1 
ATOM   1282 N  N   . GLN A 1 153 ? -6.050  17.226  -12.865 1.00 14.75 ? 153 GLN A N   1 
ATOM   1283 C  CA  . GLN A 1 153 ? -6.260  16.711  -11.512 1.00 12.66 ? 153 GLN A CA  1 
ATOM   1284 C  C   . GLN A 1 153 ? -6.854  17.718  -10.551 1.00 13.91 ? 153 GLN A C   1 
ATOM   1285 O  O   . GLN A 1 153 ? -7.024  17.416  -9.378  1.00 14.42 ? 153 GLN A O   1 
ATOM   1286 C  CB  . GLN A 1 153 ? -4.932  16.209  -10.929 1.00 13.90 ? 153 GLN A CB  1 
ATOM   1287 C  CG  . GLN A 1 153 ? -4.311  15.019  -11.695 1.00 15.85 ? 153 GLN A CG  1 
ATOM   1288 C  CD  . GLN A 1 153 ? -5.261  13.846  -11.853 1.00 17.24 ? 153 GLN A CD  1 
ATOM   1289 O  OE1 . GLN A 1 153 ? -5.789  13.339  -10.884 1.00 19.13 ? 153 GLN A OE1 1 
ATOM   1290 N  NE2 . GLN A 1 153 ? -5.486  13.423  -13.085 1.00 23.35 ? 153 GLN A NE2 1 
ATOM   1291 N  N   . ILE A 1 154 ? -7.147  18.917  -11.039 1.00 16.39 ? 154 ILE A N   1 
ATOM   1292 C  CA  . ILE A 1 154 ? -7.827  19.937  -10.249 1.00 17.11 ? 154 ILE A CA  1 
ATOM   1293 C  C   . ILE A 1 154 ? -9.172  19.427  -9.756  1.00 18.40 ? 154 ILE A C   1 
ATOM   1294 O  O   . ILE A 1 154 ? -9.908  18.775  -10.491 1.00 18.72 ? 154 ILE A O   1 
ATOM   1295 C  CB  . ILE A 1 154 ? -8.016  21.200  -11.099 1.00 17.91 ? 154 ILE A CB  1 
ATOM   1296 C  CG1 . ILE A 1 154 ? -6.667  21.863  -11.331 1.00 17.66 ? 154 ILE A CG1 1 
ATOM   1297 C  CG2 . ILE A 1 154 ? -8.960  22.182  -10.415 1.00 24.72 ? 154 ILE A CG2 1 
ATOM   1298 C  CD1 . ILE A 1 154 ? -6.768  23.055  -12.325 1.00 24.33 ? 154 ILE A CD1 1 
ATOM   1299 O  OXT . ILE A 1 154 ? -9.522  19.638  -8.589  1.00 21.50 ? 154 ILE A OXT 1 
HETATM 1300 NA NA  . NA  B 2 .   ? -1.838  -2.887  1.022   1.00 20.42 ? 155 NA  A NA  1 
HETATM 1301 NA NA  . NA  C 2 .   ? -1.198  -0.614  -1.592  1.00 17.07 ? 156 NA  A NA  1 
HETATM 1302 NA NA  . NA  D 2 .   ? -5.187  21.829  -21.448 0.25 38.09 ? 157 NA  A NA  1 
HETATM 1303 O  O   . HOH E 3 .   ? -10.902 1.822   5.895   1.00 38.50 ? 158 HOH A O   1 
HETATM 1304 O  O   . HOH E 3 .   ? -7.226  -7.727  3.038   1.00 23.88 ? 159 HOH A O   1 
HETATM 1305 O  O   . HOH E 3 .   ? 9.682   4.612   -11.859 1.00 39.94 ? 160 HOH A O   1 
HETATM 1306 O  O   . HOH E 3 .   ? 10.375  2.093   5.295   1.00 39.35 ? 161 HOH A O   1 
HETATM 1307 O  O   . HOH E 3 .   ? -10.912 3.954   7.273   1.00 39.44 ? 162 HOH A O   1 
HETATM 1308 O  O   . HOH E 3 .   ? 11.149  0.333   -7.034  1.00 34.74 ? 163 HOH A O   1 
HETATM 1309 O  O   . HOH E 3 .   ? -1.076  -4.538  1.065   1.00 33.17 ? 164 HOH A O   1 
HETATM 1310 O  O   . HOH E 3 .   ? 3.626   6.811   10.002  1.00 16.35 ? 165 HOH A O   1 
HETATM 1311 O  O   . HOH E 3 .   ? 1.279   20.420  0.273   1.00 19.66 ? 166 HOH A O   1 
HETATM 1312 O  O   . HOH E 3 .   ? -4.730  -21.796 7.230   1.00 11.80 ? 167 HOH A O   1 
HETATM 1313 O  O   . HOH E 3 .   ? 1.768   19.764  -20.566 1.00 22.25 ? 168 HOH A O   1 
HETATM 1314 O  O   . HOH E 3 .   ? 10.328  10.212  -5.381  1.00 16.82 ? 169 HOH A O   1 
HETATM 1315 O  O   . HOH E 3 .   ? -8.336  -11.067 8.684   1.00 15.35 ? 170 HOH A O   1 
HETATM 1316 O  O   . HOH E 3 .   ? -12.817 13.261  2.210   1.00 30.08 ? 171 HOH A O   1 
HETATM 1317 O  O   . HOH E 3 .   ? 7.928   -4.089  7.015   1.00 15.59 ? 172 HOH A O   1 
HETATM 1318 O  O   . HOH E 3 .   ? 0.872   9.619   -4.984  1.00 17.00 ? 173 HOH A O   1 
HETATM 1319 O  O   . HOH E 3 .   ? 3.616   -12.538 18.105  1.00 19.85 ? 174 HOH A O   1 
HETATM 1320 O  O   . HOH E 3 .   ? -11.625 9.675   -1.366  1.00 17.86 ? 175 HOH A O   1 
HETATM 1321 O  O   . HOH E 3 .   ? -5.989  3.272   11.420  1.00 14.77 ? 176 HOH A O   1 
HETATM 1322 O  O   . HOH E 3 .   ? -1.650  25.443  -5.619  1.00 20.72 ? 177 HOH A O   1 
HETATM 1323 O  O   . HOH E 3 .   ? 8.889   5.430   -1.306  1.00 16.22 ? 178 HOH A O   1 
HETATM 1324 O  O   . HOH E 3 .   ? -0.953  -2.331  -0.925  1.00 26.60 ? 179 HOH A O   1 
HETATM 1325 O  O   . HOH E 3 .   ? -4.386  -20.615 -0.145  1.00 18.62 ? 180 HOH A O   1 
HETATM 1326 O  O   . HOH E 3 .   ? 6.167   6.009   10.001  1.00 15.70 ? 181 HOH A O   1 
HETATM 1327 O  O   . HOH E 3 .   ? 6.492   10.545  -15.913 1.00 19.10 ? 182 HOH A O   1 
HETATM 1328 O  O   . HOH E 3 .   ? -2.920  -12.494 20.933  1.00 23.55 ? 183 HOH A O   1 
HETATM 1329 O  O   . HOH E 3 .   ? 10.755  9.775   -1.248  1.00 19.76 ? 184 HOH A O   1 
HETATM 1330 O  O   . HOH E 3 .   ? 9.336   4.926   -8.264  1.00 18.22 ? 185 HOH A O   1 
HETATM 1331 O  O   . HOH E 3 .   ? 8.093   -5.071  11.204  1.00 19.53 ? 186 HOH A O   1 
HETATM 1332 O  O   . HOH E 3 .   ? -3.115  -17.629 -3.433  1.00 27.41 ? 187 HOH A O   1 
HETATM 1333 O  O   . HOH E 3 .   ? -7.068  5.453   8.188   1.00 15.15 ? 188 HOH A O   1 
HETATM 1334 O  O   . HOH E 3 .   ? 9.258   -15.005 9.387   1.00 22.86 ? 189 HOH A O   1 
HETATM 1335 O  O   . HOH E 3 .   ? 8.248   -8.383  -7.184  1.00 21.75 ? 190 HOH A O   1 
HETATM 1336 O  O   . HOH E 3 .   ? -8.332  23.468  -7.085  1.00 21.66 ? 191 HOH A O   1 
HETATM 1337 O  O   . HOH E 3 .   ? 7.980   7.978   9.211   1.00 19.05 ? 192 HOH A O   1 
HETATM 1338 O  O   . HOH E 3 .   ? -5.978  9.967   -14.309 1.00 23.47 ? 193 HOH A O   1 
HETATM 1339 O  O   . HOH E 3 .   ? 6.076   -22.020 -1.433  1.00 21.20 ? 194 HOH A O   1 
HETATM 1340 O  O   . HOH E 3 .   ? 11.414  10.797  -7.911  1.00 24.53 ? 195 HOH A O   1 
HETATM 1341 O  O   . HOH E 3 .   ? 7.884   4.518   1.976   1.00 23.04 ? 196 HOH A O   1 
HETATM 1342 O  O   . HOH E 3 .   ? 6.895   4.823   12.626  1.00 20.36 ? 197 HOH A O   1 
HETATM 1343 O  O   . HOH E 3 .   ? 7.871   -5.666  -6.889  1.00 20.04 ? 198 HOH A O   1 
HETATM 1344 O  O   . HOH E 3 .   ? 7.443   16.148  1.765   1.00 22.41 ? 199 HOH A O   1 
HETATM 1345 O  O   . HOH E 3 .   ? 9.142   -11.413 -3.786  1.00 19.17 ? 200 HOH A O   1 
HETATM 1346 O  O   . HOH E 3 .   ? 13.858  -0.725  13.250  1.00 19.30 ? 201 HOH A O   1 
HETATM 1347 O  O   . HOH E 3 .   ? 10.973  7.566   -4.884  1.00 20.21 ? 202 HOH A O   1 
HETATM 1348 O  O   . HOH E 3 .   ? -4.643  -3.855  -18.350 1.00 18.68 ? 203 HOH A O   1 
HETATM 1349 O  O   . HOH E 3 .   ? 5.694   -11.804 15.805  1.00 22.36 ? 204 HOH A O   1 
HETATM 1350 O  O   . HOH E 3 .   ? 10.903  7.149   -2.172  1.00 18.38 ? 205 HOH A O   1 
HETATM 1351 O  O   . HOH E 3 .   ? -1.465  -26.796 8.301   1.00 22.97 ? 206 HOH A O   1 
HETATM 1352 O  O   . HOH E 3 .   ? 9.686   17.085  -9.423  1.00 24.13 ? 207 HOH A O   1 
HETATM 1353 O  O   . HOH E 3 .   ? -4.896  19.345  3.112   1.00 18.33 ? 208 HOH A O   1 
HETATM 1354 O  O   . HOH E 3 .   ? 5.655   -4.187  3.173   1.00 31.84 ? 209 HOH A O   1 
HETATM 1355 O  O   . HOH E 3 .   ? -5.673  6.278   -14.515 1.00 22.70 ? 210 HOH A O   1 
HETATM 1356 O  O   . HOH E 3 .   ? 7.127   12.183  -13.800 1.00 20.45 ? 211 HOH A O   1 
HETATM 1357 O  O   . HOH E 3 .   ? 11.330  1.499   8.221   1.00 25.41 ? 212 HOH A O   1 
HETATM 1358 O  O   . HOH E 3 .   ? -8.097  5.642   -13.714 1.00 34.67 ? 213 HOH A O   1 
HETATM 1359 O  O   . HOH E 3 .   ? 9.061   10.905  -12.310 1.00 24.25 ? 214 HOH A O   1 
HETATM 1360 O  O   . HOH E 3 .   ? 9.812   2.177   -8.536  1.00 25.93 ? 215 HOH A O   1 
HETATM 1361 O  O   . HOH E 3 .   ? 1.173   -3.467  -11.395 1.00 23.13 ? 216 HOH A O   1 
HETATM 1362 O  O   . HOH E 3 .   ? 0.399   -20.210 10.594  1.00 18.45 ? 217 HOH A O   1 
HETATM 1363 O  O   . HOH E 3 .   ? 11.665  6.044   -7.032  1.00 25.92 ? 218 HOH A O   1 
HETATM 1364 O  O   . HOH E 3 .   ? 7.429   -15.758 -3.561  1.00 24.36 ? 219 HOH A O   1 
HETATM 1365 O  O   . HOH E 3 .   ? 10.759  12.079  2.442   1.00 35.56 ? 220 HOH A O   1 
HETATM 1366 O  O   . HOH E 3 .   ? 10.070  12.296  -9.862  1.00 22.90 ? 221 HOH A O   1 
HETATM 1367 O  O   . HOH E 3 .   ? 3.783   20.690  1.365   1.00 32.54 ? 222 HOH A O   1 
HETATM 1368 O  O   . HOH E 3 .   ? -1.881  3.827   -5.419  1.00 32.30 ? 223 HOH A O   1 
HETATM 1369 O  O   . HOH E 3 .   ? 3.163   -27.032 1.376   1.00 32.93 ? 224 HOH A O   1 
HETATM 1370 O  O   . HOH E 3 .   ? 4.857   -20.860 -3.685  1.00 24.11 ? 225 HOH A O   1 
HETATM 1371 O  O   . HOH E 3 .   ? 7.692   -5.205  4.354   1.00 28.56 ? 226 HOH A O   1 
HETATM 1372 O  O   . HOH E 3 .   ? 7.845   11.895  -17.890 1.00 29.43 ? 227 HOH A O   1 
HETATM 1373 O  O   . HOH E 3 .   ? 7.719   14.806  -14.393 1.00 29.59 ? 228 HOH A O   1 
HETATM 1374 O  O   . HOH E 3 .   ? -9.319  5.992   6.812   1.00 29.39 ? 229 HOH A O   1 
HETATM 1375 O  O   . HOH E 3 .   ? 9.908   -6.085  -0.434  1.00 26.99 ? 230 HOH A O   1 
HETATM 1376 O  O   . HOH E 3 .   ? 4.747   -8.595  18.599  1.00 30.16 ? 231 HOH A O   1 
HETATM 1377 O  O   . HOH E 3 .   ? -9.825  10.864  -8.206  1.00 26.30 ? 232 HOH A O   1 
HETATM 1378 O  O   . HOH E 3 .   ? 1.880   0.194   -16.639 1.00 28.91 ? 233 HOH A O   1 
HETATM 1379 O  O   . HOH E 3 .   ? -8.282  -11.459 -5.177  1.00 27.79 ? 234 HOH A O   1 
HETATM 1380 O  O   . HOH E 3 .   ? 8.755   -25.410 11.056  1.00 42.20 ? 235 HOH A O   1 
HETATM 1381 O  O   . HOH E 3 .   ? 2.821   -26.162 -2.770  1.00 30.34 ? 236 HOH A O   1 
HETATM 1382 O  O   . HOH E 3 .   ? 6.581   19.967  -0.879  1.00 30.51 ? 237 HOH A O   1 
HETATM 1383 O  O   . HOH E 3 .   ? 9.587   3.137   -0.049  1.00 33.32 ? 238 HOH A O   1 
HETATM 1384 O  O   . HOH E 3 .   ? 13.627  12.309  -7.393  1.00 35.74 ? 239 HOH A O   1 
HETATM 1385 O  O   . HOH E 3 .   ? -5.296  -18.639 -1.942  1.00 30.15 ? 240 HOH A O   1 
HETATM 1386 O  O   . HOH E 3 .   ? 9.032   -17.076 1.132   1.00 25.73 ? 241 HOH A O   1 
HETATM 1387 O  O   . HOH E 3 .   ? 10.375  -8.614  -0.203  1.00 27.95 ? 242 HOH A O   1 
HETATM 1388 O  O   . HOH E 3 .   ? 6.078   21.335  -4.720  1.00 27.89 ? 243 HOH A O   1 
HETATM 1389 O  O   . HOH E 3 .   ? 10.959  11.672  -3.118  1.00 24.68 ? 244 HOH A O   1 
HETATM 1390 O  O   . HOH E 3 .   ? 6.951   -9.566  17.240  1.00 45.52 ? 245 HOH A O   1 
HETATM 1391 O  O   . HOH E 3 .   ? 11.033  14.724  -10.423 1.00 32.24 ? 246 HOH A O   1 
HETATM 1392 O  O   . HOH E 3 .   ? -10.409 21.829  -4.573  1.00 34.27 ? 247 HOH A O   1 
HETATM 1393 O  O   . HOH E 3 .   ? -10.582 -9.511  8.731   1.00 29.46 ? 248 HOH A O   1 
HETATM 1394 O  O   . HOH E 3 .   ? -2.332  22.846  -22.633 0.25 27.69 ? 249 HOH A O   1 
HETATM 1395 O  O   . HOH E 3 .   ? -7.965  1.310   -4.849  1.00 33.51 ? 250 HOH A O   1 
HETATM 1396 O  O   . HOH E 3 .   ? 0.708   -18.047 18.479  1.00 28.80 ? 251 HOH A O   1 
HETATM 1397 O  O   . HOH E 3 .   ? 5.796   -2.517  17.175  1.00 26.89 ? 252 HOH A O   1 
HETATM 1398 O  O   . HOH E 3 .   ? 7.189   2.748   4.128   1.00 26.16 ? 253 HOH A O   1 
HETATM 1399 O  O   . HOH E 3 .   ? -10.223 -5.477  6.481   1.00 30.22 ? 254 HOH A O   1 
HETATM 1400 O  O   . HOH E 3 .   ? 12.256  8.188   -8.846  1.00 35.08 ? 255 HOH A O   1 
HETATM 1401 O  O   . HOH E 3 .   ? 2.638   11.998  -26.495 1.00 28.57 ? 256 HOH A O   1 
HETATM 1402 O  O   . HOH E 3 .   ? 1.098   -13.658 21.376  1.00 37.25 ? 257 HOH A O   1 
HETATM 1403 O  O   . HOH E 3 .   ? -9.266  -3.257  1.352   1.00 41.66 ? 258 HOH A O   1 
HETATM 1404 O  O   . HOH E 3 .   ? 4.483   4.447   -16.101 1.00 26.90 ? 259 HOH A O   1 
HETATM 1405 O  O   . HOH E 3 .   ? -8.281  -8.758  -4.118  1.00 25.94 ? 260 HOH A O   1 
HETATM 1406 O  O   . HOH E 3 .   ? 6.585   17.284  -18.498 1.00 28.51 ? 261 HOH A O   1 
HETATM 1407 O  O   . HOH E 3 .   ? 0.243   -5.090  20.205  1.00 23.53 ? 262 HOH A O   1 
HETATM 1408 O  O   . HOH E 3 .   ? 7.797   8.036   -16.116 1.00 31.08 ? 263 HOH A O   1 
HETATM 1409 O  O   . HOH E 3 .   ? -10.373 21.759  -7.160  1.00 27.86 ? 264 HOH A O   1 
HETATM 1410 O  O   . HOH E 3 .   ? 13.050  14.967  -7.924  1.00 33.19 ? 265 HOH A O   1 
HETATM 1411 O  O   . HOH E 3 .   ? 4.100   23.438  -0.659  1.00 38.00 ? 266 HOH A O   1 
HETATM 1412 O  O   . HOH E 3 .   ? -7.723  -7.197  -9.236  1.00 36.58 ? 267 HOH A O   1 
HETATM 1413 O  O   . HOH E 3 .   ? 13.112  9.942   0.202   1.00 36.38 ? 268 HOH A O   1 
HETATM 1414 O  O   . HOH E 3 .   ? 10.478  -0.732  -4.495  1.00 25.05 ? 269 HOH A O   1 
HETATM 1415 O  O   . HOH E 3 .   ? 9.944   -9.096  2.758   1.00 27.91 ? 270 HOH A O   1 
HETATM 1416 O  O   . HOH E 3 .   ? 11.247  -19.887 4.321   1.00 44.35 ? 271 HOH A O   1 
HETATM 1417 O  O   . HOH E 3 .   ? 1.991   23.666  2.593   1.00 30.84 ? 272 HOH A O   1 
HETATM 1418 O  O   . HOH E 3 .   ? 10.121  -9.850  -5.832  1.00 35.53 ? 273 HOH A O   1 
HETATM 1419 O  O   . HOH E 3 .   ? 2.766   -19.305 17.611  1.00 30.43 ? 274 HOH A O   1 
HETATM 1420 O  O   . HOH E 3 .   ? 8.201   18.900  -10.788 1.00 32.55 ? 275 HOH A O   1 
HETATM 1421 O  O   . HOH E 3 .   ? 8.847   6.805   -14.049 1.00 35.30 ? 276 HOH A O   1 
HETATM 1422 O  O   . HOH E 3 .   ? 2.980   -4.603  3.699   1.00 28.05 ? 277 HOH A O   1 
HETATM 1423 O  O   . HOH E 3 .   ? -9.401  -11.374 6.094   1.00 27.77 ? 278 HOH A O   1 
HETATM 1424 O  O   . HOH E 3 .   ? 4.763   -26.699 -1.030  1.00 41.69 ? 279 HOH A O   1 
HETATM 1425 O  O   . HOH E 3 .   ? -6.223  -19.503 -4.204  0.33 29.07 ? 280 HOH A O   1 
HETATM 1426 O  O   . HOH E 3 .   ? -1.802  -6.818  21.527  1.00 29.08 ? 281 HOH A O   1 
HETATM 1427 O  O   . HOH E 3 .   ? 7.801   -0.368  4.367   1.00 28.53 ? 282 HOH A O   1 
HETATM 1428 O  O   . HOH E 3 .   ? -7.998  -18.937 16.352  1.00 31.80 ? 283 HOH A O   1 
HETATM 1429 O  O   . HOH E 3 .   ? -1.302  -12.982 23.164  1.00 38.99 ? 284 HOH A O   1 
HETATM 1430 O  O   . HOH E 3 .   ? 11.812  -10.096 4.027   1.00 45.95 ? 285 HOH A O   1 
HETATM 1431 O  O   . HOH E 3 .   ? 11.048  20.311  -4.001  1.00 35.46 ? 286 HOH A O   1 
HETATM 1432 O  O   . HOH E 3 .   ? -3.504  -21.707 23.175  1.00 49.35 ? 287 HOH A O   1 
HETATM 1433 O  O   . HOH E 3 .   ? 4.553   -1.981  -10.388 1.00 24.95 ? 288 HOH A O   1 
HETATM 1434 O  O   . HOH E 3 .   ? -7.509  8.764   -11.979 1.00 33.09 ? 289 HOH A O   1 
HETATM 1435 O  O   . HOH E 3 .   ? 9.023   -19.800 1.127   1.00 36.55 ? 290 HOH A O   1 
HETATM 1436 O  O   . HOH E 3 .   ? -10.888 8.493   -6.771  1.00 35.41 ? 291 HOH A O   1 
HETATM 1437 O  O   . HOH E 3 .   ? -1.181  -18.643 22.880  1.00 44.15 ? 292 HOH A O   1 
HETATM 1438 O  O   . HOH E 3 .   ? 9.443   -25.978 5.853   1.00 45.55 ? 293 HOH A O   1 
HETATM 1439 O  O   . HOH E 3 .   ? 3.936   -21.375 18.991  1.00 51.60 ? 294 HOH A O   1 
HETATM 1440 O  O   . HOH E 3 .   ? 9.695   -6.716  3.823   1.00 36.31 ? 295 HOH A O   1 
HETATM 1441 O  O   . HOH E 3 .   ? -9.824  -15.400 -2.331  1.00 40.63 ? 296 HOH A O   1 
HETATM 1442 O  O   . HOH E 3 .   ? -9.731  6.855   -9.670  1.00 41.34 ? 297 HOH A O   1 
HETATM 1443 O  O   . HOH E 3 .   ? 9.806   -16.770 -2.033  1.00 38.66 ? 298 HOH A O   1 
HETATM 1444 O  O   . HOH E 3 .   ? -8.551  -17.940 -4.368  0.33 31.14 ? 299 HOH A O   1 
HETATM 1445 O  O   . HOH E 3 .   ? -8.898  -10.348 3.693   1.00 31.68 ? 300 HOH A O   1 
HETATM 1446 O  O   . HOH E 3 .   ? 0.687   -17.739 21.268  1.00 36.06 ? 301 HOH A O   1 
HETATM 1447 O  O   . HOH E 3 .   ? 7.728   18.950  1.324   1.00 30.76 ? 302 HOH A O   1 
HETATM 1448 O  O   . HOH E 3 .   ? 1.860   24.915  -0.488  1.00 40.64 ? 303 HOH A O   1 
HETATM 1449 O  O   . HOH E 3 .   ? 4.370   13.722  -27.953 1.00 44.74 ? 304 HOH A O   1 
HETATM 1450 O  O   . HOH E 3 .   ? 10.713  -15.302 11.805  1.00 42.60 ? 305 HOH A O   1 
HETATM 1451 O  O   . HOH E 3 .   ? -1.272  -29.380 7.217   1.00 19.73 ? 306 HOH A O   1 
HETATM 1452 O  O   . HOH E 3 .   ? 6.061   6.162   -17.511 1.00 35.55 ? 307 HOH A O   1 
HETATM 1453 O  O   . HOH E 3 .   ? -2.072  -9.437  21.729  1.00 35.01 ? 308 HOH A O   1 
HETATM 1454 O  O   . HOH E 3 .   ? -11.187 -2.418  8.032   1.00 24.02 ? 309 HOH A O   1 
HETATM 1455 O  O   . HOH E 3 .   ? 2.955   -3.994  -9.418  1.00 23.61 ? 310 HOH A O   1 
HETATM 1456 O  O   . HOH E 3 .   ? -10.295 10.503  5.277   1.00 25.01 ? 311 HOH A O   1 
HETATM 1457 O  O   . HOH E 3 .   ? -16.033 -6.607  13.136  1.00 33.99 ? 312 HOH A O   1 
HETATM 1458 O  O   . HOH E 3 .   ? 13.095  6.192   -0.867  1.00 30.48 ? 313 HOH A O   1 
HETATM 1459 O  O   . HOH E 3 .   ? 6.118   -15.192 16.060  1.00 35.16 ? 314 HOH A O   1 
HETATM 1460 O  O   . HOH E 3 .   ? 6.399   -4.907  -8.940  1.00 37.48 ? 315 HOH A O   1 
HETATM 1461 O  O   . HOH E 3 .   ? -10.844 -6.841  8.267   1.00 38.07 ? 316 HOH A O   1 
HETATM 1462 O  O   . HOH E 3 .   ? -7.749  -7.404  0.192   1.00 34.89 ? 317 HOH A O   1 
HETATM 1463 O  O   . HOH E 3 .   ? -8.949  13.958  -15.064 1.00 34.31 ? 318 HOH A O   1 
HETATM 1464 O  O   . HOH E 3 .   ? 0.839   -23.011 9.626   1.00 26.87 ? 319 HOH A O   1 
HETATM 1465 O  O   . HOH E 3 .   ? 10.899  3.224   16.937  1.00 34.26 ? 320 HOH A O   1 
HETATM 1466 O  O   . HOH E 3 .   ? 3.956   -1.057  18.691  1.00 33.53 ? 321 HOH A O   1 
# 
loop_
_pdbx_poly_seq_scheme.asym_id 
_pdbx_poly_seq_scheme.entity_id 
_pdbx_poly_seq_scheme.seq_id 
_pdbx_poly_seq_scheme.mon_id 
_pdbx_poly_seq_scheme.ndb_seq_num 
_pdbx_poly_seq_scheme.pdb_seq_num 
_pdbx_poly_seq_scheme.auth_seq_num 
_pdbx_poly_seq_scheme.pdb_mon_id 
_pdbx_poly_seq_scheme.auth_mon_id 
_pdbx_poly_seq_scheme.pdb_strand_id 
_pdbx_poly_seq_scheme.pdb_ins_code 
_pdbx_poly_seq_scheme.hetero 
A 1 1   MET 1   1   1   MET MET A . n 
A 1 2   GLN 2   2   2   GLN GLN A . n 
A 1 3   GLY 3   3   3   GLY GLY A . n 
A 1 4   HIS 4   4   4   HIS HIS A . n 
A 1 5   PRO 5   5   5   PRO PRO A . n 
A 1 6   GLU 6   6   6   GLU GLU A . n 
A 1 7   VAL 7   7   7   VAL VAL A . n 
A 1 8   ILE 8   8   8   ILE ILE A . n 
A 1 9   ASP 9   9   9   ASP ASP A . n 
A 1 10  TYR 10  10  10  TYR TYR A . n 
A 1 11  LEU 11  11  11  LEU LEU A . n 
A 1 12  ASN 12  12  12  ASN ASN A . n 
A 1 13  THR 13  13  13  THR THR A . n 
A 1 14  LEU 14  14  14  LEU LEU A . n 
A 1 15  LEU 15  15  15  LEU LEU A . n 
A 1 16  THR 16  16  16  THR THR A . n 
A 1 17  GLY 17  17  17  GLY GLY A . n 
A 1 18  GLU 18  18  18  GLU GLU A . n 
A 1 19  LEU 19  19  19  LEU LEU A . n 
A 1 20  ALA 20  20  20  ALA ALA A . n 
A 1 21  ALA 21  21  21  ALA ALA A . n 
A 1 22  ARG 22  22  22  ARG ARG A . n 
A 1 23  ASP 23  23  23  ASP ASP A . n 
A 1 24  GLN 24  24  24  GLN GLN A . n 
A 1 25  TYR 25  25  25  TYR TYR A . n 
A 1 26  PHE 26  26  26  PHE PHE A . n 
A 1 27  ILE 27  27  27  ILE ILE A . n 
A 1 28  HIS 28  28  28  HIS HIS A . n 
A 1 29  SER 29  29  29  SER SER A . n 
A 1 30  ARG 30  30  30  ARG ARG A . n 
A 1 31  MET 31  31  31  MET MET A . n 
A 1 32  TYR 32  32  32  TYR TYR A . n 
A 1 33  GLU 33  33  33  GLU GLU A . n 
A 1 34  ASP 34  34  34  ASP ASP A . n 
A 1 35  TRP 35  35  35  TRP TRP A . n 
A 1 36  GLY 36  36  36  GLY GLY A . n 
A 1 37  PHE 37  37  37  PHE PHE A . n 
A 1 38  SER 38  38  38  SER SER A . n 
A 1 39  LYS 39  39  39  LYS LYS A . n 
A 1 40  LEU 40  40  40  LEU LEU A . n 
A 1 41  TYR 41  41  41  TYR TYR A . n 
A 1 42  GLU 42  42  42  GLU GLU A . n 
A 1 43  ARG 43  43  43  ARG ARG A . n 
A 1 44  LEU 44  44  44  LEU LEU A . n 
A 1 45  ASN 45  45  45  ASN ASN A . n 
A 1 46  HIS 46  46  46  HIS HIS A . n 
A 1 47  GLU 47  47  47  GLU GLU A . n 
A 1 48  MET 48  48  48  MET MET A . n 
A 1 49  GLU 49  49  49  GLU GLU A . n 
A 1 50  GLU 50  50  50  GLU GLU A . n 
A 1 51  GLU 51  51  51  GLU GLU A . n 
A 1 52  THR 52  52  52  THR THR A . n 
A 1 53  GLN 53  53  53  GLN GLN A . n 
A 1 54  HIS 54  54  54  HIS HIS A . n 
A 1 55  ALA 55  55  55  ALA ALA A . n 
A 1 56  ASP 56  56  56  ASP ASP A . n 
A 1 57  ALA 57  57  57  ALA ALA A . n 
A 1 58  LEU 58  58  58  LEU LEU A . n 
A 1 59  LEU 59  59  59  LEU LEU A . n 
A 1 60  ARG 60  60  60  ARG ARG A . n 
A 1 61  ARG 61  61  61  ARG ARG A . n 
A 1 62  ILE 62  62  62  ILE ILE A . n 
A 1 63  LEU 63  63  63  LEU LEU A . n 
A 1 64  LEU 64  64  64  LEU LEU A . n 
A 1 65  LEU 65  65  65  LEU LEU A . n 
A 1 66  GLU 66  66  66  GLU GLU A . n 
A 1 67  GLY 67  67  67  GLY GLY A . n 
A 1 68  THR 68  68  68  THR THR A . n 
A 1 69  PRO 69  69  69  PRO PRO A . n 
A 1 70  ARG 70  70  70  ARG ARG A . n 
A 1 71  MET 71  71  71  MET MET A . n 
A 1 72  ARG 72  72  72  ARG ARG A . n 
A 1 73  PRO 73  73  73  PRO PRO A . n 
A 1 74  ASP 74  74  74  ASP ASP A . n 
A 1 75  ASP 75  75  75  ASP ASP A . n 
A 1 76  ILE 76  76  76  ILE ILE A . n 
A 1 77  HIS 77  77  77  HIS HIS A . n 
A 1 78  PRO 78  78  78  PRO PRO A . n 
A 1 79  GLY 79  79  79  GLY GLY A . n 
A 1 80  THR 80  80  80  THR THR A . n 
A 1 81  THR 81  81  81  THR THR A . n 
A 1 82  VAL 82  82  82  VAL VAL A . n 
A 1 83  PRO 83  83  83  PRO PRO A . n 
A 1 84  GLU 84  84  84  GLU GLU A . n 
A 1 85  MET 85  85  85  MET MET A . n 
A 1 86  LEU 86  86  86  LEU LEU A . n 
A 1 87  GLU 87  87  87  GLU GLU A . n 
A 1 88  ALA 88  88  88  ALA ALA A . n 
A 1 89  ASP 89  89  89  ASP ASP A . n 
A 1 90  LEU 90  90  90  LEU LEU A . n 
A 1 91  LYS 91  91  91  LYS LYS A . n 
A 1 92  LEU 92  92  92  LEU LEU A . n 
A 1 93  GLU 93  93  93  GLU GLU A . n 
A 1 94  ARG 94  94  94  ARG ARG A . n 
A 1 95  HIS 95  95  95  HIS HIS A . n 
A 1 96  VAL 96  96  96  VAL VAL A . n 
A 1 97  ARG 97  97  97  ARG ARG A . n 
A 1 98  ALA 98  98  98  ALA ALA A . n 
A 1 99  ALA 99  99  99  ALA ALA A . n 
A 1 100 LEU 100 100 100 LEU LEU A . n 
A 1 101 ALA 101 101 101 ALA ALA A . n 
A 1 102 LYS 102 102 102 LYS LYS A . n 
A 1 103 GLY 103 103 103 GLY GLY A . n 
A 1 104 ILE 104 104 104 ILE ILE A . n 
A 1 105 ALA 105 105 105 ALA ALA A . n 
A 1 106 LEU 106 106 106 LEU LEU A . n 
A 1 107 CYS 107 107 107 CYS CYS A . n 
A 1 108 GLU 108 108 108 GLU GLU A . n 
A 1 109 GLN 109 109 109 GLN GLN A . n 
A 1 110 HIS 110 110 110 HIS HIS A . n 
A 1 111 LYS 111 111 111 LYS LYS A . n 
A 1 112 ASP 112 112 112 ASP ASP A . n 
A 1 113 PHE 113 113 113 PHE PHE A . n 
A 1 114 VAL 114 114 114 VAL VAL A . n 
A 1 115 SER 115 115 115 SER SER A . n 
A 1 116 ARG 116 116 116 ARG ARG A . n 
A 1 117 ASP 117 117 117 ASP ASP A . n 
A 1 118 ILE 118 118 118 ILE ILE A . n 
A 1 119 LEU 119 119 119 LEU LEU A . n 
A 1 120 LYS 120 120 120 LYS LYS A . n 
A 1 121 ALA 121 121 121 ALA ALA A . n 
A 1 122 GLN 122 122 122 GLN GLN A . n 
A 1 123 LEU 123 123 123 LEU LEU A . n 
A 1 124 ALA 124 124 124 ALA ALA A . n 
A 1 125 ASP 125 125 125 ASP ASP A . n 
A 1 126 THR 126 126 126 THR THR A . n 
A 1 127 GLU 127 127 127 GLU GLU A . n 
A 1 128 GLU 128 128 128 GLU GLU A . n 
A 1 129 ASP 129 129 129 ASP ASP A . n 
A 1 130 HIS 130 130 130 HIS HIS A . n 
A 1 131 ALA 131 131 131 ALA ALA A . n 
A 1 132 TYR 132 132 132 TYR TYR A . n 
A 1 133 TRP 133 133 133 TRP TRP A . n 
A 1 134 LEU 134 134 134 LEU LEU A . n 
A 1 135 GLU 135 135 135 GLU GLU A . n 
A 1 136 GLN 136 136 136 GLN GLN A . n 
A 1 137 GLN 137 137 137 GLN GLN A . n 
A 1 138 LEU 138 138 138 LEU LEU A . n 
A 1 139 GLY 139 139 139 GLY GLY A . n 
A 1 140 LEU 140 140 140 LEU LEU A . n 
A 1 141 ILE 141 141 141 ILE ILE A . n 
A 1 142 ALA 142 142 142 ALA ALA A . n 
A 1 143 ARG 143 143 143 ARG ARG A . n 
A 1 144 MET 144 144 144 MET MET A . n 
A 1 145 GLY 145 145 145 GLY GLY A . n 
A 1 146 LEU 146 146 146 LEU LEU A . n 
A 1 147 GLU 147 147 147 GLU GLU A . n 
A 1 148 ASN 148 148 148 ASN ASN A . n 
A 1 149 TYR 149 149 149 TYR TYR A . n 
A 1 150 LEU 150 150 150 LEU LEU A . n 
A 1 151 GLN 151 151 151 GLN GLN A . n 
A 1 152 SER 152 152 152 SER SER A . n 
A 1 153 GLN 153 153 153 GLN GLN A . n 
A 1 154 ILE 154 154 154 ILE ILE A . n 
# 
loop_
_pdbx_nonpoly_scheme.asym_id 
_pdbx_nonpoly_scheme.entity_id 
_pdbx_nonpoly_scheme.mon_id 
_pdbx_nonpoly_scheme.ndb_seq_num 
_pdbx_nonpoly_scheme.pdb_seq_num 
_pdbx_nonpoly_scheme.auth_seq_num 
_pdbx_nonpoly_scheme.pdb_mon_id 
_pdbx_nonpoly_scheme.auth_mon_id 
_pdbx_nonpoly_scheme.pdb_strand_id 
_pdbx_nonpoly_scheme.pdb_ins_code 
B 2 NA  1   155 1   NA  NA  A . 
C 2 NA  1   156 2   NA  NA  A . 
D 2 NA  1   157 3   NA  NA  A . 
E 3 HOH 1   158 158 HOH HOH A . 
E 3 HOH 2   159 159 HOH HOH A . 
E 3 HOH 3   160 160 HOH HOH A . 
E 3 HOH 4   161 161 HOH HOH A . 
E 3 HOH 5   162 162 HOH HOH A . 
E 3 HOH 6   163 163 HOH HOH A . 
E 3 HOH 7   164 164 HOH HOH A . 
E 3 HOH 8   165 1   HOH HOH A . 
E 3 HOH 9   166 2   HOH HOH A . 
E 3 HOH 10  167 3   HOH HOH A . 
E 3 HOH 11  168 4   HOH HOH A . 
E 3 HOH 12  169 5   HOH HOH A . 
E 3 HOH 13  170 6   HOH HOH A . 
E 3 HOH 14  171 7   HOH HOH A . 
E 3 HOH 15  172 8   HOH HOH A . 
E 3 HOH 16  173 9   HOH HOH A . 
E 3 HOH 17  174 10  HOH HOH A . 
E 3 HOH 18  175 11  HOH HOH A . 
E 3 HOH 19  176 12  HOH HOH A . 
E 3 HOH 20  177 13  HOH HOH A . 
E 3 HOH 21  178 14  HOH HOH A . 
E 3 HOH 22  179 15  HOH HOH A . 
E 3 HOH 23  180 16  HOH HOH A . 
E 3 HOH 24  181 17  HOH HOH A . 
E 3 HOH 25  182 18  HOH HOH A . 
E 3 HOH 26  183 19  HOH HOH A . 
E 3 HOH 27  184 20  HOH HOH A . 
E 3 HOH 28  185 21  HOH HOH A . 
E 3 HOH 29  186 22  HOH HOH A . 
E 3 HOH 30  187 23  HOH HOH A . 
E 3 HOH 31  188 24  HOH HOH A . 
E 3 HOH 32  189 25  HOH HOH A . 
E 3 HOH 33  190 26  HOH HOH A . 
E 3 HOH 34  191 27  HOH HOH A . 
E 3 HOH 35  192 28  HOH HOH A . 
E 3 HOH 36  193 29  HOH HOH A . 
E 3 HOH 37  194 30  HOH HOH A . 
E 3 HOH 38  195 31  HOH HOH A . 
E 3 HOH 39  196 32  HOH HOH A . 
E 3 HOH 40  197 33  HOH HOH A . 
E 3 HOH 41  198 34  HOH HOH A . 
E 3 HOH 42  199 35  HOH HOH A . 
E 3 HOH 43  200 36  HOH HOH A . 
E 3 HOH 44  201 37  HOH HOH A . 
E 3 HOH 45  202 38  HOH HOH A . 
E 3 HOH 46  203 39  HOH HOH A . 
E 3 HOH 47  204 40  HOH HOH A . 
E 3 HOH 48  205 41  HOH HOH A . 
E 3 HOH 49  206 42  HOH HOH A . 
E 3 HOH 50  207 43  HOH HOH A . 
E 3 HOH 51  208 44  HOH HOH A . 
E 3 HOH 52  209 45  HOH HOH A . 
E 3 HOH 53  210 46  HOH HOH A . 
E 3 HOH 54  211 47  HOH HOH A . 
E 3 HOH 55  212 48  HOH HOH A . 
E 3 HOH 56  213 49  HOH HOH A . 
E 3 HOH 57  214 50  HOH HOH A . 
E 3 HOH 58  215 51  HOH HOH A . 
E 3 HOH 59  216 52  HOH HOH A . 
E 3 HOH 60  217 53  HOH HOH A . 
E 3 HOH 61  218 54  HOH HOH A . 
E 3 HOH 62  219 55  HOH HOH A . 
E 3 HOH 63  220 56  HOH HOH A . 
E 3 HOH 64  221 57  HOH HOH A . 
E 3 HOH 65  222 58  HOH HOH A . 
E 3 HOH 66  223 59  HOH HOH A . 
E 3 HOH 67  224 60  HOH HOH A . 
E 3 HOH 68  225 61  HOH HOH A . 
E 3 HOH 69  226 62  HOH HOH A . 
E 3 HOH 70  227 63  HOH HOH A . 
E 3 HOH 71  228 64  HOH HOH A . 
E 3 HOH 72  229 65  HOH HOH A . 
E 3 HOH 73  230 66  HOH HOH A . 
E 3 HOH 74  231 67  HOH HOH A . 
E 3 HOH 75  232 68  HOH HOH A . 
E 3 HOH 76  233 69  HOH HOH A . 
E 3 HOH 77  234 70  HOH HOH A . 
E 3 HOH 78  235 71  HOH HOH A . 
E 3 HOH 79  236 72  HOH HOH A . 
E 3 HOH 80  237 73  HOH HOH A . 
E 3 HOH 81  238 74  HOH HOH A . 
E 3 HOH 82  239 75  HOH HOH A . 
E 3 HOH 83  240 76  HOH HOH A . 
E 3 HOH 84  241 77  HOH HOH A . 
E 3 HOH 85  242 78  HOH HOH A . 
E 3 HOH 86  243 79  HOH HOH A . 
E 3 HOH 87  244 80  HOH HOH A . 
E 3 HOH 88  245 81  HOH HOH A . 
E 3 HOH 89  246 82  HOH HOH A . 
E 3 HOH 90  247 83  HOH HOH A . 
E 3 HOH 91  248 84  HOH HOH A . 
E 3 HOH 92  249 85  HOH HOH A . 
E 3 HOH 93  250 86  HOH HOH A . 
E 3 HOH 94  251 87  HOH HOH A . 
E 3 HOH 95  252 88  HOH HOH A . 
E 3 HOH 96  253 89  HOH HOH A . 
E 3 HOH 97  254 90  HOH HOH A . 
E 3 HOH 98  255 91  HOH HOH A . 
E 3 HOH 99  256 92  HOH HOH A . 
E 3 HOH 100 257 93  HOH HOH A . 
E 3 HOH 101 258 94  HOH HOH A . 
E 3 HOH 102 259 95  HOH HOH A . 
E 3 HOH 103 260 96  HOH HOH A . 
E 3 HOH 104 261 97  HOH HOH A . 
E 3 HOH 105 262 98  HOH HOH A . 
E 3 HOH 106 263 99  HOH HOH A . 
E 3 HOH 107 264 100 HOH HOH A . 
E 3 HOH 108 265 101 HOH HOH A . 
E 3 HOH 109 266 102 HOH HOH A . 
E 3 HOH 110 267 103 HOH HOH A . 
E 3 HOH 111 268 104 HOH HOH A . 
E 3 HOH 112 269 105 HOH HOH A . 
E 3 HOH 113 270 106 HOH HOH A . 
E 3 HOH 114 271 107 HOH HOH A . 
E 3 HOH 115 272 108 HOH HOH A . 
E 3 HOH 116 273 109 HOH HOH A . 
E 3 HOH 117 274 110 HOH HOH A . 
E 3 HOH 118 275 111 HOH HOH A . 
E 3 HOH 119 276 112 HOH HOH A . 
E 3 HOH 120 277 113 HOH HOH A . 
E 3 HOH 121 278 114 HOH HOH A . 
E 3 HOH 122 279 115 HOH HOH A . 
E 3 HOH 123 280 116 HOH HOH A . 
E 3 HOH 124 281 117 HOH HOH A . 
E 3 HOH 125 282 118 HOH HOH A . 
E 3 HOH 126 283 119 HOH HOH A . 
E 3 HOH 127 284 120 HOH HOH A . 
E 3 HOH 128 285 121 HOH HOH A . 
E 3 HOH 129 286 122 HOH HOH A . 
E 3 HOH 130 287 123 HOH HOH A . 
E 3 HOH 131 288 124 HOH HOH A . 
E 3 HOH 132 289 125 HOH HOH A . 
E 3 HOH 133 290 126 HOH HOH A . 
E 3 HOH 134 291 127 HOH HOH A . 
E 3 HOH 135 292 128 HOH HOH A . 
E 3 HOH 136 293 129 HOH HOH A . 
E 3 HOH 137 294 130 HOH HOH A . 
E 3 HOH 138 295 131 HOH HOH A . 
E 3 HOH 139 296 132 HOH HOH A . 
E 3 HOH 140 297 133 HOH HOH A . 
E 3 HOH 141 298 134 HOH HOH A . 
E 3 HOH 142 299 135 HOH HOH A . 
E 3 HOH 143 300 136 HOH HOH A . 
E 3 HOH 144 301 137 HOH HOH A . 
E 3 HOH 145 302 138 HOH HOH A . 
E 3 HOH 146 303 139 HOH HOH A . 
E 3 HOH 147 304 140 HOH HOH A . 
E 3 HOH 148 305 141 HOH HOH A . 
E 3 HOH 149 306 142 HOH HOH A . 
E 3 HOH 150 307 143 HOH HOH A . 
E 3 HOH 151 308 144 HOH HOH A . 
E 3 HOH 152 309 145 HOH HOH A . 
E 3 HOH 153 310 146 HOH HOH A . 
E 3 HOH 154 311 147 HOH HOH A . 
E 3 HOH 155 312 148 HOH HOH A . 
E 3 HOH 156 313 149 HOH HOH A . 
E 3 HOH 157 314 150 HOH HOH A . 
E 3 HOH 158 315 151 HOH HOH A . 
E 3 HOH 159 316 152 HOH HOH A . 
E 3 HOH 160 317 153 HOH HOH A . 
E 3 HOH 161 318 154 HOH HOH A . 
E 3 HOH 162 319 155 HOH HOH A . 
E 3 HOH 163 320 156 HOH HOH A . 
E 3 HOH 164 321 157 HOH HOH A . 
# 
_pdbx_struct_assembly.id                   1 
_pdbx_struct_assembly.details              author_and_software_defined_assembly 
_pdbx_struct_assembly.method_details       PISA 
_pdbx_struct_assembly.oligomeric_details   24-meric 
_pdbx_struct_assembly.oligomeric_count     24 
# 
_pdbx_struct_assembly_gen.assembly_id       1 
_pdbx_struct_assembly_gen.oper_expression   1,2,3,4,5,6,7,8,9,10,11,12,13,14,15,16,17,18,19,20,21,22,23,24 
_pdbx_struct_assembly_gen.asym_id_list      A,B,C,D,E 
# 
loop_
_pdbx_struct_assembly_prop.biol_id 
_pdbx_struct_assembly_prop.type 
_pdbx_struct_assembly_prop.value 
_pdbx_struct_assembly_prop.details 
1 'ABSA (A^2)' 69660  ? 
1 MORE         -301   ? 
1 'SSA (A^2)'  129480 ? 
# 
loop_
_pdbx_struct_oper_list.id 
_pdbx_struct_oper_list.type 
_pdbx_struct_oper_list.name 
_pdbx_struct_oper_list.symmetry_operation 
_pdbx_struct_oper_list.matrix[1][1] 
_pdbx_struct_oper_list.matrix[1][2] 
_pdbx_struct_oper_list.matrix[1][3] 
_pdbx_struct_oper_list.vector[1] 
_pdbx_struct_oper_list.matrix[2][1] 
_pdbx_struct_oper_list.matrix[2][2] 
_pdbx_struct_oper_list.matrix[2][3] 
_pdbx_struct_oper_list.vector[2] 
_pdbx_struct_oper_list.matrix[3][1] 
_pdbx_struct_oper_list.matrix[3][2] 
_pdbx_struct_oper_list.matrix[3][3] 
_pdbx_struct_oper_list.vector[3] 
1  'identity operation'         1_555  x,y,z    1.0000000000  0.0000000000  0.0000000000  0.0000000000   0.0000000000  1.0000000000  0.0000000000  0.0000000000   0.0000000000  0.0000000000  1.0000000000  0.0000000000   
2  'crystal symmetry operation' 2_555  -x,-y,z  0.5392905684  0.5482045973  -0.6392475283 -28.0669354484 0.5482045973  -0.8047618256 -0.2276623017 37.3570454590  -0.6392475283 -0.2276623017 -0.7345287428 -35.5478339043 
3  'crystal symmetry operation' 3_555  -x,y,-z  -0.5692710899 -0.3328013171 0.7517803599  -69.6938573696 -0.3328013171 -0.7428621250 -0.5808606946 -6.3908741780  0.7517803599  -0.5808606946 0.3121332149  37.1016181980  
4  'crystal symmetry operation' 4_555  x,-y,-z  -0.9700194785 -0.2154032802 -0.1125328317 -92.8727997351 -0.2154032802 0.5476239506  0.8085229963  -4.1529557763  -0.1125328317 0.8085229963  -0.5776044721 -16.7934516899 
5  'crystal symmetry operation' 5_555  z,x,y    0.5713592866  -0.6845433864 0.4527128425  -14.1148291571 -0.6706311831 -0.0714560613 0.7383412812  -21.9658934713 -0.4730775644 -0.7254614969 -0.4999032253 -23.3976366197 
6  'crystal symmetry operation' 6_555  z,-x,-y  -0.3565367226 0.7610505252  -0.5419258838 -71.8166127076 -0.8728204522 -0.4782304628 -0.0973657155 -32.0591519049 -0.3332656951 0.4382895419  0.8347671855  -19.4504204536 
7  'crystal symmetry operation' 7_555  -z,-x,y  0.2428992405  0.0554091355  0.9684677520  -32.7638520942 0.9606220900  -0.1526044870 -0.2322004970 52.6233035636  0.1349264956  0.9867328404  -0.0902947535 -4.3379217766  
8  'crystal symmetry operation' 8_555  -z,x,-y  -0.4577218044 -0.1319162743 -0.8792547107 -71.9382985942 0.5828295454  0.7022910111  -0.4087750687 28.2149573172  0.6714167639  -0.6995608854 -0.2445692067 31.9463114537  
9  'crystal symmetry operation' 9_555  y,z,x    0.5713592866  -0.6706311831 -0.4730775644 -17.7352713534 -0.6845433864 -0.0714560613 -0.7254614969 -28.2058936646 0.4527128425  0.7383412812  -0.4999032253 10.9117363475  
10 'crystal symmetry operation' 10_555 -y,z,-x  0.2428992405  0.9606220900  0.1349264956  -42.0074924778 0.0554091355  -0.1526044870 0.9867328404  14.1263388388  0.9684677520  -0.2322004970 -0.0902947535 43.5581998490  
11 'crystal symmetry operation' 11_555 y,-z,-x  -0.4577218044 0.5828295454  0.6714167639  -70.8215276390 -0.1319162743 0.7022910111  -0.6995608854 -6.9565533047  -0.8792547107 -0.4087750687 -0.2445692067 -43.9054327566 
12 'crystal symmetry operation' 12_555 -y,-z,x  -0.3565367226 -0.8728204522 -0.3332656951 -60.0693010829 0.7610505252  -0.4782304628 0.4382895419  47.8493236352  -0.5419258838 -0.0973657155 0.8347671855  -25.8041708361 
13 'crystal symmetry operation' 13_555 y,x,-z   -0.6560078020 -0.7262329478 0.2055224298  -73.2714956476 -0.7262329478 0.5332158626  -0.4338969340 -33.1352142912 0.2055224298  -0.4338969340 -0.8772080606 5.5514061646   
14 'crystal symmetry operation' 14_555 -y,-x,-z -0.8832827663 0.1780283506  0.4337250985  -89.2951614570 0.1780283506  -0.7284540370 0.6615592357  22.5913843369  0.4337250985  0.6615592357  0.6117368034  14.7567603435  
15 'crystal symmetry operation' 15_555 y,-x,z   0.7696452842  0.6384313101  -0.0071832303 -15.2853033448 -0.0902267129 0.0976190872  -0.9911254482 -2.0272326781  -0.6320642980 0.7634631465  0.1327356286  -38.5451025737 
16 'crystal symmetry operation' 16_555 -y,x,z   0.7696452842  -0.0902267129 -0.6320642980 -12.7816321037 0.6384313101  0.0976190872  0.7634631465  39.3842781371  -0.0071832303 -0.9911254482 0.1327356286  2.9972686694   
17 'crystal symmetry operation' 17_555 x,z,-y   0.0149902607  0.3518609388  -0.9359322475 -52.8684411575 -0.5672642190 0.7738119753  0.2818267778  -24.4449603472 0.8233994158  0.5266962185  0.2111977639  32.7060214515  
18 'crystal symmetry operation' 18_555 -x,z,y   0.7992682663  -0.0618700319 0.5977811787  -6.8743226737  -0.0618700319 -0.9978725236 -0.0205554343 10.3654055214  0.5977811787  -0.0205554343 -0.8013957427 21.7639147450  
19 'crystal symmetry operation' 19_555 -x,-z,-y -0.8292487878 0.2772733121  -0.4852483470 -90.8864701443 0.2772733121  -0.5497514271 -0.7879675620 20.6007657595  -0.4852483470 -0.7879675620 0.3790002149  -20.2101304513 
20 'crystal symmetry operation' 20_555 x,-z,y   0.0149902607  -0.5672642190 0.8233994158  -40.0043585776 0.3518609388  0.7738119753  0.5266962185  20.2920045709  -0.9359322475 0.2818267778  0.2111977639  -49.4994731414 
21 'crystal symmetry operation' 21_555 z,y,-x   0.2153644551  0.6435787285  0.7344552891  -38.9103633990 -0.9763800456 0.1285689375  0.1736434131  -40.0296747624 0.0173250708  -0.7545041077 0.6560666075  4.5729978067   
22 'crystal symmetry operation' 22_555 z,-y,x   -0.0005418911 -0.5670715898 -0.8236683304 -47.0210784657 -0.5670715898 -0.6782554616 0.4673321527  -13.9953706138 -0.8236683304 0.4673321527  -0.3212026473 -47.4210548800 
23 'crystal symmetry operation' 23_555 -z,y,x   0.2153644551  -0.9763800456 0.0173250708  -30.7834939707 0.6435787285  0.1285689375  -0.7545041077 33.6388005844  0.7344552891  0.1736434131  0.6560666075  32.5286203914  
24 'crystal symmetry operation' 24_555 -z,-y,-x -0.4301870190 0.8998729068  0.0718879704  -73.9186567178 0.8998729068  0.4211175866  0.1135285419  47.1994602965  0.0718879704  0.1135285419  -0.9909305676 -4.9202307143 
# 
loop_
_pdbx_struct_special_symmetry.id 
_pdbx_struct_special_symmetry.PDB_model_num 
_pdbx_struct_special_symmetry.auth_asym_id 
_pdbx_struct_special_symmetry.auth_comp_id 
_pdbx_struct_special_symmetry.auth_seq_id 
_pdbx_struct_special_symmetry.PDB_ins_code 
_pdbx_struct_special_symmetry.label_asym_id 
_pdbx_struct_special_symmetry.label_comp_id 
_pdbx_struct_special_symmetry.label_seq_id 
1 1 A NA  157 ? D NA  . 
2 1 A HOH 249 ? E HOH . 
3 1 A HOH 280 ? E HOH . 
4 1 A HOH 299 ? E HOH . 
# 
loop_
_pdbx_struct_conn_angle.id 
_pdbx_struct_conn_angle.ptnr1_label_atom_id 
_pdbx_struct_conn_angle.ptnr1_label_alt_id 
_pdbx_struct_conn_angle.ptnr1_label_asym_id 
_pdbx_struct_conn_angle.ptnr1_label_comp_id 
_pdbx_struct_conn_angle.ptnr1_label_seq_id 
_pdbx_struct_conn_angle.ptnr1_auth_atom_id 
_pdbx_struct_conn_angle.ptnr1_auth_asym_id 
_pdbx_struct_conn_angle.ptnr1_auth_comp_id 
_pdbx_struct_conn_angle.ptnr1_auth_seq_id 
_pdbx_struct_conn_angle.ptnr1_PDB_ins_code 
_pdbx_struct_conn_angle.ptnr1_symmetry 
_pdbx_struct_conn_angle.ptnr2_label_atom_id 
_pdbx_struct_conn_angle.ptnr2_label_alt_id 
_pdbx_struct_conn_angle.ptnr2_label_asym_id 
_pdbx_struct_conn_angle.ptnr2_label_comp_id 
_pdbx_struct_conn_angle.ptnr2_label_seq_id 
_pdbx_struct_conn_angle.ptnr2_auth_atom_id 
_pdbx_struct_conn_angle.ptnr2_auth_asym_id 
_pdbx_struct_conn_angle.ptnr2_auth_comp_id 
_pdbx_struct_conn_angle.ptnr2_auth_seq_id 
_pdbx_struct_conn_angle.ptnr2_PDB_ins_code 
_pdbx_struct_conn_angle.ptnr2_symmetry 
_pdbx_struct_conn_angle.ptnr3_label_atom_id 
_pdbx_struct_conn_angle.ptnr3_label_alt_id 
_pdbx_struct_conn_angle.ptnr3_label_asym_id 
_pdbx_struct_conn_angle.ptnr3_label_comp_id 
_pdbx_struct_conn_angle.ptnr3_label_seq_id 
_pdbx_struct_conn_angle.ptnr3_auth_atom_id 
_pdbx_struct_conn_angle.ptnr3_auth_asym_id 
_pdbx_struct_conn_angle.ptnr3_auth_comp_id 
_pdbx_struct_conn_angle.ptnr3_auth_seq_id 
_pdbx_struct_conn_angle.ptnr3_PDB_ins_code 
_pdbx_struct_conn_angle.ptnr3_symmetry 
_pdbx_struct_conn_angle.value 
_pdbx_struct_conn_angle.value_esd 
1 OE1 B A GLU 18 ? A GLU 18 ? 1_555 NA ? B NA . ? A NA 155 ? 1_555 OE2 B A GLU 18 ? A GLU 18  ? 1_555 43.9  ? 
2 OE1 B A GLU 18 ? A GLU 18 ? 1_555 NA ? B NA . ? A NA 155 ? 1_555 OE1 ? A GLU 51 ? A GLU 51  ? 1_555 55.1  ? 
3 OE2 B A GLU 18 ? A GLU 18 ? 1_555 NA ? B NA . ? A NA 155 ? 1_555 OE1 ? A GLU 51 ? A GLU 51  ? 1_555 92.8  ? 
4 OE1 B A GLU 18 ? A GLU 18 ? 1_555 NA ? B NA . ? A NA 155 ? 1_555 O   ? E HOH .  ? A HOH 179 ? 1_555 127.2 ? 
5 OE2 B A GLU 18 ? A GLU 18 ? 1_555 NA ? B NA . ? A NA 155 ? 1_555 O   ? E HOH .  ? A HOH 179 ? 1_555 105.4 ? 
6 OE1 ? A GLU 51 ? A GLU 51 ? 1_555 NA ? B NA . ? A NA 155 ? 1_555 O   ? E HOH .  ? A HOH 179 ? 1_555 98.2  ? 
7 OE2 ? A GLU 51 ? A GLU 51 ? 1_555 NA ? C NA . ? A NA 156 ? 1_555 OE2 ? A GLU 93 ? A GLU 93  ? 1_555 97.4  ? 
8 OE2 ? A GLU 51 ? A GLU 51 ? 1_555 NA ? C NA . ? A NA 156 ? 1_555 OE1 ? A GLU 93 ? A GLU 93  ? 1_555 144.2 ? 
9 OE2 ? A GLU 93 ? A GLU 93 ? 1_555 NA ? C NA . ? A NA 156 ? 1_555 OE1 ? A GLU 93 ? A GLU 93  ? 1_555 56.7  ? 
# 
loop_
_pdbx_audit_revision_history.ordinal 
_pdbx_audit_revision_history.data_content_type 
_pdbx_audit_revision_history.major_revision 
_pdbx_audit_revision_history.minor_revision 
_pdbx_audit_revision_history.revision_date 
1 'Structure model' 1 0 2011-05-25 
2 'Structure model' 1 1 2011-07-13 
3 'Structure model' 1 2 2012-02-29 
4 'Structure model' 1 3 2023-09-13 
# 
_pdbx_audit_revision_details.ordinal             1 
_pdbx_audit_revision_details.revision_ordinal    1 
_pdbx_audit_revision_details.data_content_type   'Structure model' 
_pdbx_audit_revision_details.provider            repository 
_pdbx_audit_revision_details.type                'Initial release' 
_pdbx_audit_revision_details.description         ? 
_pdbx_audit_revision_details.details             ? 
# 
loop_
_pdbx_audit_revision_group.ordinal 
_pdbx_audit_revision_group.revision_ordinal 
_pdbx_audit_revision_group.data_content_type 
_pdbx_audit_revision_group.group 
1 2 'Structure model' 'Version format compliance' 
2 3 'Structure model' 'Database references'       
3 4 'Structure model' 'Data collection'           
4 4 'Structure model' 'Database references'       
5 4 'Structure model' 'Derived calculations'      
6 4 'Structure model' 'Refinement description'    
# 
loop_
_pdbx_audit_revision_category.ordinal 
_pdbx_audit_revision_category.revision_ordinal 
_pdbx_audit_revision_category.data_content_type 
_pdbx_audit_revision_category.category 
1 4 'Structure model' chem_comp_atom                
2 4 'Structure model' chem_comp_bond                
3 4 'Structure model' database_2                    
4 4 'Structure model' pdbx_initial_refinement_model 
5 4 'Structure model' pdbx_struct_conn_angle        
6 4 'Structure model' pdbx_struct_special_symmetry  
7 4 'Structure model' struct_conn                   
8 4 'Structure model' struct_site                   
# 
loop_
_pdbx_audit_revision_item.ordinal 
_pdbx_audit_revision_item.revision_ordinal 
_pdbx_audit_revision_item.data_content_type 
_pdbx_audit_revision_item.item 
1  4 'Structure model' '_database_2.pdbx_DOI'                        
2  4 'Structure model' '_database_2.pdbx_database_accession'         
3  4 'Structure model' '_pdbx_struct_conn_angle.ptnr1_auth_comp_id'  
4  4 'Structure model' '_pdbx_struct_conn_angle.ptnr1_auth_seq_id'   
5  4 'Structure model' '_pdbx_struct_conn_angle.ptnr1_label_alt_id'  
6  4 'Structure model' '_pdbx_struct_conn_angle.ptnr1_label_asym_id' 
7  4 'Structure model' '_pdbx_struct_conn_angle.ptnr1_label_atom_id' 
8  4 'Structure model' '_pdbx_struct_conn_angle.ptnr1_label_comp_id' 
9  4 'Structure model' '_pdbx_struct_conn_angle.ptnr1_label_seq_id'  
10 4 'Structure model' '_pdbx_struct_conn_angle.ptnr2_auth_seq_id'   
11 4 'Structure model' '_pdbx_struct_conn_angle.ptnr2_label_asym_id' 
12 4 'Structure model' '_pdbx_struct_conn_angle.ptnr3_auth_comp_id'  
13 4 'Structure model' '_pdbx_struct_conn_angle.ptnr3_auth_seq_id'   
14 4 'Structure model' '_pdbx_struct_conn_angle.ptnr3_label_alt_id'  
15 4 'Structure model' '_pdbx_struct_conn_angle.ptnr3_label_asym_id' 
16 4 'Structure model' '_pdbx_struct_conn_angle.ptnr3_label_atom_id' 
17 4 'Structure model' '_pdbx_struct_conn_angle.ptnr3_label_comp_id' 
18 4 'Structure model' '_pdbx_struct_conn_angle.ptnr3_label_seq_id'  
19 4 'Structure model' '_pdbx_struct_conn_angle.value'               
20 4 'Structure model' '_struct_conn.pdbx_dist_value'                
21 4 'Structure model' '_struct_conn.pdbx_ptnr1_label_alt_id'        
22 4 'Structure model' '_struct_conn.ptnr1_auth_comp_id'             
23 4 'Structure model' '_struct_conn.ptnr1_auth_seq_id'              
24 4 'Structure model' '_struct_conn.ptnr1_label_asym_id'            
25 4 'Structure model' '_struct_conn.ptnr1_label_atom_id'            
26 4 'Structure model' '_struct_conn.ptnr1_label_comp_id'            
27 4 'Structure model' '_struct_conn.ptnr1_label_seq_id'             
28 4 'Structure model' '_struct_conn.ptnr2_auth_comp_id'             
29 4 'Structure model' '_struct_conn.ptnr2_auth_seq_id'              
30 4 'Structure model' '_struct_conn.ptnr2_label_asym_id'            
31 4 'Structure model' '_struct_conn.ptnr2_label_atom_id'            
32 4 'Structure model' '_struct_conn.ptnr2_label_comp_id'            
33 4 'Structure model' '_struct_site.pdbx_auth_asym_id'              
34 4 'Structure model' '_struct_site.pdbx_auth_comp_id'              
35 4 'Structure model' '_struct_site.pdbx_auth_seq_id'               
# 
_diffrn_reflns.av_R_equivalents   0.058 
_diffrn_reflns.number             472881 
_diffrn_reflns.diffrn_id          1 
# 
_pdbx_phasing_MR.entry_id                     3R2K 
_pdbx_phasing_MR.method_rotation              ? 
_pdbx_phasing_MR.method_translation           ? 
_pdbx_phasing_MR.model_details                ? 
_pdbx_phasing_MR.R_factor                     ? 
_pdbx_phasing_MR.R_rigid_body                 ? 
_pdbx_phasing_MR.correlation_coeff_Fo_to_Fc   ? 
_pdbx_phasing_MR.correlation_coeff_Io_to_Ic   ? 
_pdbx_phasing_MR.d_res_high_rotation          1.820 
_pdbx_phasing_MR.d_res_low_rotation           24.170 
_pdbx_phasing_MR.d_res_high_translation       1.820 
_pdbx_phasing_MR.d_res_low_translation        24.170 
_pdbx_phasing_MR.packing                      ? 
_pdbx_phasing_MR.reflns_percent_rotation      ? 
_pdbx_phasing_MR.reflns_percent_translation   ? 
_pdbx_phasing_MR.sigma_F_rotation             ? 
_pdbx_phasing_MR.sigma_F_translation          ? 
_pdbx_phasing_MR.sigma_I_rotation             ? 
_pdbx_phasing_MR.sigma_I_translation          ? 
# 
_phasing.method   MR 
# 
loop_
_software.pdbx_ordinal 
_software.name 
_software.version 
_software.date 
_software.type 
_software.contact_author 
_software.contact_author_email 
_software.classification 
_software.location 
_software.language 
_software.citation_id 
1 SCALEPACK   .       ?               program 'Zbyszek Otwinowski' hkl@hkl-xray.com         'data scaling'    
http://www.hkl-xray.com/                    ?          ? 
2 MOLREP      .       ?               program 'Alexei Vaguine'     alexei@ysbl.york.ac.uk   phasing           
http://www.ccp4.ac.uk/dist/html/molrep.html Fortran_77 ? 
3 PHENIX      dev_625 ?               package 'Paul D. Adams'      PDAdams@lbl.gov          refinement        
http://www.phenix-online.org/               C++        ? 
4 PDB_EXTRACT 3.10    'June 10, 2010' package PDB                  deposit@deposit.rcsb.org 'data extraction' 
http://sw-tools.pdb.org/apps/PDB_EXTRACT/   C++        ? 
5 XDS         .       ?               ?       ?                    ?                        'data reduction'  ? ?          ? 
# 
_cell_measurement.reflns_used   472881 
_cell_measurement.entry_id      3R2K 
# 
loop_
_chem_comp_atom.comp_id 
_chem_comp_atom.atom_id 
_chem_comp_atom.type_symbol 
_chem_comp_atom.pdbx_aromatic_flag 
_chem_comp_atom.pdbx_stereo_config 
_chem_comp_atom.pdbx_ordinal 
ALA N    N  N N 1   
ALA CA   C  N S 2   
ALA C    C  N N 3   
ALA O    O  N N 4   
ALA CB   C  N N 5   
ALA OXT  O  N N 6   
ALA H    H  N N 7   
ALA H2   H  N N 8   
ALA HA   H  N N 9   
ALA HB1  H  N N 10  
ALA HB2  H  N N 11  
ALA HB3  H  N N 12  
ALA HXT  H  N N 13  
ARG N    N  N N 14  
ARG CA   C  N S 15  
ARG C    C  N N 16  
ARG O    O  N N 17  
ARG CB   C  N N 18  
ARG CG   C  N N 19  
ARG CD   C  N N 20  
ARG NE   N  N N 21  
ARG CZ   C  N N 22  
ARG NH1  N  N N 23  
ARG NH2  N  N N 24  
ARG OXT  O  N N 25  
ARG H    H  N N 26  
ARG H2   H  N N 27  
ARG HA   H  N N 28  
ARG HB2  H  N N 29  
ARG HB3  H  N N 30  
ARG HG2  H  N N 31  
ARG HG3  H  N N 32  
ARG HD2  H  N N 33  
ARG HD3  H  N N 34  
ARG HE   H  N N 35  
ARG HH11 H  N N 36  
ARG HH12 H  N N 37  
ARG HH21 H  N N 38  
ARG HH22 H  N N 39  
ARG HXT  H  N N 40  
ASN N    N  N N 41  
ASN CA   C  N S 42  
ASN C    C  N N 43  
ASN O    O  N N 44  
ASN CB   C  N N 45  
ASN CG   C  N N 46  
ASN OD1  O  N N 47  
ASN ND2  N  N N 48  
ASN OXT  O  N N 49  
ASN H    H  N N 50  
ASN H2   H  N N 51  
ASN HA   H  N N 52  
ASN HB2  H  N N 53  
ASN HB3  H  N N 54  
ASN HD21 H  N N 55  
ASN HD22 H  N N 56  
ASN HXT  H  N N 57  
ASP N    N  N N 58  
ASP CA   C  N S 59  
ASP C    C  N N 60  
ASP O    O  N N 61  
ASP CB   C  N N 62  
ASP CG   C  N N 63  
ASP OD1  O  N N 64  
ASP OD2  O  N N 65  
ASP OXT  O  N N 66  
ASP H    H  N N 67  
ASP H2   H  N N 68  
ASP HA   H  N N 69  
ASP HB2  H  N N 70  
ASP HB3  H  N N 71  
ASP HD2  H  N N 72  
ASP HXT  H  N N 73  
CYS N    N  N N 74  
CYS CA   C  N R 75  
CYS C    C  N N 76  
CYS O    O  N N 77  
CYS CB   C  N N 78  
CYS SG   S  N N 79  
CYS OXT  O  N N 80  
CYS H    H  N N 81  
CYS H2   H  N N 82  
CYS HA   H  N N 83  
CYS HB2  H  N N 84  
CYS HB3  H  N N 85  
CYS HG   H  N N 86  
CYS HXT  H  N N 87  
GLN N    N  N N 88  
GLN CA   C  N S 89  
GLN C    C  N N 90  
GLN O    O  N N 91  
GLN CB   C  N N 92  
GLN CG   C  N N 93  
GLN CD   C  N N 94  
GLN OE1  O  N N 95  
GLN NE2  N  N N 96  
GLN OXT  O  N N 97  
GLN H    H  N N 98  
GLN H2   H  N N 99  
GLN HA   H  N N 100 
GLN HB2  H  N N 101 
GLN HB3  H  N N 102 
GLN HG2  H  N N 103 
GLN HG3  H  N N 104 
GLN HE21 H  N N 105 
GLN HE22 H  N N 106 
GLN HXT  H  N N 107 
GLU N    N  N N 108 
GLU CA   C  N S 109 
GLU C    C  N N 110 
GLU O    O  N N 111 
GLU CB   C  N N 112 
GLU CG   C  N N 113 
GLU CD   C  N N 114 
GLU OE1  O  N N 115 
GLU OE2  O  N N 116 
GLU OXT  O  N N 117 
GLU H    H  N N 118 
GLU H2   H  N N 119 
GLU HA   H  N N 120 
GLU HB2  H  N N 121 
GLU HB3  H  N N 122 
GLU HG2  H  N N 123 
GLU HG3  H  N N 124 
GLU HE2  H  N N 125 
GLU HXT  H  N N 126 
GLY N    N  N N 127 
GLY CA   C  N N 128 
GLY C    C  N N 129 
GLY O    O  N N 130 
GLY OXT  O  N N 131 
GLY H    H  N N 132 
GLY H2   H  N N 133 
GLY HA2  H  N N 134 
GLY HA3  H  N N 135 
GLY HXT  H  N N 136 
HIS N    N  N N 137 
HIS CA   C  N S 138 
HIS C    C  N N 139 
HIS O    O  N N 140 
HIS CB   C  N N 141 
HIS CG   C  Y N 142 
HIS ND1  N  Y N 143 
HIS CD2  C  Y N 144 
HIS CE1  C  Y N 145 
HIS NE2  N  Y N 146 
HIS OXT  O  N N 147 
HIS H    H  N N 148 
HIS H2   H  N N 149 
HIS HA   H  N N 150 
HIS HB2  H  N N 151 
HIS HB3  H  N N 152 
HIS HD1  H  N N 153 
HIS HD2  H  N N 154 
HIS HE1  H  N N 155 
HIS HE2  H  N N 156 
HIS HXT  H  N N 157 
HOH O    O  N N 158 
HOH H1   H  N N 159 
HOH H2   H  N N 160 
ILE N    N  N N 161 
ILE CA   C  N S 162 
ILE C    C  N N 163 
ILE O    O  N N 164 
ILE CB   C  N S 165 
ILE CG1  C  N N 166 
ILE CG2  C  N N 167 
ILE CD1  C  N N 168 
ILE OXT  O  N N 169 
ILE H    H  N N 170 
ILE H2   H  N N 171 
ILE HA   H  N N 172 
ILE HB   H  N N 173 
ILE HG12 H  N N 174 
ILE HG13 H  N N 175 
ILE HG21 H  N N 176 
ILE HG22 H  N N 177 
ILE HG23 H  N N 178 
ILE HD11 H  N N 179 
ILE HD12 H  N N 180 
ILE HD13 H  N N 181 
ILE HXT  H  N N 182 
LEU N    N  N N 183 
LEU CA   C  N S 184 
LEU C    C  N N 185 
LEU O    O  N N 186 
LEU CB   C  N N 187 
LEU CG   C  N N 188 
LEU CD1  C  N N 189 
LEU CD2  C  N N 190 
LEU OXT  O  N N 191 
LEU H    H  N N 192 
LEU H2   H  N N 193 
LEU HA   H  N N 194 
LEU HB2  H  N N 195 
LEU HB3  H  N N 196 
LEU HG   H  N N 197 
LEU HD11 H  N N 198 
LEU HD12 H  N N 199 
LEU HD13 H  N N 200 
LEU HD21 H  N N 201 
LEU HD22 H  N N 202 
LEU HD23 H  N N 203 
LEU HXT  H  N N 204 
LYS N    N  N N 205 
LYS CA   C  N S 206 
LYS C    C  N N 207 
LYS O    O  N N 208 
LYS CB   C  N N 209 
LYS CG   C  N N 210 
LYS CD   C  N N 211 
LYS CE   C  N N 212 
LYS NZ   N  N N 213 
LYS OXT  O  N N 214 
LYS H    H  N N 215 
LYS H2   H  N N 216 
LYS HA   H  N N 217 
LYS HB2  H  N N 218 
LYS HB3  H  N N 219 
LYS HG2  H  N N 220 
LYS HG3  H  N N 221 
LYS HD2  H  N N 222 
LYS HD3  H  N N 223 
LYS HE2  H  N N 224 
LYS HE3  H  N N 225 
LYS HZ1  H  N N 226 
LYS HZ2  H  N N 227 
LYS HZ3  H  N N 228 
LYS HXT  H  N N 229 
MET N    N  N N 230 
MET CA   C  N S 231 
MET C    C  N N 232 
MET O    O  N N 233 
MET CB   C  N N 234 
MET CG   C  N N 235 
MET SD   S  N N 236 
MET CE   C  N N 237 
MET OXT  O  N N 238 
MET H    H  N N 239 
MET H2   H  N N 240 
MET HA   H  N N 241 
MET HB2  H  N N 242 
MET HB3  H  N N 243 
MET HG2  H  N N 244 
MET HG3  H  N N 245 
MET HE1  H  N N 246 
MET HE2  H  N N 247 
MET HE3  H  N N 248 
MET HXT  H  N N 249 
NA  NA   NA N N 250 
PHE N    N  N N 251 
PHE CA   C  N S 252 
PHE C    C  N N 253 
PHE O    O  N N 254 
PHE CB   C  N N 255 
PHE CG   C  Y N 256 
PHE CD1  C  Y N 257 
PHE CD2  C  Y N 258 
PHE CE1  C  Y N 259 
PHE CE2  C  Y N 260 
PHE CZ   C  Y N 261 
PHE OXT  O  N N 262 
PHE H    H  N N 263 
PHE H2   H  N N 264 
PHE HA   H  N N 265 
PHE HB2  H  N N 266 
PHE HB3  H  N N 267 
PHE HD1  H  N N 268 
PHE HD2  H  N N 269 
PHE HE1  H  N N 270 
PHE HE2  H  N N 271 
PHE HZ   H  N N 272 
PHE HXT  H  N N 273 
PRO N    N  N N 274 
PRO CA   C  N S 275 
PRO C    C  N N 276 
PRO O    O  N N 277 
PRO CB   C  N N 278 
PRO CG   C  N N 279 
PRO CD   C  N N 280 
PRO OXT  O  N N 281 
PRO H    H  N N 282 
PRO HA   H  N N 283 
PRO HB2  H  N N 284 
PRO HB3  H  N N 285 
PRO HG2  H  N N 286 
PRO HG3  H  N N 287 
PRO HD2  H  N N 288 
PRO HD3  H  N N 289 
PRO HXT  H  N N 290 
SER N    N  N N 291 
SER CA   C  N S 292 
SER C    C  N N 293 
SER O    O  N N 294 
SER CB   C  N N 295 
SER OG   O  N N 296 
SER OXT  O  N N 297 
SER H    H  N N 298 
SER H2   H  N N 299 
SER HA   H  N N 300 
SER HB2  H  N N 301 
SER HB3  H  N N 302 
SER HG   H  N N 303 
SER HXT  H  N N 304 
THR N    N  N N 305 
THR CA   C  N S 306 
THR C    C  N N 307 
THR O    O  N N 308 
THR CB   C  N R 309 
THR OG1  O  N N 310 
THR CG2  C  N N 311 
THR OXT  O  N N 312 
THR H    H  N N 313 
THR H2   H  N N 314 
THR HA   H  N N 315 
THR HB   H  N N 316 
THR HG1  H  N N 317 
THR HG21 H  N N 318 
THR HG22 H  N N 319 
THR HG23 H  N N 320 
THR HXT  H  N N 321 
TRP N    N  N N 322 
TRP CA   C  N S 323 
TRP C    C  N N 324 
TRP O    O  N N 325 
TRP CB   C  N N 326 
TRP CG   C  Y N 327 
TRP CD1  C  Y N 328 
TRP CD2  C  Y N 329 
TRP NE1  N  Y N 330 
TRP CE2  C  Y N 331 
TRP CE3  C  Y N 332 
TRP CZ2  C  Y N 333 
TRP CZ3  C  Y N 334 
TRP CH2  C  Y N 335 
TRP OXT  O  N N 336 
TRP H    H  N N 337 
TRP H2   H  N N 338 
TRP HA   H  N N 339 
TRP HB2  H  N N 340 
TRP HB3  H  N N 341 
TRP HD1  H  N N 342 
TRP HE1  H  N N 343 
TRP HE3  H  N N 344 
TRP HZ2  H  N N 345 
TRP HZ3  H  N N 346 
TRP HH2  H  N N 347 
TRP HXT  H  N N 348 
TYR N    N  N N 349 
TYR CA   C  N S 350 
TYR C    C  N N 351 
TYR O    O  N N 352 
TYR CB   C  N N 353 
TYR CG   C  Y N 354 
TYR CD1  C  Y N 355 
TYR CD2  C  Y N 356 
TYR CE1  C  Y N 357 
TYR CE2  C  Y N 358 
TYR CZ   C  Y N 359 
TYR OH   O  N N 360 
TYR OXT  O  N N 361 
TYR H    H  N N 362 
TYR H2   H  N N 363 
TYR HA   H  N N 364 
TYR HB2  H  N N 365 
TYR HB3  H  N N 366 
TYR HD1  H  N N 367 
TYR HD2  H  N N 368 
TYR HE1  H  N N 369 
TYR HE2  H  N N 370 
TYR HH   H  N N 371 
TYR HXT  H  N N 372 
VAL N    N  N N 373 
VAL CA   C  N S 374 
VAL C    C  N N 375 
VAL O    O  N N 376 
VAL CB   C  N N 377 
VAL CG1  C  N N 378 
VAL CG2  C  N N 379 
VAL OXT  O  N N 380 
VAL H    H  N N 381 
VAL H2   H  N N 382 
VAL HA   H  N N 383 
VAL HB   H  N N 384 
VAL HG11 H  N N 385 
VAL HG12 H  N N 386 
VAL HG13 H  N N 387 
VAL HG21 H  N N 388 
VAL HG22 H  N N 389 
VAL HG23 H  N N 390 
VAL HXT  H  N N 391 
# 
loop_
_chem_comp_bond.comp_id 
_chem_comp_bond.atom_id_1 
_chem_comp_bond.atom_id_2 
_chem_comp_bond.value_order 
_chem_comp_bond.pdbx_aromatic_flag 
_chem_comp_bond.pdbx_stereo_config 
_chem_comp_bond.pdbx_ordinal 
ALA N   CA   sing N N 1   
ALA N   H    sing N N 2   
ALA N   H2   sing N N 3   
ALA CA  C    sing N N 4   
ALA CA  CB   sing N N 5   
ALA CA  HA   sing N N 6   
ALA C   O    doub N N 7   
ALA C   OXT  sing N N 8   
ALA CB  HB1  sing N N 9   
ALA CB  HB2  sing N N 10  
ALA CB  HB3  sing N N 11  
ALA OXT HXT  sing N N 12  
ARG N   CA   sing N N 13  
ARG N   H    sing N N 14  
ARG N   H2   sing N N 15  
ARG CA  C    sing N N 16  
ARG CA  CB   sing N N 17  
ARG CA  HA   sing N N 18  
ARG C   O    doub N N 19  
ARG C   OXT  sing N N 20  
ARG CB  CG   sing N N 21  
ARG CB  HB2  sing N N 22  
ARG CB  HB3  sing N N 23  
ARG CG  CD   sing N N 24  
ARG CG  HG2  sing N N 25  
ARG CG  HG3  sing N N 26  
ARG CD  NE   sing N N 27  
ARG CD  HD2  sing N N 28  
ARG CD  HD3  sing N N 29  
ARG NE  CZ   sing N N 30  
ARG NE  HE   sing N N 31  
ARG CZ  NH1  sing N N 32  
ARG CZ  NH2  doub N N 33  
ARG NH1 HH11 sing N N 34  
ARG NH1 HH12 sing N N 35  
ARG NH2 HH21 sing N N 36  
ARG NH2 HH22 sing N N 37  
ARG OXT HXT  sing N N 38  
ASN N   CA   sing N N 39  
ASN N   H    sing N N 40  
ASN N   H2   sing N N 41  
ASN CA  C    sing N N 42  
ASN CA  CB   sing N N 43  
ASN CA  HA   sing N N 44  
ASN C   O    doub N N 45  
ASN C   OXT  sing N N 46  
ASN CB  CG   sing N N 47  
ASN CB  HB2  sing N N 48  
ASN CB  HB3  sing N N 49  
ASN CG  OD1  doub N N 50  
ASN CG  ND2  sing N N 51  
ASN ND2 HD21 sing N N 52  
ASN ND2 HD22 sing N N 53  
ASN OXT HXT  sing N N 54  
ASP N   CA   sing N N 55  
ASP N   H    sing N N 56  
ASP N   H2   sing N N 57  
ASP CA  C    sing N N 58  
ASP CA  CB   sing N N 59  
ASP CA  HA   sing N N 60  
ASP C   O    doub N N 61  
ASP C   OXT  sing N N 62  
ASP CB  CG   sing N N 63  
ASP CB  HB2  sing N N 64  
ASP CB  HB3  sing N N 65  
ASP CG  OD1  doub N N 66  
ASP CG  OD2  sing N N 67  
ASP OD2 HD2  sing N N 68  
ASP OXT HXT  sing N N 69  
CYS N   CA   sing N N 70  
CYS N   H    sing N N 71  
CYS N   H2   sing N N 72  
CYS CA  C    sing N N 73  
CYS CA  CB   sing N N 74  
CYS CA  HA   sing N N 75  
CYS C   O    doub N N 76  
CYS C   OXT  sing N N 77  
CYS CB  SG   sing N N 78  
CYS CB  HB2  sing N N 79  
CYS CB  HB3  sing N N 80  
CYS SG  HG   sing N N 81  
CYS OXT HXT  sing N N 82  
GLN N   CA   sing N N 83  
GLN N   H    sing N N 84  
GLN N   H2   sing N N 85  
GLN CA  C    sing N N 86  
GLN CA  CB   sing N N 87  
GLN CA  HA   sing N N 88  
GLN C   O    doub N N 89  
GLN C   OXT  sing N N 90  
GLN CB  CG   sing N N 91  
GLN CB  HB2  sing N N 92  
GLN CB  HB3  sing N N 93  
GLN CG  CD   sing N N 94  
GLN CG  HG2  sing N N 95  
GLN CG  HG3  sing N N 96  
GLN CD  OE1  doub N N 97  
GLN CD  NE2  sing N N 98  
GLN NE2 HE21 sing N N 99  
GLN NE2 HE22 sing N N 100 
GLN OXT HXT  sing N N 101 
GLU N   CA   sing N N 102 
GLU N   H    sing N N 103 
GLU N   H2   sing N N 104 
GLU CA  C    sing N N 105 
GLU CA  CB   sing N N 106 
GLU CA  HA   sing N N 107 
GLU C   O    doub N N 108 
GLU C   OXT  sing N N 109 
GLU CB  CG   sing N N 110 
GLU CB  HB2  sing N N 111 
GLU CB  HB3  sing N N 112 
GLU CG  CD   sing N N 113 
GLU CG  HG2  sing N N 114 
GLU CG  HG3  sing N N 115 
GLU CD  OE1  doub N N 116 
GLU CD  OE2  sing N N 117 
GLU OE2 HE2  sing N N 118 
GLU OXT HXT  sing N N 119 
GLY N   CA   sing N N 120 
GLY N   H    sing N N 121 
GLY N   H2   sing N N 122 
GLY CA  C    sing N N 123 
GLY CA  HA2  sing N N 124 
GLY CA  HA3  sing N N 125 
GLY C   O    doub N N 126 
GLY C   OXT  sing N N 127 
GLY OXT HXT  sing N N 128 
HIS N   CA   sing N N 129 
HIS N   H    sing N N 130 
HIS N   H2   sing N N 131 
HIS CA  C    sing N N 132 
HIS CA  CB   sing N N 133 
HIS CA  HA   sing N N 134 
HIS C   O    doub N N 135 
HIS C   OXT  sing N N 136 
HIS CB  CG   sing N N 137 
HIS CB  HB2  sing N N 138 
HIS CB  HB3  sing N N 139 
HIS CG  ND1  sing Y N 140 
HIS CG  CD2  doub Y N 141 
HIS ND1 CE1  doub Y N 142 
HIS ND1 HD1  sing N N 143 
HIS CD2 NE2  sing Y N 144 
HIS CD2 HD2  sing N N 145 
HIS CE1 NE2  sing Y N 146 
HIS CE1 HE1  sing N N 147 
HIS NE2 HE2  sing N N 148 
HIS OXT HXT  sing N N 149 
HOH O   H1   sing N N 150 
HOH O   H2   sing N N 151 
ILE N   CA   sing N N 152 
ILE N   H    sing N N 153 
ILE N   H2   sing N N 154 
ILE CA  C    sing N N 155 
ILE CA  CB   sing N N 156 
ILE CA  HA   sing N N 157 
ILE C   O    doub N N 158 
ILE C   OXT  sing N N 159 
ILE CB  CG1  sing N N 160 
ILE CB  CG2  sing N N 161 
ILE CB  HB   sing N N 162 
ILE CG1 CD1  sing N N 163 
ILE CG1 HG12 sing N N 164 
ILE CG1 HG13 sing N N 165 
ILE CG2 HG21 sing N N 166 
ILE CG2 HG22 sing N N 167 
ILE CG2 HG23 sing N N 168 
ILE CD1 HD11 sing N N 169 
ILE CD1 HD12 sing N N 170 
ILE CD1 HD13 sing N N 171 
ILE OXT HXT  sing N N 172 
LEU N   CA   sing N N 173 
LEU N   H    sing N N 174 
LEU N   H2   sing N N 175 
LEU CA  C    sing N N 176 
LEU CA  CB   sing N N 177 
LEU CA  HA   sing N N 178 
LEU C   O    doub N N 179 
LEU C   OXT  sing N N 180 
LEU CB  CG   sing N N 181 
LEU CB  HB2  sing N N 182 
LEU CB  HB3  sing N N 183 
LEU CG  CD1  sing N N 184 
LEU CG  CD2  sing N N 185 
LEU CG  HG   sing N N 186 
LEU CD1 HD11 sing N N 187 
LEU CD1 HD12 sing N N 188 
LEU CD1 HD13 sing N N 189 
LEU CD2 HD21 sing N N 190 
LEU CD2 HD22 sing N N 191 
LEU CD2 HD23 sing N N 192 
LEU OXT HXT  sing N N 193 
LYS N   CA   sing N N 194 
LYS N   H    sing N N 195 
LYS N   H2   sing N N 196 
LYS CA  C    sing N N 197 
LYS CA  CB   sing N N 198 
LYS CA  HA   sing N N 199 
LYS C   O    doub N N 200 
LYS C   OXT  sing N N 201 
LYS CB  CG   sing N N 202 
LYS CB  HB2  sing N N 203 
LYS CB  HB3  sing N N 204 
LYS CG  CD   sing N N 205 
LYS CG  HG2  sing N N 206 
LYS CG  HG3  sing N N 207 
LYS CD  CE   sing N N 208 
LYS CD  HD2  sing N N 209 
LYS CD  HD3  sing N N 210 
LYS CE  NZ   sing N N 211 
LYS CE  HE2  sing N N 212 
LYS CE  HE3  sing N N 213 
LYS NZ  HZ1  sing N N 214 
LYS NZ  HZ2  sing N N 215 
LYS NZ  HZ3  sing N N 216 
LYS OXT HXT  sing N N 217 
MET N   CA   sing N N 218 
MET N   H    sing N N 219 
MET N   H2   sing N N 220 
MET CA  C    sing N N 221 
MET CA  CB   sing N N 222 
MET CA  HA   sing N N 223 
MET C   O    doub N N 224 
MET C   OXT  sing N N 225 
MET CB  CG   sing N N 226 
MET CB  HB2  sing N N 227 
MET CB  HB3  sing N N 228 
MET CG  SD   sing N N 229 
MET CG  HG2  sing N N 230 
MET CG  HG3  sing N N 231 
MET SD  CE   sing N N 232 
MET CE  HE1  sing N N 233 
MET CE  HE2  sing N N 234 
MET CE  HE3  sing N N 235 
MET OXT HXT  sing N N 236 
PHE N   CA   sing N N 237 
PHE N   H    sing N N 238 
PHE N   H2   sing N N 239 
PHE CA  C    sing N N 240 
PHE CA  CB   sing N N 241 
PHE CA  HA   sing N N 242 
PHE C   O    doub N N 243 
PHE C   OXT  sing N N 244 
PHE CB  CG   sing N N 245 
PHE CB  HB2  sing N N 246 
PHE CB  HB3  sing N N 247 
PHE CG  CD1  doub Y N 248 
PHE CG  CD2  sing Y N 249 
PHE CD1 CE1  sing Y N 250 
PHE CD1 HD1  sing N N 251 
PHE CD2 CE2  doub Y N 252 
PHE CD2 HD2  sing N N 253 
PHE CE1 CZ   doub Y N 254 
PHE CE1 HE1  sing N N 255 
PHE CE2 CZ   sing Y N 256 
PHE CE2 HE2  sing N N 257 
PHE CZ  HZ   sing N N 258 
PHE OXT HXT  sing N N 259 
PRO N   CA   sing N N 260 
PRO N   CD   sing N N 261 
PRO N   H    sing N N 262 
PRO CA  C    sing N N 263 
PRO CA  CB   sing N N 264 
PRO CA  HA   sing N N 265 
PRO C   O    doub N N 266 
PRO C   OXT  sing N N 267 
PRO CB  CG   sing N N 268 
PRO CB  HB2  sing N N 269 
PRO CB  HB3  sing N N 270 
PRO CG  CD   sing N N 271 
PRO CG  HG2  sing N N 272 
PRO CG  HG3  sing N N 273 
PRO CD  HD2  sing N N 274 
PRO CD  HD3  sing N N 275 
PRO OXT HXT  sing N N 276 
SER N   CA   sing N N 277 
SER N   H    sing N N 278 
SER N   H2   sing N N 279 
SER CA  C    sing N N 280 
SER CA  CB   sing N N 281 
SER CA  HA   sing N N 282 
SER C   O    doub N N 283 
SER C   OXT  sing N N 284 
SER CB  OG   sing N N 285 
SER CB  HB2  sing N N 286 
SER CB  HB3  sing N N 287 
SER OG  HG   sing N N 288 
SER OXT HXT  sing N N 289 
THR N   CA   sing N N 290 
THR N   H    sing N N 291 
THR N   H2   sing N N 292 
THR CA  C    sing N N 293 
THR CA  CB   sing N N 294 
THR CA  HA   sing N N 295 
THR C   O    doub N N 296 
THR C   OXT  sing N N 297 
THR CB  OG1  sing N N 298 
THR CB  CG2  sing N N 299 
THR CB  HB   sing N N 300 
THR OG1 HG1  sing N N 301 
THR CG2 HG21 sing N N 302 
THR CG2 HG22 sing N N 303 
THR CG2 HG23 sing N N 304 
THR OXT HXT  sing N N 305 
TRP N   CA   sing N N 306 
TRP N   H    sing N N 307 
TRP N   H2   sing N N 308 
TRP CA  C    sing N N 309 
TRP CA  CB   sing N N 310 
TRP CA  HA   sing N N 311 
TRP C   O    doub N N 312 
TRP C   OXT  sing N N 313 
TRP CB  CG   sing N N 314 
TRP CB  HB2  sing N N 315 
TRP CB  HB3  sing N N 316 
TRP CG  CD1  doub Y N 317 
TRP CG  CD2  sing Y N 318 
TRP CD1 NE1  sing Y N 319 
TRP CD1 HD1  sing N N 320 
TRP CD2 CE2  doub Y N 321 
TRP CD2 CE3  sing Y N 322 
TRP NE1 CE2  sing Y N 323 
TRP NE1 HE1  sing N N 324 
TRP CE2 CZ2  sing Y N 325 
TRP CE3 CZ3  doub Y N 326 
TRP CE3 HE3  sing N N 327 
TRP CZ2 CH2  doub Y N 328 
TRP CZ2 HZ2  sing N N 329 
TRP CZ3 CH2  sing Y N 330 
TRP CZ3 HZ3  sing N N 331 
TRP CH2 HH2  sing N N 332 
TRP OXT HXT  sing N N 333 
TYR N   CA   sing N N 334 
TYR N   H    sing N N 335 
TYR N   H2   sing N N 336 
TYR CA  C    sing N N 337 
TYR CA  CB   sing N N 338 
TYR CA  HA   sing N N 339 
TYR C   O    doub N N 340 
TYR C   OXT  sing N N 341 
TYR CB  CG   sing N N 342 
TYR CB  HB2  sing N N 343 
TYR CB  HB3  sing N N 344 
TYR CG  CD1  doub Y N 345 
TYR CG  CD2  sing Y N 346 
TYR CD1 CE1  sing Y N 347 
TYR CD1 HD1  sing N N 348 
TYR CD2 CE2  doub Y N 349 
TYR CD2 HD2  sing N N 350 
TYR CE1 CZ   doub Y N 351 
TYR CE1 HE1  sing N N 352 
TYR CE2 CZ   sing Y N 353 
TYR CE2 HE2  sing N N 354 
TYR CZ  OH   sing N N 355 
TYR OH  HH   sing N N 356 
TYR OXT HXT  sing N N 357 
VAL N   CA   sing N N 358 
VAL N   H    sing N N 359 
VAL N   H2   sing N N 360 
VAL CA  C    sing N N 361 
VAL CA  CB   sing N N 362 
VAL CA  HA   sing N N 363 
VAL C   O    doub N N 364 
VAL C   OXT  sing N N 365 
VAL CB  CG1  sing N N 366 
VAL CB  CG2  sing N N 367 
VAL CB  HB   sing N N 368 
VAL CG1 HG11 sing N N 369 
VAL CG1 HG12 sing N N 370 
VAL CG1 HG13 sing N N 371 
VAL CG2 HG21 sing N N 372 
VAL CG2 HG22 sing N N 373 
VAL CG2 HG23 sing N N 374 
VAL OXT HXT  sing N N 375 
# 
loop_
_pdbx_entity_nonpoly.entity_id 
_pdbx_entity_nonpoly.name 
_pdbx_entity_nonpoly.comp_id 
2 'SODIUM ION' NA  
3 water        HOH 
# 
_pdbx_initial_refinement_model.id               1 
_pdbx_initial_refinement_model.entity_id_list   ? 
_pdbx_initial_refinement_model.type             'experimental model' 
_pdbx_initial_refinement_model.source_name      PDB 
_pdbx_initial_refinement_model.accession_code   3R2H 
_pdbx_initial_refinement_model.details          'pdb entry 3R2H' 
# 
